data_5ZEM
# 
_entry.id   5ZEM 
# 
_audit_conform.dict_name       mmcif_pdbx.dic 
_audit_conform.dict_version    5.380 
_audit_conform.dict_location   http://mmcif.pdb.org/dictionaries/ascii/mmcif_pdbx.dic 
# 
loop_
_database_2.database_id 
_database_2.database_code 
_database_2.pdbx_database_accession 
_database_2.pdbx_DOI 
PDB   5ZEM         pdb_00005zem 10.2210/pdb5zem/pdb 
WWPDB D_1300006934 ?            ?                   
# 
_pdbx_database_PDB_obs_spr.id               SPRSDE 
_pdbx_database_PDB_obs_spr.date             2018-03-21 
_pdbx_database_PDB_obs_spr.pdb_id           5ZEM 
_pdbx_database_PDB_obs_spr.replace_pdb_id   4WCS 
_pdbx_database_PDB_obs_spr.details          ? 
# 
_pdbx_database_status.status_code                     REL 
_pdbx_database_status.status_code_sf                  REL 
_pdbx_database_status.status_code_mr                  ? 
_pdbx_database_status.entry_id                        5ZEM 
_pdbx_database_status.recvd_initial_deposition_date   2018-02-27 
_pdbx_database_status.SG_entry                        N 
_pdbx_database_status.deposit_site                    PDBJ 
_pdbx_database_status.process_site                    PDBJ 
_pdbx_database_status.status_code_cs                  ? 
_pdbx_database_status.methods_development_category    ? 
_pdbx_database_status.pdb_format_compatible           Y 
_pdbx_database_status.status_code_nmr_data            ? 
# 
loop_
_audit_author.name 
_audit_author.pdbx_ordinal 
_audit_author.identifier_ORCID 
'Kanazawa, H.' 1 ? 
'Baba, F.'     2 ? 
'Koganei, M.'  3 ? 
'Kondo, J.'    4 ? 
# 
_citation.abstract                  ? 
_citation.abstract_id_CAS           ? 
_citation.book_id_ISBN              ? 
_citation.book_publisher            ? 
_citation.book_publisher_city       ? 
_citation.book_title                ? 
_citation.coordinate_linkage        ? 
_citation.country                   UK 
_citation.database_id_Medline       ? 
_citation.details                   ? 
_citation.id                        primary 
_citation.journal_abbrev            'Nucleic Acids Res.' 
_citation.journal_id_ASTM           NARHAD 
_citation.journal_id_CSD            0389 
_citation.journal_id_ISSN           1362-4962 
_citation.journal_full              ? 
_citation.journal_issue             ? 
_citation.journal_volume            45 
_citation.language                  ? 
_citation.page_first                12529 
_citation.page_last                 12535 
_citation.title                     
'A structural basis for the antibiotic resistance conferred by an N1-methylation of A1408 in 16S rRNA.' 
_citation.year                      2017 
_citation.database_id_CSD           ? 
_citation.pdbx_database_id_DOI      10.1093/nar/gkx882 
_citation.pdbx_database_id_PubMed   29036479 
_citation.unpublished_flag          ? 
# 
loop_
_citation_author.citation_id 
_citation_author.name 
_citation_author.ordinal 
_citation_author.identifier_ORCID 
primary 'Kanazawa, H.' 1 ? 
primary 'Baba, F.'     2 ? 
primary 'Koganei, M.'  3 ? 
primary 'Kondo, J.'    4 ? 
# 
_cell.angle_alpha                  90.000 
_cell.angle_alpha_esd              ? 
_cell.angle_beta                   90.000 
_cell.angle_beta_esd               ? 
_cell.angle_gamma                  90.000 
_cell.angle_gamma_esd              ? 
_cell.entry_id                     5ZEM 
_cell.details                      ? 
_cell.formula_units_Z              ? 
_cell.length_a                     32.584 
_cell.length_a_esd                 ? 
_cell.length_b                     91.995 
_cell.length_b_esd                 ? 
_cell.length_c                     47.695 
_cell.length_c_esd                 ? 
_cell.volume                       ? 
_cell.volume_esd                   ? 
_cell.Z_PDB                        8 
_cell.reciprocal_angle_alpha       ? 
_cell.reciprocal_angle_beta        ? 
_cell.reciprocal_angle_gamma       ? 
_cell.reciprocal_angle_alpha_esd   ? 
_cell.reciprocal_angle_beta_esd    ? 
_cell.reciprocal_angle_gamma_esd   ? 
_cell.reciprocal_length_a          ? 
_cell.reciprocal_length_b          ? 
_cell.reciprocal_length_c          ? 
_cell.reciprocal_length_a_esd      ? 
_cell.reciprocal_length_b_esd      ? 
_cell.reciprocal_length_c_esd      ? 
_cell.pdbx_unique_axis             ? 
# 
_symmetry.entry_id                         5ZEM 
_symmetry.cell_setting                     ? 
_symmetry.Int_Tables_number                18 
_symmetry.space_group_name_Hall            ? 
_symmetry.space_group_name_H-M             'P 21 21 2' 
_symmetry.pdbx_full_space_group_name_H-M   ? 
# 
loop_
_entity.id 
_entity.type 
_entity.src_method 
_entity.pdbx_description 
_entity.formula_weight 
_entity.pdbx_number_of_molecules 
_entity.pdbx_ec 
_entity.pdbx_mutation 
_entity.pdbx_fragment 
_entity.details 
1 polymer syn 
;RNA (5'-R(P*UP*GP*CP*GP*UP*CP*(1MA)P*CP*GP*UP*CP*GP*AP*CP*GP*AP*AP*GP*UP*CP*GP*C)-3')
;
7063.270 2  ? ? ? ? 
2 water   nat water                                                                                   18.015   19 ? ? ? ? 
# 
_entity_poly.entity_id                      1 
_entity_poly.type                           polyribonucleotide 
_entity_poly.nstd_linkage                   no 
_entity_poly.nstd_monomer                   yes 
_entity_poly.pdbx_seq_one_letter_code       'UGCGUC(1MA)CGUCGACGAAGUCGC' 
_entity_poly.pdbx_seq_one_letter_code_can   UGCGUCACGUCGACGAAGUCGC 
_entity_poly.pdbx_strand_id                 A,B 
_entity_poly.pdbx_target_identifier         ? 
# 
loop_
_entity_poly_seq.entity_id 
_entity_poly_seq.num 
_entity_poly_seq.mon_id 
_entity_poly_seq.hetero 
1 1  U   n 
1 2  G   n 
1 3  C   n 
1 4  G   n 
1 5  U   n 
1 6  C   n 
1 7  1MA n 
1 8  C   n 
1 9  G   n 
1 10 U   n 
1 11 C   n 
1 12 G   n 
1 13 A   n 
1 14 C   n 
1 15 G   n 
1 16 A   n 
1 17 A   n 
1 18 G   n 
1 19 U   n 
1 20 C   n 
1 21 G   n 
1 22 C   n 
# 
_pdbx_entity_src_syn.entity_id              1 
_pdbx_entity_src_syn.pdbx_src_id            1 
_pdbx_entity_src_syn.pdbx_alt_source_flag   sample 
_pdbx_entity_src_syn.pdbx_beg_seq_num       1 
_pdbx_entity_src_syn.pdbx_end_seq_num       22 
_pdbx_entity_src_syn.organism_scientific    'synthetic construct' 
_pdbx_entity_src_syn.organism_common_name   ? 
_pdbx_entity_src_syn.ncbi_taxonomy_id       32630 
_pdbx_entity_src_syn.details                ? 
# 
_struct_ref.id                         1 
_struct_ref.db_name                    PDB 
_struct_ref.db_code                    5ZEM 
_struct_ref.pdbx_db_accession          5ZEM 
_struct_ref.pdbx_db_isoform            ? 
_struct_ref.entity_id                  1 
_struct_ref.pdbx_seq_one_letter_code   ? 
_struct_ref.pdbx_align_begin           1 
# 
loop_
_struct_ref_seq.align_id 
_struct_ref_seq.ref_id 
_struct_ref_seq.pdbx_PDB_id_code 
_struct_ref_seq.pdbx_strand_id 
_struct_ref_seq.seq_align_beg 
_struct_ref_seq.pdbx_seq_align_beg_ins_code 
_struct_ref_seq.seq_align_end 
_struct_ref_seq.pdbx_seq_align_end_ins_code 
_struct_ref_seq.pdbx_db_accession 
_struct_ref_seq.db_align_beg 
_struct_ref_seq.pdbx_db_align_beg_ins_code 
_struct_ref_seq.db_align_end 
_struct_ref_seq.pdbx_db_align_end_ins_code 
_struct_ref_seq.pdbx_auth_seq_align_beg 
_struct_ref_seq.pdbx_auth_seq_align_end 
1 1 5ZEM A 1 ? 22 ? 5ZEM 2  ? 23 ? 2  23 
2 1 5ZEM B 1 ? 22 ? 5ZEM 25 ? 46 ? 25 46 
# 
loop_
_chem_comp.id 
_chem_comp.type 
_chem_comp.mon_nstd_flag 
_chem_comp.name 
_chem_comp.pdbx_synonyms 
_chem_comp.formula 
_chem_comp.formula_weight 
1MA 'RNA linking' n "6-HYDRO-1-METHYLADENOSINE-5'-MONOPHOSPHATE" ? 'C11 H16 N5 O7 P' 361.248 
A   'RNA linking' y "ADENOSINE-5'-MONOPHOSPHATE"                 ? 'C10 H14 N5 O7 P' 347.221 
C   'RNA linking' y "CYTIDINE-5'-MONOPHOSPHATE"                  ? 'C9 H14 N3 O8 P'  323.197 
G   'RNA linking' y "GUANOSINE-5'-MONOPHOSPHATE"                 ? 'C10 H14 N5 O8 P' 363.221 
HOH non-polymer   . WATER                                        ? 'H2 O'            18.015  
U   'RNA linking' y "URIDINE-5'-MONOPHOSPHATE"                   ? 'C9 H13 N2 O9 P'  324.181 
# 
_exptl.absorpt_coefficient_mu     ? 
_exptl.absorpt_correction_T_max   ? 
_exptl.absorpt_correction_T_min   ? 
_exptl.absorpt_correction_type    ? 
_exptl.absorpt_process_details    ? 
_exptl.entry_id                   5ZEM 
_exptl.crystals_number            1 
_exptl.details                    ? 
_exptl.method                     'X-RAY DIFFRACTION' 
_exptl.method_details             ? 
# 
_exptl_crystal.colour                      ? 
_exptl_crystal.density_diffrn              ? 
_exptl_crystal.density_Matthews            2.59 
_exptl_crystal.density_method              ? 
_exptl_crystal.density_percent_sol         52.44 
_exptl_crystal.description                 ? 
_exptl_crystal.F_000                       ? 
_exptl_crystal.id                          1 
_exptl_crystal.preparation                 ? 
_exptl_crystal.size_max                    ? 
_exptl_crystal.size_mid                    ? 
_exptl_crystal.size_min                    ? 
_exptl_crystal.size_rad                    ? 
_exptl_crystal.colour_lustre               ? 
_exptl_crystal.colour_modifier             ? 
_exptl_crystal.colour_primary              ? 
_exptl_crystal.density_meas                ? 
_exptl_crystal.density_meas_esd            ? 
_exptl_crystal.density_meas_gt             ? 
_exptl_crystal.density_meas_lt             ? 
_exptl_crystal.density_meas_temp           ? 
_exptl_crystal.density_meas_temp_esd       ? 
_exptl_crystal.density_meas_temp_gt        ? 
_exptl_crystal.density_meas_temp_lt        ? 
_exptl_crystal.pdbx_crystal_image_url      ? 
_exptl_crystal.pdbx_crystal_image_format   ? 
_exptl_crystal.pdbx_mosaicity              ? 
_exptl_crystal.pdbx_mosaicity_esd          ? 
# 
_exptl_crystal_grow.apparatus       ? 
_exptl_crystal_grow.atmosphere      ? 
_exptl_crystal_grow.crystal_id      1 
_exptl_crystal_grow.details         ? 
_exptl_crystal_grow.method          'VAPOR DIFFUSION, HANGING DROP' 
_exptl_crystal_grow.method_ref      ? 
_exptl_crystal_grow.pH              7.0 
_exptl_crystal_grow.pressure        ? 
_exptl_crystal_grow.pressure_esd    ? 
_exptl_crystal_grow.seeding         ? 
_exptl_crystal_grow.seeding_ref     ? 
_exptl_crystal_grow.temp            293 
_exptl_crystal_grow.temp_details    ? 
_exptl_crystal_grow.temp_esd        ? 
_exptl_crystal_grow.time            ? 
_exptl_crystal_grow.pdbx_details    'Sodium cacodylate, spermine, MPD, Potassium chloride' 
_exptl_crystal_grow.pdbx_pH_range   ? 
# 
_diffrn.ambient_environment    ? 
_diffrn.ambient_temp           100 
_diffrn.ambient_temp_details   ? 
_diffrn.ambient_temp_esd       ? 
_diffrn.crystal_id             1 
_diffrn.crystal_support        ? 
_diffrn.crystal_treatment      ? 
_diffrn.details                ? 
_diffrn.id                     1 
_diffrn.ambient_pressure       ? 
_diffrn.ambient_pressure_esd   ? 
_diffrn.ambient_pressure_gt    ? 
_diffrn.ambient_pressure_lt    ? 
_diffrn.ambient_temp_gt        ? 
_diffrn.ambient_temp_lt        ? 
# 
_diffrn_detector.details                      ? 
_diffrn_detector.detector                     CCD 
_diffrn_detector.diffrn_id                    1 
_diffrn_detector.type                         'ADSC QUANTUM 210r' 
_diffrn_detector.area_resol_mean              ? 
_diffrn_detector.dtime                        ? 
_diffrn_detector.pdbx_frames_total            ? 
_diffrn_detector.pdbx_collection_time_total   ? 
_diffrn_detector.pdbx_collection_date         2013-10-27 
# 
_diffrn_radiation.collimation                      ? 
_diffrn_radiation.diffrn_id                        1 
_diffrn_radiation.filter_edge                      ? 
_diffrn_radiation.inhomogeneity                    ? 
_diffrn_radiation.monochromator                    ? 
_diffrn_radiation.polarisn_norm                    ? 
_diffrn_radiation.polarisn_ratio                   ? 
_diffrn_radiation.probe                            ? 
_diffrn_radiation.type                             ? 
_diffrn_radiation.xray_symbol                      ? 
_diffrn_radiation.wavelength_id                    1 
_diffrn_radiation.pdbx_monochromatic_or_laue_m_l   M 
_diffrn_radiation.pdbx_wavelength_list             ? 
_diffrn_radiation.pdbx_wavelength                  ? 
_diffrn_radiation.pdbx_diffrn_protocol             'SINGLE WAVELENGTH' 
_diffrn_radiation.pdbx_analyzer                    ? 
_diffrn_radiation.pdbx_scattering_type             x-ray 
# 
_diffrn_radiation_wavelength.id           1 
_diffrn_radiation_wavelength.wavelength   1.0 
_diffrn_radiation_wavelength.wt           1.0 
# 
_diffrn_source.current                     ? 
_diffrn_source.details                     ? 
_diffrn_source.diffrn_id                   1 
_diffrn_source.power                       ? 
_diffrn_source.size                        ? 
_diffrn_source.source                      SYNCHROTRON 
_diffrn_source.target                      ? 
_diffrn_source.type                        'PHOTON FACTORY BEAMLINE BL-5A' 
_diffrn_source.voltage                     ? 
_diffrn_source.take-off_angle              ? 
_diffrn_source.pdbx_wavelength_list        1.0 
_diffrn_source.pdbx_wavelength             ? 
_diffrn_source.pdbx_synchrotron_beamline   BL-5A 
_diffrn_source.pdbx_synchrotron_site       'Photon Factory' 
# 
_reflns.B_iso_Wilson_estimate            ? 
_reflns.entry_id                         5ZEM 
_reflns.data_reduction_details           ? 
_reflns.data_reduction_method            ? 
_reflns.d_resolution_high                3.1 
_reflns.d_resolution_low                 42.3 
_reflns.details                          ? 
_reflns.limit_h_max                      ? 
_reflns.limit_h_min                      ? 
_reflns.limit_k_max                      ? 
_reflns.limit_k_min                      ? 
_reflns.limit_l_max                      ? 
_reflns.limit_l_min                      ? 
_reflns.number_all                       ? 
_reflns.number_obs                       2851 
_reflns.observed_criterion               ? 
_reflns.observed_criterion_F_max         ? 
_reflns.observed_criterion_F_min         ? 
_reflns.observed_criterion_I_max         ? 
_reflns.observed_criterion_I_min         ? 
_reflns.observed_criterion_sigma_F       ? 
_reflns.observed_criterion_sigma_I       ? 
_reflns.percent_possible_obs             99.3 
_reflns.R_free_details                   ? 
_reflns.Rmerge_F_all                     ? 
_reflns.Rmerge_F_obs                     ? 
_reflns.Friedel_coverage                 ? 
_reflns.number_gt                        ? 
_reflns.threshold_expression             ? 
_reflns.pdbx_redundancy                  6.3 
_reflns.pdbx_Rmerge_I_obs                0.068 
_reflns.pdbx_Rmerge_I_all                ? 
_reflns.pdbx_Rsym_value                  ? 
_reflns.pdbx_netI_over_av_sigmaI         ? 
_reflns.pdbx_netI_over_sigmaI            13.0 
_reflns.pdbx_res_netI_over_av_sigmaI_2   ? 
_reflns.pdbx_res_netI_over_sigmaI_2      ? 
_reflns.pdbx_chi_squared                 ? 
_reflns.pdbx_scaling_rejects             ? 
_reflns.pdbx_d_res_high_opt              ? 
_reflns.pdbx_d_res_low_opt               ? 
_reflns.pdbx_d_res_opt_method            ? 
_reflns.phase_calculation_details        ? 
_reflns.pdbx_Rrim_I_all                  ? 
_reflns.pdbx_Rpim_I_all                  ? 
_reflns.pdbx_d_opt                       ? 
_reflns.pdbx_number_measured_all         ? 
_reflns.pdbx_diffrn_id                   1 
_reflns.pdbx_ordinal                     1 
_reflns.pdbx_CC_half                     ? 
_reflns.pdbx_R_split                     ? 
# 
_reflns_shell.d_res_high                  3.1 
_reflns_shell.d_res_low                   3.2 
_reflns_shell.meanI_over_sigI_all         ? 
_reflns_shell.meanI_over_sigI_obs         ? 
_reflns_shell.number_measured_all         ? 
_reflns_shell.number_measured_obs         ? 
_reflns_shell.number_possible             ? 
_reflns_shell.number_unique_all           ? 
_reflns_shell.number_unique_obs           ? 
_reflns_shell.percent_possible_all        ? 
_reflns_shell.percent_possible_obs        ? 
_reflns_shell.Rmerge_F_all                ? 
_reflns_shell.Rmerge_F_obs                ? 
_reflns_shell.Rmerge_I_all                ? 
_reflns_shell.Rmerge_I_obs                0.284 
_reflns_shell.meanI_over_sigI_gt          ? 
_reflns_shell.meanI_over_uI_all           ? 
_reflns_shell.meanI_over_uI_gt            ? 
_reflns_shell.number_measured_gt          ? 
_reflns_shell.number_unique_gt            ? 
_reflns_shell.percent_possible_gt         ? 
_reflns_shell.Rmerge_F_gt                 ? 
_reflns_shell.Rmerge_I_gt                 ? 
_reflns_shell.pdbx_redundancy             ? 
_reflns_shell.pdbx_Rsym_value             ? 
_reflns_shell.pdbx_chi_squared            ? 
_reflns_shell.pdbx_netI_over_sigmaI_all   ? 
_reflns_shell.pdbx_netI_over_sigmaI_obs   ? 
_reflns_shell.pdbx_Rrim_I_all             ? 
_reflns_shell.pdbx_Rpim_I_all             ? 
_reflns_shell.pdbx_rejects                ? 
_reflns_shell.pdbx_ordinal                1 
_reflns_shell.pdbx_diffrn_id              1 
_reflns_shell.pdbx_CC_half                ? 
_reflns_shell.pdbx_R_split                ? 
# 
_refine.aniso_B[1][1]                            ? 
_refine.aniso_B[1][2]                            ? 
_refine.aniso_B[1][3]                            ? 
_refine.aniso_B[2][2]                            ? 
_refine.aniso_B[2][3]                            ? 
_refine.aniso_B[3][3]                            ? 
_refine.B_iso_max                                258.830 
_refine.B_iso_mean                               107.8300 
_refine.B_iso_min                                75.210 
_refine.correlation_coeff_Fo_to_Fc               ? 
_refine.correlation_coeff_Fo_to_Fc_free          ? 
_refine.details                                  ? 
_refine.diff_density_max                         ? 
_refine.diff_density_max_esd                     ? 
_refine.diff_density_min                         ? 
_refine.diff_density_min_esd                     ? 
_refine.diff_density_rms                         ? 
_refine.diff_density_rms_esd                     ? 
_refine.entry_id                                 5ZEM 
_refine.pdbx_refine_id                           'X-RAY DIFFRACTION' 
_refine.ls_abs_structure_details                 ? 
_refine.ls_abs_structure_Flack                   ? 
_refine.ls_abs_structure_Flack_esd               ? 
_refine.ls_abs_structure_Rogers                  ? 
_refine.ls_abs_structure_Rogers_esd              ? 
_refine.ls_d_res_high                            3.1030 
_refine.ls_d_res_low                             42.3 
_refine.ls_extinction_coef                       ? 
_refine.ls_extinction_coef_esd                   ? 
_refine.ls_extinction_expression                 ? 
_refine.ls_extinction_method                     ? 
_refine.ls_goodness_of_fit_all                   ? 
_refine.ls_goodness_of_fit_all_esd               ? 
_refine.ls_goodness_of_fit_obs                   ? 
_refine.ls_goodness_of_fit_obs_esd               ? 
_refine.ls_hydrogen_treatment                    ? 
_refine.ls_matrix_type                           ? 
_refine.ls_number_constraints                    ? 
_refine.ls_number_parameters                     ? 
_refine.ls_number_reflns_all                     ? 
_refine.ls_number_reflns_obs                     2780 
_refine.ls_number_reflns_R_free                  261 
_refine.ls_number_reflns_R_work                  ? 
_refine.ls_number_restraints                     ? 
_refine.ls_percent_reflns_obs                    96.9300 
_refine.ls_percent_reflns_R_free                 9.3900 
_refine.ls_R_factor_all                          ? 
_refine.ls_R_factor_obs                          0.2580 
_refine.ls_R_factor_R_free                       0.2835 
_refine.ls_R_factor_R_free_error                 ? 
_refine.ls_R_factor_R_free_error_details         ? 
_refine.ls_R_factor_R_work                       0.2552 
_refine.ls_R_Fsqd_factor_obs                     ? 
_refine.ls_R_I_factor_obs                        ? 
_refine.ls_redundancy_reflns_all                 ? 
_refine.ls_redundancy_reflns_obs                 ? 
_refine.ls_restrained_S_all                      ? 
_refine.ls_restrained_S_obs                      ? 
_refine.ls_shift_over_esd_max                    ? 
_refine.ls_shift_over_esd_mean                   ? 
_refine.ls_structure_factor_coef                 ? 
_refine.ls_weighting_details                     ? 
_refine.ls_weighting_scheme                      ? 
_refine.ls_wR_factor_all                         ? 
_refine.ls_wR_factor_obs                         ? 
_refine.ls_wR_factor_R_free                      ? 
_refine.ls_wR_factor_R_work                      ? 
_refine.occupancy_max                            ? 
_refine.occupancy_min                            ? 
_refine.solvent_model_details                    ? 
_refine.solvent_model_param_bsol                 ? 
_refine.solvent_model_param_ksol                 ? 
_refine.ls_R_factor_gt                           ? 
_refine.ls_goodness_of_fit_gt                    ? 
_refine.ls_goodness_of_fit_ref                   ? 
_refine.ls_shift_over_su_max                     ? 
_refine.ls_shift_over_su_max_lt                  ? 
_refine.ls_shift_over_su_mean                    ? 
_refine.ls_shift_over_su_mean_lt                 ? 
_refine.pdbx_ls_sigma_I                          ? 
_refine.pdbx_ls_sigma_F                          1.440 
_refine.pdbx_ls_sigma_Fsqd                       ? 
_refine.pdbx_data_cutoff_high_absF               ? 
_refine.pdbx_data_cutoff_high_rms_absF           ? 
_refine.pdbx_data_cutoff_low_absF                ? 
_refine.pdbx_isotropic_thermal_model             ? 
_refine.pdbx_ls_cross_valid_method               'FREE R-VALUE' 
_refine.pdbx_method_to_determine_struct          'MOLECULAR REPLACEMENT' 
_refine.pdbx_starting_model                      3TD1 
_refine.pdbx_stereochemistry_target_values       ? 
_refine.pdbx_R_Free_selection_details            ? 
_refine.pdbx_stereochem_target_val_spec_case     ? 
_refine.pdbx_overall_ESU_R                       ? 
_refine.pdbx_overall_ESU_R_Free                  ? 
_refine.pdbx_solvent_vdw_probe_radii             1.1100 
_refine.pdbx_solvent_ion_probe_radii             ? 
_refine.pdbx_solvent_shrinkage_radii             0.9000 
_refine.pdbx_real_space_R                        ? 
_refine.pdbx_density_correlation                 ? 
_refine.pdbx_pd_number_of_powder_patterns        ? 
_refine.pdbx_pd_number_of_points                 ? 
_refine.pdbx_pd_meas_number_of_points            ? 
_refine.pdbx_pd_proc_ls_prof_R_factor            ? 
_refine.pdbx_pd_proc_ls_prof_wR_factor           ? 
_refine.pdbx_pd_Marquardt_correlation_coeff      ? 
_refine.pdbx_pd_Fsqrd_R_factor                   ? 
_refine.pdbx_pd_ls_matrix_band_width             ? 
_refine.pdbx_overall_phase_error                 35.8700 
_refine.pdbx_overall_SU_R_free_Cruickshank_DPI   ? 
_refine.pdbx_overall_SU_R_free_Blow_DPI          ? 
_refine.pdbx_overall_SU_R_Blow_DPI               ? 
_refine.pdbx_TLS_residual_ADP_flag               ? 
_refine.pdbx_diffrn_id                           1 
_refine.overall_SU_B                             ? 
_refine.overall_SU_ML                            0.3000 
_refine.overall_SU_R_Cruickshank_DPI             ? 
_refine.overall_SU_R_free                        ? 
_refine.overall_FOM_free_R_set                   ? 
_refine.overall_FOM_work_R_set                   ? 
_refine.pdbx_average_fsc_overall                 ? 
_refine.pdbx_average_fsc_work                    ? 
_refine.pdbx_average_fsc_free                    ? 
# 
_refine_hist.cycle_id                         final 
_refine_hist.pdbx_refine_id                   'X-RAY DIFFRACTION' 
_refine_hist.d_res_high                       3.1030 
_refine_hist.d_res_low                        42.3 
_refine_hist.pdbx_number_atoms_ligand         0 
_refine_hist.number_atoms_solvent             19 
_refine_hist.number_atoms_total               939 
_refine_hist.pdbx_number_residues_total       43 
_refine_hist.pdbx_B_iso_mean_solvent          125.99 
_refine_hist.pdbx_number_atoms_protein        0 
_refine_hist.pdbx_number_atoms_nucleic_acid   920 
# 
loop_
_refine_ls_restr.pdbx_refine_id 
_refine_ls_restr.criterion 
_refine_ls_restr.dev_ideal 
_refine_ls_restr.dev_ideal_target 
_refine_ls_restr.number 
_refine_ls_restr.rejects 
_refine_ls_restr.type 
_refine_ls_restr.weight 
_refine_ls_restr.pdbx_restraint_function 
'X-RAY DIFFRACTION' ? 0.007  ? 1026 ? f_bond_d           ? ? 
'X-RAY DIFFRACTION' ? 1.143  ? 1596 ? f_angle_d          ? ? 
'X-RAY DIFFRACTION' ? 0.060  ? 213  ? f_chiral_restr     ? ? 
'X-RAY DIFFRACTION' ? 0.006  ? 43   ? f_plane_restr      ? ? 
'X-RAY DIFFRACTION' ? 16.735 ? 498  ? f_dihedral_angle_d ? ? 
# 
loop_
_refine_ls_shell.pdbx_refine_id 
_refine_ls_shell.d_res_high 
_refine_ls_shell.d_res_low 
_refine_ls_shell.number_reflns_all 
_refine_ls_shell.number_reflns_obs 
_refine_ls_shell.number_reflns_R_free 
_refine_ls_shell.number_reflns_R_work 
_refine_ls_shell.percent_reflns_obs 
_refine_ls_shell.percent_reflns_R_free 
_refine_ls_shell.R_factor_all 
_refine_ls_shell.R_factor_obs 
_refine_ls_shell.R_factor_R_free 
_refine_ls_shell.R_factor_R_free_error 
_refine_ls_shell.R_factor_R_work 
_refine_ls_shell.redundancy_reflns_all 
_refine_ls_shell.redundancy_reflns_obs 
_refine_ls_shell.wR_factor_all 
_refine_ls_shell.wR_factor_obs 
_refine_ls_shell.wR_factor_R_free 
_refine_ls_shell.wR_factor_R_work 
_refine_ls_shell.pdbx_total_number_of_bins_used 
_refine_ls_shell.pdbx_phase_error 
_refine_ls_shell.pdbx_fsc_work 
_refine_ls_shell.pdbx_fsc_free 
'X-RAY DIFFRACTION' 3.1    3.2     1318 . 118 1200 95.0000 . . . 0.3053 0.0000 0.3171 . . . . . . 2 . . . 
'X-RAY DIFFRACTION' 3.9089 42.3462 1462 . 143 1319 99.0000 . . . 0.2787 0.0000 0.2416 . . . . . . 2 . . . 
# 
_struct.entry_id                     5ZEM 
_struct.title                        
'Crystal structure of the bacterial A1408me1A-mutant ribosomal decoding site in the presence of gentamicin' 
_struct.pdbx_model_details           ? 
_struct.pdbx_formula_weight          ? 
_struct.pdbx_formula_weight_method   ? 
_struct.pdbx_model_type_details      ? 
_struct.pdbx_CASP_flag               N 
# 
_struct_keywords.entry_id        5ZEM 
_struct_keywords.text            'ribosome, RNA, aminoglycoside, antibiotic-resistance' 
_struct_keywords.pdbx_keywords   RNA 
# 
loop_
_struct_asym.id 
_struct_asym.pdbx_blank_PDB_chainid_flag 
_struct_asym.pdbx_modified 
_struct_asym.entity_id 
_struct_asym.details 
A N N 1 ? 
B N N 1 ? 
C N N 2 ? 
D N N 2 ? 
# 
loop_
_struct_conn.id 
_struct_conn.conn_type_id 
_struct_conn.pdbx_leaving_atom_flag 
_struct_conn.pdbx_PDB_id 
_struct_conn.ptnr1_label_asym_id 
_struct_conn.ptnr1_label_comp_id 
_struct_conn.ptnr1_label_seq_id 
_struct_conn.ptnr1_label_atom_id 
_struct_conn.pdbx_ptnr1_label_alt_id 
_struct_conn.pdbx_ptnr1_PDB_ins_code 
_struct_conn.pdbx_ptnr1_standard_comp_id 
_struct_conn.ptnr1_symmetry 
_struct_conn.ptnr2_label_asym_id 
_struct_conn.ptnr2_label_comp_id 
_struct_conn.ptnr2_label_seq_id 
_struct_conn.ptnr2_label_atom_id 
_struct_conn.pdbx_ptnr2_label_alt_id 
_struct_conn.pdbx_ptnr2_PDB_ins_code 
_struct_conn.ptnr1_auth_asym_id 
_struct_conn.ptnr1_auth_comp_id 
_struct_conn.ptnr1_auth_seq_id 
_struct_conn.ptnr2_auth_asym_id 
_struct_conn.ptnr2_auth_comp_id 
_struct_conn.ptnr2_auth_seq_id 
_struct_conn.ptnr2_symmetry 
_struct_conn.pdbx_ptnr3_label_atom_id 
_struct_conn.pdbx_ptnr3_label_seq_id 
_struct_conn.pdbx_ptnr3_label_comp_id 
_struct_conn.pdbx_ptnr3_label_asym_id 
_struct_conn.pdbx_ptnr3_label_alt_id 
_struct_conn.pdbx_ptnr3_PDB_ins_code 
_struct_conn.details 
_struct_conn.pdbx_dist_value 
_struct_conn.pdbx_value_order 
_struct_conn.pdbx_role 
covale1  covale both ? A C   6  "O3'" ? ? ? 1_555 A 1MA 7  P  ? ? A C   7  A 1MA 8  1_555 ? ? ? ? ? ? ?             1.595 ? ? 
covale2  covale both ? A 1MA 7  "O3'" ? ? ? 1_555 A C   8  P  ? ? A 1MA 8  A C   9  1_555 ? ? ? ? ? ? ?             1.591 ? ? 
covale3  covale both ? B C   6  "O3'" ? ? ? 1_555 B 1MA 7  P  ? ? B C   30 B 1MA 31 1_555 ? ? ? ? ? ? ?             1.594 ? ? 
covale4  covale both ? B 1MA 7  "O3'" ? ? ? 1_555 B C   8  P  ? ? B 1MA 31 B C   32 1_555 ? ? ? ? ? ? ?             1.580 ? ? 
hydrog1  hydrog ?    ? A G   2  N1    ? ? ? 1_555 B C   22 N3 ? ? A G   3  B C   46 1_555 ? ? ? ? ? ? WATSON-CRICK  ?     ? ? 
hydrog2  hydrog ?    ? A G   2  N2    ? ? ? 1_555 B C   22 O2 ? ? A G   3  B C   46 1_555 ? ? ? ? ? ? WATSON-CRICK  ?     ? ? 
hydrog3  hydrog ?    ? A G   2  O6    ? ? ? 1_555 B C   22 N4 ? ? A G   3  B C   46 1_555 ? ? ? ? ? ? WATSON-CRICK  ?     ? ? 
hydrog4  hydrog ?    ? A C   3  N3    ? ? ? 1_555 B G   21 N1 ? ? A C   4  B G   45 1_555 ? ? ? ? ? ? WATSON-CRICK  ?     ? ? 
hydrog5  hydrog ?    ? A C   3  N4    ? ? ? 1_555 B G   21 O6 ? ? A C   4  B G   45 1_555 ? ? ? ? ? ? WATSON-CRICK  ?     ? ? 
hydrog6  hydrog ?    ? A C   3  O2    ? ? ? 1_555 B G   21 N2 ? ? A C   4  B G   45 1_555 ? ? ? ? ? ? WATSON-CRICK  ?     ? ? 
hydrog7  hydrog ?    ? A G   4  N1    ? ? ? 1_555 B C   20 N3 ? ? A G   5  B C   44 1_555 ? ? ? ? ? ? WATSON-CRICK  ?     ? ? 
hydrog8  hydrog ?    ? A G   4  N2    ? ? ? 1_555 B C   20 O2 ? ? A G   5  B C   44 1_555 ? ? ? ? ? ? WATSON-CRICK  ?     ? ? 
hydrog9  hydrog ?    ? A G   4  O6    ? ? ? 1_555 B C   20 N4 ? ? A G   5  B C   44 1_555 ? ? ? ? ? ? WATSON-CRICK  ?     ? ? 
hydrog10 hydrog ?    ? A U   5  N3    ? ? ? 1_555 B U   19 O4 ? ? A U   6  B U   43 1_555 ? ? ? ? ? ? 'U-U MISPAIR' ?     ? ? 
hydrog11 hydrog ?    ? A C   6  N3    ? ? ? 1_555 B G   18 N1 ? ? A C   7  B G   42 1_555 ? ? ? ? ? ? WATSON-CRICK  ?     ? ? 
hydrog12 hydrog ?    ? A C   6  N4    ? ? ? 1_555 B G   18 O6 ? ? A C   7  B G   42 1_555 ? ? ? ? ? ? WATSON-CRICK  ?     ? ? 
hydrog13 hydrog ?    ? A C   6  O2    ? ? ? 1_555 B G   18 N2 ? ? A C   7  B G   42 1_555 ? ? ? ? ? ? WATSON-CRICK  ?     ? ? 
hydrog14 hydrog ?    ? A C   8  N3    ? ? ? 1_555 B G   15 N1 ? ? A C   9  B G   39 1_555 ? ? ? ? ? ? WATSON-CRICK  ?     ? ? 
hydrog15 hydrog ?    ? A C   8  N4    ? ? ? 1_555 B G   15 O6 ? ? A C   9  B G   39 1_555 ? ? ? ? ? ? WATSON-CRICK  ?     ? ? 
hydrog16 hydrog ?    ? A C   8  O2    ? ? ? 1_555 B G   15 N2 ? ? A C   9  B G   39 1_555 ? ? ? ? ? ? WATSON-CRICK  ?     ? ? 
hydrog17 hydrog ?    ? A G   9  N1    ? ? ? 1_555 B C   14 N3 ? ? A G   10 B C   38 1_555 ? ? ? ? ? ? WATSON-CRICK  ?     ? ? 
hydrog18 hydrog ?    ? A G   9  N2    ? ? ? 1_555 B C   14 O2 ? ? A G   10 B C   38 1_555 ? ? ? ? ? ? WATSON-CRICK  ?     ? ? 
hydrog19 hydrog ?    ? A G   9  O6    ? ? ? 1_555 B C   14 N4 ? ? A G   10 B C   38 1_555 ? ? ? ? ? ? WATSON-CRICK  ?     ? ? 
hydrog20 hydrog ?    ? A U   10 N3    ? ? ? 1_555 B A   13 N1 ? ? A U   11 B A   37 1_555 ? ? ? ? ? ? WATSON-CRICK  ?     ? ? 
hydrog21 hydrog ?    ? A U   10 O4    ? ? ? 1_555 B A   13 N6 ? ? A U   11 B A   37 1_555 ? ? ? ? ? ? WATSON-CRICK  ?     ? ? 
hydrog22 hydrog ?    ? A C   11 N3    ? ? ? 1_555 B G   12 N1 ? ? A C   12 B G   36 1_555 ? ? ? ? ? ? WATSON-CRICK  ?     ? ? 
hydrog23 hydrog ?    ? A C   11 N4    ? ? ? 1_555 B G   12 O6 ? ? A C   12 B G   36 1_555 ? ? ? ? ? ? WATSON-CRICK  ?     ? ? 
hydrog24 hydrog ?    ? A C   11 O2    ? ? ? 1_555 B G   12 N2 ? ? A C   12 B G   36 1_555 ? ? ? ? ? ? WATSON-CRICK  ?     ? ? 
hydrog25 hydrog ?    ? A G   12 N1    ? ? ? 1_555 B C   11 N3 ? ? A G   13 B C   35 1_555 ? ? ? ? ? ? WATSON-CRICK  ?     ? ? 
hydrog26 hydrog ?    ? A G   12 N2    ? ? ? 1_555 B C   11 O2 ? ? A G   13 B C   35 1_555 ? ? ? ? ? ? WATSON-CRICK  ?     ? ? 
hydrog27 hydrog ?    ? A G   12 O6    ? ? ? 1_555 B C   11 N4 ? ? A G   13 B C   35 1_555 ? ? ? ? ? ? WATSON-CRICK  ?     ? ? 
hydrog28 hydrog ?    ? A A   13 N1    ? ? ? 1_555 B U   10 N3 ? ? A A   14 B U   34 1_555 ? ? ? ? ? ? WATSON-CRICK  ?     ? ? 
hydrog29 hydrog ?    ? A A   13 N6    ? ? ? 1_555 B U   10 O4 ? ? A A   14 B U   34 1_555 ? ? ? ? ? ? WATSON-CRICK  ?     ? ? 
hydrog30 hydrog ?    ? A C   14 N3    ? ? ? 1_555 B G   9  N1 ? ? A C   15 B G   33 1_555 ? ? ? ? ? ? WATSON-CRICK  ?     ? ? 
hydrog31 hydrog ?    ? A C   14 N4    ? ? ? 1_555 B G   9  O6 ? ? A C   15 B G   33 1_555 ? ? ? ? ? ? WATSON-CRICK  ?     ? ? 
hydrog32 hydrog ?    ? A C   14 O2    ? ? ? 1_555 B G   9  N2 ? ? A C   15 B G   33 1_555 ? ? ? ? ? ? WATSON-CRICK  ?     ? ? 
hydrog33 hydrog ?    ? A G   15 N2    ? ? ? 1_555 B C   8  O2 ? ? A G   16 B C   32 1_555 ? ? ? ? ? ? 'G-C PAIR'    ?     ? ? 
hydrog34 hydrog ?    ? A G   18 N1    ? ? ? 1_555 B C   6  N3 ? ? A G   19 B C   30 1_555 ? ? ? ? ? ? WATSON-CRICK  ?     ? ? 
hydrog35 hydrog ?    ? A G   18 N2    ? ? ? 1_555 B C   6  O2 ? ? A G   19 B C   30 1_555 ? ? ? ? ? ? WATSON-CRICK  ?     ? ? 
hydrog36 hydrog ?    ? A G   18 O6    ? ? ? 1_555 B C   6  N4 ? ? A G   19 B C   30 1_555 ? ? ? ? ? ? WATSON-CRICK  ?     ? ? 
hydrog37 hydrog ?    ? A U   19 O4    ? ? ? 1_555 B U   5  N3 ? ? A U   20 B U   29 1_555 ? ? ? ? ? ? 'U-U MISPAIR' ?     ? ? 
hydrog38 hydrog ?    ? A C   20 N3    ? ? ? 1_555 B G   4  N1 ? ? A C   21 B G   28 1_555 ? ? ? ? ? ? WATSON-CRICK  ?     ? ? 
hydrog39 hydrog ?    ? A C   20 N4    ? ? ? 1_555 B G   4  O6 ? ? A C   21 B G   28 1_555 ? ? ? ? ? ? WATSON-CRICK  ?     ? ? 
hydrog40 hydrog ?    ? A C   20 O2    ? ? ? 1_555 B G   4  N2 ? ? A C   21 B G   28 1_555 ? ? ? ? ? ? WATSON-CRICK  ?     ? ? 
hydrog41 hydrog ?    ? A G   21 N1    ? ? ? 1_555 B C   3  N3 ? ? A G   22 B C   27 1_555 ? ? ? ? ? ? WATSON-CRICK  ?     ? ? 
hydrog42 hydrog ?    ? A G   21 N2    ? ? ? 1_555 B C   3  O2 ? ? A G   22 B C   27 1_555 ? ? ? ? ? ? WATSON-CRICK  ?     ? ? 
hydrog43 hydrog ?    ? A G   21 O6    ? ? ? 1_555 B C   3  N4 ? ? A G   22 B C   27 1_555 ? ? ? ? ? ? WATSON-CRICK  ?     ? ? 
hydrog44 hydrog ?    ? A C   22 N3    ? ? ? 1_555 B G   2  N1 ? ? A C   23 B G   26 1_555 ? ? ? ? ? ? WATSON-CRICK  ?     ? ? 
hydrog45 hydrog ?    ? A C   22 N4    ? ? ? 1_555 B G   2  O6 ? ? A C   23 B G   26 1_555 ? ? ? ? ? ? WATSON-CRICK  ?     ? ? 
hydrog46 hydrog ?    ? A C   22 O2    ? ? ? 1_555 B G   2  N2 ? ? A C   23 B G   26 1_555 ? ? ? ? ? ? WATSON-CRICK  ?     ? ? 
# 
loop_
_struct_conn_type.id 
_struct_conn_type.criteria 
_struct_conn_type.reference 
covale ? ? 
hydrog ? ? 
# 
_atom_sites.entry_id                    5ZEM 
_atom_sites.fract_transf_matrix[1][1]   -0.00286785 
_atom_sites.fract_transf_matrix[1][2]   0.00166078 
_atom_sites.fract_transf_matrix[1][3]   0.03051054 
_atom_sites.fract_transf_matrix[2][1]   0.00960539 
_atom_sites.fract_transf_matrix[2][2]   0.00504966 
_atom_sites.fract_transf_matrix[2][3]   0.00062799 
_atom_sites.fract_transf_matrix[3][1]   -0.00961772 
_atom_sites.fract_transf_matrix[3][2]   0.01853256 
_atom_sites.fract_transf_matrix[3][3]   -0.00191281 
_atom_sites.fract_transf_vector[1]      -0.016735 
_atom_sites.fract_transf_vector[2]      -0.133244 
_atom_sites.fract_transf_vector[3]      0.012998 
# 
loop_
_atom_type.symbol 
C 
N 
O 
P 
# 
loop_
_atom_site.group_PDB 
_atom_site.id 
_atom_site.type_symbol 
_atom_site.label_atom_id 
_atom_site.label_alt_id 
_atom_site.label_comp_id 
_atom_site.label_asym_id 
_atom_site.label_entity_id 
_atom_site.label_seq_id 
_atom_site.pdbx_PDB_ins_code 
_atom_site.Cartn_x 
_atom_site.Cartn_y 
_atom_site.Cartn_z 
_atom_site.occupancy 
_atom_site.B_iso_or_equiv 
_atom_site.pdbx_formal_charge 
_atom_site.auth_seq_id 
_atom_site.auth_comp_id 
_atom_site.auth_asym_id 
_atom_site.auth_atom_id 
_atom_site.pdbx_PDB_model_num 
ATOM   1   P P     . U   A 1 1  ? -17.928 27.108  5.058   1.00 147.34 ? 2   U   A P     1 
ATOM   2   O OP1   . U   A 1 1  ? -16.744 26.979  4.163   1.00 140.09 ? 2   U   A OP1   1 
ATOM   3   O OP2   . U   A 1 1  ? -18.036 28.291  5.951   1.00 134.63 ? 2   U   A OP2   1 
ATOM   4   O "O5'" . U   A 1 1  ? -18.030 25.784  5.942   1.00 134.07 ? 2   U   A "O5'" 1 
ATOM   5   C "C5'" . U   A 1 1  ? -16.935 25.352  6.741   1.00 129.07 ? 2   U   A "C5'" 1 
ATOM   6   C "C4'" . U   A 1 1  ? -17.192 24.007  7.381   1.00 125.89 ? 2   U   A "C4'" 1 
ATOM   7   O "O4'" . U   A 1 1  ? -18.463 24.031  8.080   1.00 119.85 ? 2   U   A "O4'" 1 
ATOM   8   C "C3'" . U   A 1 1  ? -17.304 22.808  6.444   1.00 124.48 ? 2   U   A "C3'" 1 
ATOM   9   O "O3'" . U   A 1 1  ? -16.038 22.289  6.061   1.00 121.89 ? 2   U   A "O3'" 1 
ATOM   10  C "C2'" . U   A 1 1  ? -18.133 21.815  7.259   1.00 120.17 ? 2   U   A "C2'" 1 
ATOM   11  O "O2'" . U   A 1 1  ? -17.309 21.101  8.161   1.00 113.35 ? 2   U   A "O2'" 1 
ATOM   12  C "C1'" . U   A 1 1  ? -19.045 22.744  8.074   1.00 119.43 ? 2   U   A "C1'" 1 
ATOM   13  N N1    . U   A 1 1  ? -20.428 22.827  7.531   1.00 123.51 ? 2   U   A N1    1 
ATOM   14  C C2    . U   A 1 1  ? -21.408 22.005  8.095   1.00 120.41 ? 2   U   A C2    1 
ATOM   15  O O2    . U   A 1 1  ? -21.200 21.227  9.014   1.00 115.47 ? 2   U   A O2    1 
ATOM   16  N N3    . U   A 1 1  ? -22.665 22.125  7.547   1.00 124.98 ? 2   U   A N3    1 
ATOM   17  C C4    . U   A 1 1  ? -23.049 22.962  6.514   1.00 126.55 ? 2   U   A C4    1 
ATOM   18  O O4    . U   A 1 1  ? -24.224 22.952  6.133   1.00 121.47 ? 2   U   A O4    1 
ATOM   19  C C5    . U   A 1 1  ? -21.988 23.773  5.986   1.00 127.78 ? 2   U   A C5    1 
ATOM   20  C C6    . U   A 1 1  ? -20.750 23.685  6.497   1.00 124.50 ? 2   U   A C6    1 
ATOM   21  P P     . G   A 1 2  ? -15.385 22.657  4.633   1.00 139.59 ? 3   G   A P     1 
ATOM   22  O OP1   . G   A 1 2  ? -15.895 23.996  4.219   1.00 131.42 ? 3   G   A OP1   1 
ATOM   23  O OP2   . G   A 1 2  ? -15.599 21.491  3.732   1.00 127.93 ? 3   G   A OP2   1 
ATOM   24  O "O5'" . G   A 1 2  ? -13.811 22.743  4.936   1.00 130.00 ? 3   G   A "O5'" 1 
ATOM   25  C "C5'" . G   A 1 2  ? -12.944 23.622  4.217   1.00 118.10 ? 3   G   A "C5'" 1 
ATOM   26  C "C4'" . G   A 1 2  ? -11.701 23.983  5.010   1.00 110.28 ? 3   G   A "C4'" 1 
ATOM   27  O "O4'" . G   A 1 2  ? -12.052 24.321  6.382   1.00 107.14 ? 3   G   A "O4'" 1 
ATOM   28  C "C3'" . G   A 1 2  ? -10.652 22.889  5.159   1.00 105.12 ? 3   G   A "C3'" 1 
ATOM   29  O "O3'" . G   A 1 2  ? -9.790  22.783  4.049   1.00 111.41 ? 3   G   A "O3'" 1 
ATOM   30  C "C2'" . G   A 1 2  ? -9.911  23.300  6.415   1.00 98.95  ? 3   G   A "C2'" 1 
ATOM   31  O "O2'" . G   A 1 2  ? -8.999  24.346  6.117   1.00 97.72  ? 3   G   A "O2'" 1 
ATOM   32  C "C1'" . G   A 1 2  ? -11.049 23.852  7.266   1.00 103.31 ? 3   G   A "C1'" 1 
ATOM   33  N N9    . G   A 1 2  ? -11.624 22.790  8.119   1.00 99.00  ? 3   G   A N9    1 
ATOM   34  C C8    . G   A 1 2  ? -12.743 22.038  7.850   1.00 102.54 ? 3   G   A C8    1 
ATOM   35  N N7    . G   A 1 2  ? -13.017 21.163  8.783   1.00 100.93 ? 3   G   A N7    1 
ATOM   36  C C5    . G   A 1 2  ? -12.016 21.328  9.734   1.00 95.39  ? 3   G   A C5    1 
ATOM   37  C C6    . G   A 1 2  ? -11.791 20.647  10.970  1.00 90.30  ? 3   G   A C6    1 
ATOM   38  O O6    . G   A 1 2  ? -12.435 19.733  11.505  1.00 90.54  ? 3   G   A O6    1 
ATOM   39  N N1    . G   A 1 2  ? -10.667 21.131  11.613  1.00 84.60  ? 3   G   A N1    1 
ATOM   40  C C2    . G   A 1 2  ? -9.866  22.132  11.132  1.00 87.71  ? 3   G   A C2    1 
ATOM   41  N N2    . G   A 1 2  ? -8.822  22.459  11.904  1.00 88.34  ? 3   G   A N2    1 
ATOM   42  N N3    . G   A 1 2  ? -10.058 22.772  9.986   1.00 88.22  ? 3   G   A N3    1 
ATOM   43  C C4    . G   A 1 2  ? -11.147 22.327  9.332   1.00 93.38  ? 3   G   A C4    1 
ATOM   44  P P     . C   A 1 3  ? -8.959  21.427  3.839   1.00 108.81 ? 4   C   A P     1 
ATOM   45  O OP1   . C   A 1 3  ? -8.152  21.566  2.601   1.00 103.91 ? 4   C   A OP1   1 
ATOM   46  O OP2   . C   A 1 3  ? -9.957  20.339  3.977   1.00 100.35 ? 4   C   A OP2   1 
ATOM   47  O "O5'" . C   A 1 3  ? -7.956  21.362  5.084   1.00 100.21 ? 4   C   A "O5'" 1 
ATOM   48  C "C5'" . C   A 1 3  ? -6.799  22.189  5.123   1.00 97.87  ? 4   C   A "C5'" 1 
ATOM   49  C "C4'" . C   A 1 3  ? -5.914  21.921  6.326   1.00 98.58  ? 4   C   A "C4'" 1 
ATOM   50  O "O4'" . C   A 1 3  ? -6.641  22.133  7.565   1.00 95.11  ? 4   C   A "O4'" 1 
ATOM   51  C "C3'" . C   A 1 3  ? -5.357  20.522  6.491   1.00 94.83  ? 4   C   A "C3'" 1 
ATOM   52  O "O3'" . C   A 1 3  ? -4.291  20.214  5.625   1.00 91.22  ? 4   C   A "O3'" 1 
ATOM   53  C "C2'" . C   A 1 3  ? -4.957  20.516  7.958   1.00 90.19  ? 4   C   A "C2'" 1 
ATOM   54  O "O2'" . C   A 1 3  ? -3.781  21.284  8.157   1.00 91.05  ? 4   C   A "O2'" 1 
ATOM   55  C "C1'" . C   A 1 3  ? -6.120  21.281  8.571   1.00 88.34  ? 4   C   A "C1'" 1 
ATOM   56  N N1    . C   A 1 3  ? -7.195  20.370  9.014   1.00 86.52  ? 4   C   A N1    1 
ATOM   57  C C2    . C   A 1 3  ? -7.106  19.736  10.265  1.00 88.22  ? 4   C   A C2    1 
ATOM   58  O O2    . C   A 1 3  ? -6.122  19.929  11.002  1.00 86.73  ? 4   C   A O2    1 
ATOM   59  N N3    . C   A 1 3  ? -8.111  18.911  10.642  1.00 87.59  ? 4   C   A N3    1 
ATOM   60  C C4    . C   A 1 3  ? -9.157  18.727  9.828   1.00 88.38  ? 4   C   A C4    1 
ATOM   61  N N4    . C   A 1 3  ? -10.130 17.908  10.217  1.00 90.91  ? 4   C   A N4    1 
ATOM   62  C C5    . C   A 1 3  ? -9.268  19.362  8.567   1.00 84.95  ? 4   C   A C5    1 
ATOM   63  C C6    . C   A 1 3  ? -8.272  20.168  8.205   1.00 87.58  ? 4   C   A C6    1 
ATOM   64  P P     . G   A 1 4  ? -4.051  18.676  5.245   1.00 100.60 ? 5   G   A P     1 
ATOM   65  O OP1   . G   A 1 4  ? -2.891  18.624  4.324   1.00 105.25 ? 5   G   A OP1   1 
ATOM   66  O OP2   . G   A 1 4  ? -5.367  18.129  4.823   1.00 92.64  ? 5   G   A OP2   1 
ATOM   67  O "O5'" . G   A 1 4  ? -3.600  17.973  6.608   1.00 82.04  ? 5   G   A "O5'" 1 
ATOM   68  C "C5'" . G   A 1 4  ? -2.279  18.137  7.080   1.00 80.45  ? 5   G   A "C5'" 1 
ATOM   69  C "C4'" . G   A 1 4  ? -2.165  17.787  8.535   1.00 79.25  ? 5   G   A "C4'" 1 
ATOM   70  O "O4'" . G   A 1 4  ? -3.340  18.236  9.239   1.00 76.59  ? 5   G   A "O4'" 1 
ATOM   71  C "C3'" . G   A 1 4  ? -2.111  16.311  8.858   1.00 86.12  ? 5   G   A "C3'" 1 
ATOM   72  O "O3'" . G   A 1 4  ? -0.854  15.727  8.628   1.00 94.18  ? 5   G   A "O3'" 1 
ATOM   73  C "C2'" . G   A 1 4  ? -2.530  16.282  10.311  1.00 83.09  ? 5   G   A "C2'" 1 
ATOM   74  O "O2'" . G   A 1 4  ? -1.455  16.679  11.141  1.00 82.96  ? 5   G   A "O2'" 1 
ATOM   75  C "C1'" . G   A 1 4  ? -3.600  17.369  10.321  1.00 82.70  ? 5   G   A "C1'" 1 
ATOM   76  N N9    . G   A 1 4  ? -4.931  16.783  10.136  1.00 81.43  ? 5   G   A N9    1 
ATOM   77  C C8    . G   A 1 4  ? -5.760  16.953  9.063   1.00 84.92  ? 5   G   A C8    1 
ATOM   78  N N7    . G   A 1 4  ? -6.876  16.284  9.193   1.00 86.49  ? 5   G   A N7    1 
ATOM   79  C C5    . G   A 1 4  ? -6.759  15.642  10.422  1.00 83.81  ? 5   G   A C5    1 
ATOM   80  C C6    . G   A 1 4  ? -7.650  14.772  11.094  1.00 86.98  ? 5   G   A C6    1 
ATOM   81  O O6    . G   A 1 4  ? -8.755  14.391  10.709  1.00 87.73  ? 5   G   A O6    1 
ATOM   82  N N1    . G   A 1 4  ? -7.154  14.321  12.309  1.00 85.06  ? 5   G   A N1    1 
ATOM   83  C C2    . G   A 1 4  ? -5.935  14.677  12.818  1.00 84.58  ? 5   G   A C2    1 
ATOM   84  N N2    . G   A 1 4  ? -5.639  14.140  14.010  1.00 82.92  ? 5   G   A N2    1 
ATOM   85  N N3    . G   A 1 4  ? -5.079  15.484  12.202  1.00 82.50  ? 5   G   A N3    1 
ATOM   86  C C4    . G   A 1 4  ? -5.556  15.930  11.015  1.00 82.51  ? 5   G   A C4    1 
ATOM   87  P P     . U   A 1 5  ? -0.812  14.206  8.138   1.00 98.32  ? 6   U   A P     1 
ATOM   88  O OP1   . U   A 1 5  ? 0.606   13.849  7.891   1.00 105.69 ? 6   U   A OP1   1 
ATOM   89  O OP2   . U   A 1 5  ? -1.797  14.049  7.039   1.00 87.23  ? 6   U   A OP2   1 
ATOM   90  O "O5'" . U   A 1 5  ? -1.282  13.403  9.420   1.00 83.02  ? 6   U   A "O5'" 1 
ATOM   91  C "C5'" . U   A 1 5  ? -0.437  13.327  10.553  1.00 86.13  ? 6   U   A "C5'" 1 
ATOM   92  C "C4'" . U   A 1 5  ? -0.997  12.353  11.537  1.00 85.70  ? 6   U   A "C4'" 1 
ATOM   93  O "O4'" . U   A 1 5  ? -2.260  12.861  12.023  1.00 84.51  ? 6   U   A "O4'" 1 
ATOM   94  C "C3'" . U   A 1 5  ? -1.359  11.010  10.949  1.00 90.04  ? 6   U   A "C3'" 1 
ATOM   95  O "O3'" . U   A 1 5  ? -0.261  10.129  10.827  1.00 95.25  ? 6   U   A "O3'" 1 
ATOM   96  C "C2'" . U   A 1 5  ? -2.446  10.513  11.884  1.00 87.42  ? 6   U   A "C2'" 1 
ATOM   97  O "O2'" . U   A 1 5  ? -1.887  10.020  13.093  1.00 91.06  ? 6   U   A "O2'" 1 
ATOM   98  C "C1'" . U   A 1 5  ? -3.179  11.804  12.188  1.00 78.78  ? 6   U   A "C1'" 1 
ATOM   99  N N1    . U   A 1 5  ? -4.311  12.024  11.272  1.00 81.82  ? 6   U   A N1    1 
ATOM   100 C C2    . U   A 1 5  ? -5.496  11.367  11.525  1.00 85.27  ? 6   U   A C2    1 
ATOM   101 O O2    . U   A 1 5  ? -5.659  10.600  12.457  1.00 89.49  ? 6   U   A O2    1 
ATOM   102 N N3    . U   A 1 5  ? -6.500  11.643  10.631  1.00 83.96  ? 6   U   A N3    1 
ATOM   103 C C4    . U   A 1 5  ? -6.441  12.490  9.538   1.00 83.92  ? 6   U   A C4    1 
ATOM   104 O O4    . U   A 1 5  ? -7.439  12.648  8.823   1.00 86.42  ? 6   U   A O4    1 
ATOM   105 C C5    . U   A 1 5  ? -5.173  13.133  9.354   1.00 83.84  ? 6   U   A C5    1 
ATOM   106 C C6    . U   A 1 5  ? -4.181  12.886  10.211  1.00 86.18  ? 6   U   A C6    1 
ATOM   107 P P     . C   A 1 6  ? -0.372  8.926   9.777   1.00 97.92  ? 7   C   A P     1 
ATOM   108 O OP1   . C   A 1 6  ? 0.980   8.335   9.638   1.00 98.98  ? 7   C   A OP1   1 
ATOM   109 O OP2   . C   A 1 6  ? -1.096  9.455   8.591   1.00 95.41  ? 7   C   A OP2   1 
ATOM   110 O "O5'" . C   A 1 6  ? -1.395  7.906   10.446  1.00 81.14  ? 7   C   A "O5'" 1 
ATOM   111 C "C5'" . C   A 1 6  ? -1.125  7.323   11.710  1.00 80.60  ? 7   C   A "C5'" 1 
ATOM   112 C "C4'" . C   A 1 6  ? -2.304  6.517   12.170  1.00 86.56  ? 7   C   A "C4'" 1 
ATOM   113 O "O4'" . C   A 1 6  ? -3.438  7.394   12.364  1.00 89.90  ? 7   C   A "O4'" 1 
ATOM   114 C "C3'" . C   A 1 6  ? -2.818  5.515   11.164  1.00 88.17  ? 7   C   A "C3'" 1 
ATOM   115 O "O3'" . C   A 1 6  ? -2.082  4.324   11.128  1.00 92.66  ? 7   C   A "O3'" 1 
ATOM   116 C "C2'" . C   A 1 6  ? -4.258  5.329   11.593  1.00 87.73  ? 7   C   A "C2'" 1 
ATOM   117 O "O2'" . C   A 1 6  ? -4.340  4.576   12.781  1.00 91.46  ? 7   C   A "O2'" 1 
ATOM   118 C "C1'" . C   A 1 6  ? -4.625  6.744   11.948  1.00 87.56  ? 7   C   A "C1'" 1 
ATOM   119 N N1    . C   A 1 6  ? -5.183  7.456   10.787  1.00 85.90  ? 7   C   A N1    1 
ATOM   120 C C2    . C   A 1 6  ? -6.452  7.097   10.312  1.00 84.11  ? 7   C   A C2    1 
ATOM   121 O O2    . C   A 1 6  ? -7.089  6.177   10.849  1.00 80.71  ? 7   C   A O2    1 
ATOM   122 N N3    . C   A 1 6  ? -6.964  7.780   9.267   1.00 84.62  ? 7   C   A N3    1 
ATOM   123 C C4    . C   A 1 6  ? -6.260  8.778   8.716   1.00 83.31  ? 7   C   A C4    1 
ATOM   124 N N4    . C   A 1 6  ? -6.811  9.416   7.682   1.00 75.21  ? 7   C   A N4    1 
ATOM   125 C C5    . C   A 1 6  ? -4.958  9.150   9.183   1.00 82.79  ? 7   C   A C5    1 
ATOM   126 C C6    . C   A 1 6  ? -4.465  8.459   10.210  1.00 82.99  ? 7   C   A C6    1 
HETATM 127 P P     . 1MA A 1 7  ? -2.119  3.440   9.801   1.00 95.07  ? 8   1MA A P     1 
HETATM 128 O OP1   . 1MA A 1 7  ? -1.374  2.180   10.200  1.00 107.33 ? 8   1MA A OP1   1 
HETATM 129 O OP2   . 1MA A 1 7  ? -1.595  4.281   8.644   1.00 86.77  ? 8   1MA A OP2   1 
HETATM 130 O "O5'" . 1MA A 1 7  ? -3.658  3.051   9.629   1.00 82.94  ? 8   1MA A "O5'" 1 
HETATM 131 C "C5'" . 1MA A 1 7  ? -4.254  2.094   10.492  1.00 85.53  ? 8   1MA A "C5'" 1 
HETATM 132 C "C4'" . 1MA A 1 7  ? -5.690  1.855   10.134  1.00 82.69  ? 8   1MA A "C4'" 1 
HETATM 133 O "O4'" . 1MA A 1 7  ? -6.391  3.112   10.175  1.00 84.35  ? 8   1MA A "O4'" 1 
HETATM 134 C "C3'" . 1MA A 1 7  ? -5.938  1.332   8.729   1.00 89.64  ? 8   1MA A "C3'" 1 
HETATM 135 O "O3'" . 1MA A 1 7  ? -5.872  -0.070  8.647   1.00 93.39  ? 8   1MA A "O3'" 1 
HETATM 136 C "C2'" . 1MA A 1 7  ? -7.313  1.881   8.406   1.00 90.54  ? 8   1MA A "C2'" 1 
HETATM 137 O "O2'" . 1MA A 1 7  ? -8.303  1.148   9.100   1.00 89.96  ? 8   1MA A "O2'" 1 
HETATM 138 C "C1'" . 1MA A 1 7  ? -7.223  3.245   9.044   1.00 88.19  ? 8   1MA A "C1'" 1 
HETATM 139 N N9    . 1MA A 1 7  ? -6.623  4.233   8.132   1.00 87.14  ? 8   1MA A N9    1 
HETATM 140 C C8    . 1MA A 1 7  ? -5.438  4.824   7.899   1.00 86.30  ? 8   1MA A C8    1 
HETATM 141 N N7    . 1MA A 1 7  ? -5.617  5.681   6.860   1.00 85.14  ? 8   1MA A N7    1 
HETATM 142 C C5    . 1MA A 1 7  ? -6.914  5.616   6.461   1.00 87.68  ? 8   1MA A C5    1 
HETATM 143 C C6    . 1MA A 1 7  ? -7.693  6.339   5.365   1.00 88.81  ? 8   1MA A C6    1 
HETATM 144 N N6    . 1MA A 1 7  ? -7.076  7.248   4.563   1.00 78.22  ? 8   1MA A N6    1 
HETATM 145 N N1    . 1MA A 1 7  ? -9.072  6.056   5.182   1.00 86.09  ? 8   1MA A N1    1 
HETATM 146 C CM1   . 1MA A 1 7  ? -9.823  6.730   4.150   1.00 86.87  ? 8   1MA A CM1   1 
HETATM 147 C C2    . 1MA A 1 7  ? -9.715  5.105   6.016   1.00 87.73  ? 8   1MA A C2    1 
HETATM 148 N N3    . 1MA A 1 7  ? -8.968  4.421   7.056   1.00 84.11  ? 8   1MA A N3    1 
HETATM 149 C C4    . 1MA A 1 7  ? -7.541  4.711   7.256   1.00 84.48  ? 8   1MA A C4    1 
ATOM   150 P P     . C   A 1 8  ? -5.638  -0.739  7.223   1.00 99.92  ? 9   C   A P     1 
ATOM   151 O OP1   . C   A 1 8  ? -5.684  -2.201  7.473   1.00 110.49 ? 9   C   A OP1   1 
ATOM   152 O OP2   . C   A 1 8  ? -4.453  -0.077  6.617   1.00 92.73  ? 9   C   A OP2   1 
ATOM   153 O "O5'" . C   A 1 8  ? -6.915  -0.331  6.369   1.00 82.07  ? 9   C   A "O5'" 1 
ATOM   154 C "C5'" . C   A 1 8  ? -8.078  -1.131  6.417   1.00 87.39  ? 9   C   A "C5'" 1 
ATOM   155 C "C4'" . C   A 1 8  ? -9.035  -0.800  5.301   1.00 100.56 ? 9   C   A "C4'" 1 
ATOM   156 O "O4'" . C   A 1 8  ? -9.384  0.609   5.349   1.00 101.68 ? 9   C   A "O4'" 1 
ATOM   157 C "C3'" . C   A 1 8  ? -8.538  -0.980  3.876   1.00 102.47 ? 9   C   A "C3'" 1 
ATOM   158 O "O3'" . C   A 1 8  ? -8.493  -2.320  3.420   1.00 108.65 ? 9   C   A "O3'" 1 
ATOM   159 C "C2'" . C   A 1 8  ? -9.513  -0.114  3.105   1.00 100.76 ? 9   C   A "C2'" 1 
ATOM   160 O "O2'" . C   A 1 8  ? -10.785 -0.734  3.053   1.00 104.57 ? 9   C   A "O2'" 1 
ATOM   161 C "C1'" . C   A 1 8  ? -9.617  1.083   4.037   1.00 98.25  ? 9   C   A "C1'" 1 
ATOM   162 N N1    . C   A 1 8  ? -8.575  2.069   3.704   1.00 98.21  ? 9   C   A N1    1 
ATOM   163 C C2    . C   A 1 8  ? -8.685  2.792   2.506   1.00 101.81 ? 9   C   A C2    1 
ATOM   164 O O2    . C   A 1 8  ? -9.651  2.621   1.747   1.00 101.93 ? 9   C   A O2    1 
ATOM   165 N N3    . C   A 1 8  ? -7.729  3.681   2.195   1.00 99.68  ? 9   C   A N3    1 
ATOM   166 C C4    . C   A 1 8  ? -6.704  3.841   3.027   1.00 99.53  ? 9   C   A C4    1 
ATOM   167 N N4    . C   A 1 8  ? -5.775  4.725   2.684   1.00 107.84 ? 9   C   A N4    1 
ATOM   168 C C5    . C   A 1 8  ? -6.558  3.121   4.245   1.00 93.16  ? 9   C   A C5    1 
ATOM   169 C C6    . C   A 1 8  ? -7.513  2.243   4.547   1.00 94.30  ? 9   C   A C6    1 
ATOM   170 P P     . G   A 1 9  ? -7.583  -2.672  2.144   1.00 115.95 ? 10  G   A P     1 
ATOM   171 O OP1   . G   A 1 9  ? -7.739  -4.109  1.837   1.00 111.10 ? 10  G   A OP1   1 
ATOM   172 O OP2   . G   A 1 9  ? -6.231  -2.071  2.321   1.00 108.32 ? 10  G   A OP2   1 
ATOM   173 O "O5'" . G   A 1 9  ? -8.285  -1.899  0.951   1.00 107.19 ? 10  G   A "O5'" 1 
ATOM   174 C "C5'" . G   A 1 9  ? -9.442  -2.418  0.329   1.00 109.39 ? 10  G   A "C5'" 1 
ATOM   175 C "C4'" . G   A 1 9  ? -9.765  -1.608  -0.889  1.00 111.04 ? 10  G   A "C4'" 1 
ATOM   176 O "O4'" . G   A 1 9  ? -9.812  -0.209  -0.511  1.00 110.66 ? 10  G   A "O4'" 1 
ATOM   177 C "C3'" . G   A 1 9  ? -8.713  -1.649  -1.979  1.00 108.57 ? 10  G   A "C3'" 1 
ATOM   178 O "O3'" . G   A 1 9  ? -8.798  -2.786  -2.807  1.00 102.12 ? 10  G   A "O3'" 1 
ATOM   179 C "C2'" . G   A 1 9  ? -8.937  -0.333  -2.700  1.00 115.03 ? 10  G   A "C2'" 1 
ATOM   180 O "O2'" . G   A 1 9  ? -10.074 -0.396  -3.542  1.00 112.79 ? 10  G   A "O2'" 1 
ATOM   181 C "C1'" . G   A 1 9  ? -9.247  0.584   -1.526  1.00 111.88 ? 10  G   A "C1'" 1 
ATOM   182 N N9    . G   A 1 9  ? -7.996  1.149   -1.016  1.00 111.00 ? 10  G   A N9    1 
ATOM   183 C C8    . G   A 1 9  ? -7.141  0.628   -0.081  1.00 108.93 ? 10  G   A C8    1 
ATOM   184 N N7    . G   A 1 9  ? -6.086  1.372   0.104   1.00 106.77 ? 10  G   A N7    1 
ATOM   185 C C5    . G   A 1 9  ? -6.260  2.430   -0.773  1.00 109.81 ? 10  G   A C5    1 
ATOM   186 C C6    . G   A 1 9  ? -5.452  3.565   -1.027  1.00 115.09 ? 10  G   A C6    1 
ATOM   187 O O6    . G   A 1 9  ? -4.372  3.869   -0.514  1.00 110.56 ? 10  G   A O6    1 
ATOM   188 N N1    . G   A 1 9  ? -6.011  4.392   -1.999  1.00 120.84 ? 10  G   A N1    1 
ATOM   189 C C2    . G   A 1 9  ? -7.198  4.164   -2.647  1.00 121.42 ? 10  G   A C2    1 
ATOM   190 N N2    . G   A 1 9  ? -7.563  5.084   -3.552  1.00 126.51 ? 10  G   A N2    1 
ATOM   191 N N3    . G   A 1 9  ? -7.963  3.109   -2.418  1.00 118.20 ? 10  G   A N3    1 
ATOM   192 C C4    . G   A 1 9  ? -7.430  2.298   -1.478  1.00 111.78 ? 10  G   A C4    1 
ATOM   193 P P     . U   A 1 10 ? -7.467  -3.322  -3.512  1.00 117.97 ? 11  U   A P     1 
ATOM   194 O OP1   . U   A 1 10 ? -7.821  -4.595  -4.186  1.00 118.47 ? 11  U   A OP1   1 
ATOM   195 O OP2   . U   A 1 10 ? -6.369  -3.272  -2.517  1.00 118.11 ? 11  U   A OP2   1 
ATOM   196 O "O5'" . U   A 1 10 ? -7.146  -2.226  -4.622  1.00 115.16 ? 11  U   A "O5'" 1 
ATOM   197 C "C5'" . U   A 1 10 ? -8.083  -1.962  -5.652  1.00 117.46 ? 11  U   A "C5'" 1 
ATOM   198 C "C4'" . U   A 1 10 ? -7.704  -0.756  -6.470  1.00 122.48 ? 11  U   A "C4'" 1 
ATOM   199 O "O4'" . U   A 1 10 ? -7.703  0.439   -5.644  1.00 125.80 ? 11  U   A "O4'" 1 
ATOM   200 C "C3'" . U   A 1 10 ? -6.319  -0.766  -7.086  1.00 125.28 ? 11  U   A "C3'" 1 
ATOM   201 O "O3'" . U   A 1 10 ? -6.222  -1.570  -8.240  1.00 124.71 ? 11  U   A "O3'" 1 
ATOM   202 C "C2'" . U   A 1 10 ? -6.076  0.711   -7.354  1.00 129.11 ? 11  U   A "C2'" 1 
ATOM   203 O "O2'" . U   A 1 10 ? -6.773  1.131   -8.518  1.00 132.01 ? 11  U   A "O2'" 1 
ATOM   204 C "C1'" . U   A 1 10 ? -6.723  1.344   -6.121  1.00 128.87 ? 11  U   A "C1'" 1 
ATOM   205 N N1    . U   A 1 10 ? -5.713  1.555   -5.063  1.00 126.16 ? 11  U   A N1    1 
ATOM   206 C C2    . U   A 1 10 ? -4.915  2.682   -5.128  1.00 127.87 ? 11  U   A C2    1 
ATOM   207 O O2    . U   A 1 10 ? -5.020  3.533   -6.000  1.00 128.16 ? 11  U   A O2    1 
ATOM   208 N N3    . U   A 1 10 ? -3.992  2.785   -4.114  1.00 126.04 ? 11  U   A N3    1 
ATOM   209 C C4    . U   A 1 10 ? -3.780  1.897   -3.079  1.00 122.44 ? 11  U   A C4    1 
ATOM   210 O O4    . U   A 1 10 ? -2.910  2.119   -2.235  1.00 122.53 ? 11  U   A O4    1 
ATOM   211 C C5    . U   A 1 10 ? -4.639  0.761   -3.098  1.00 123.67 ? 11  U   A C5    1 
ATOM   212 C C6    . U   A 1 10 ? -5.545  0.631   -4.066  1.00 122.38 ? 11  U   A C6    1 
ATOM   213 P P     . C   A 1 11 ? -4.793  -2.158  -8.662  1.00 141.07 ? 12  C   A P     1 
ATOM   214 O OP1   . C   A 1 11 ? -4.965  -2.939  -9.913  1.00 138.24 ? 12  C   A OP1   1 
ATOM   215 O OP2   . C   A 1 11 ? -4.167  -2.796  -7.473  1.00 129.83 ? 12  C   A OP2   1 
ATOM   216 O "O5'" . C   A 1 11 ? -3.953  -0.859  -9.028  1.00 133.18 ? 12  C   A "O5'" 1 
ATOM   217 C "C5'" . C   A 1 11 ? -4.305  -0.065  -10.146 1.00 130.45 ? 12  C   A "C5'" 1 
ATOM   218 C "C4'" . C   A 1 11 ? -3.352  1.083   -10.294 1.00 136.31 ? 12  C   A "C4'" 1 
ATOM   219 O "O4'" . C   A 1 11 ? -3.520  2.012   -9.192  1.00 138.15 ? 12  C   A "O4'" 1 
ATOM   220 C "C3'" . C   A 1 11 ? -1.881  0.723   -10.224 1.00 136.78 ? 12  C   A "C3'" 1 
ATOM   221 O "O3'" . C   A 1 11 ? -1.378  0.151   -11.412 1.00 137.52 ? 12  C   A "O3'" 1 
ATOM   222 C "C2'" . C   A 1 11 ? -1.239  2.052   -9.864  1.00 136.72 ? 12  C   A "C2'" 1 
ATOM   223 O "O2'" . C   A 1 11 ? -1.150  2.891   -11.006 1.00 135.07 ? 12  C   A "O2'" 1 
ATOM   224 C "C1'" . C   A 1 11 ? -2.278  2.631   -8.902  1.00 139.06 ? 12  C   A "C1'" 1 
ATOM   225 N N1    . C   A 1 11 ? -1.901  2.357   -7.497  1.00 138.14 ? 12  C   A N1    1 
ATOM   226 C C2    . C   A 1 11 ? -1.064  3.270   -6.846  1.00 134.45 ? 12  C   A C2    1 
ATOM   227 O O2    . C   A 1 11 ? -0.696  4.277   -7.460  1.00 134.77 ? 12  C   A O2    1 
ATOM   228 N N3    . C   A 1 11 ? -0.683  3.043   -5.569  1.00 130.47 ? 12  C   A N3    1 
ATOM   229 C C4    . C   A 1 11 ? -1.104  1.942   -4.945  1.00 131.16 ? 12  C   A C4    1 
ATOM   230 N N4    . C   A 1 11 ? -0.713  1.743   -3.683  1.00 131.50 ? 12  C   A N4    1 
ATOM   231 C C5    . C   A 1 11 ? -1.944  0.988   -5.588  1.00 132.11 ? 12  C   A C5    1 
ATOM   232 C C6    . C   A 1 11 ? -2.317  1.229   -6.850  1.00 136.15 ? 12  C   A C6    1 
ATOM   233 P P     . G   A 1 12 ? -0.128  -0.852  -11.329 1.00 145.80 ? 13  G   A P     1 
ATOM   234 O OP1   . G   A 1 12 ? 0.049   -1.475  -12.666 1.00 147.53 ? 13  G   A OP1   1 
ATOM   235 O OP2   . G   A 1 12 ? -0.318  -1.719  -10.135 1.00 143.96 ? 13  G   A OP2   1 
ATOM   236 O "O5'" . G   A 1 12 ? 1.114   0.106   -11.050 1.00 139.18 ? 13  G   A "O5'" 1 
ATOM   237 C "C5'" . G   A 1 12 ? 1.432   1.157   -11.947 1.00 141.03 ? 13  G   A "C5'" 1 
ATOM   238 C "C4'" . G   A 1 12 ? 2.377   2.159   -11.331 1.00 145.63 ? 13  G   A "C4'" 1 
ATOM   239 O "O4'" . G   A 1 12 ? 1.737   2.876   -10.237 1.00 142.90 ? 13  G   A "O4'" 1 
ATOM   240 C "C3'" . G   A 1 12 ? 3.638   1.600   -10.699 1.00 141.90 ? 13  G   A "C3'" 1 
ATOM   241 O "O3'" . G   A 1 12 ? 4.625   1.224   -11.640 1.00 138.35 ? 13  G   A "O3'" 1 
ATOM   242 C "C2'" . G   A 1 12 ? 4.065   2.737   -9.781  1.00 145.14 ? 13  G   A "C2'" 1 
ATOM   243 O "O2'" . G   A 1 12 ? 4.686   3.775   -10.522 1.00 151.22 ? 13  G   A "O2'" 1 
ATOM   244 C "C1'" . G   A 1 12 ? 2.710   3.233   -9.269  1.00 142.59 ? 13  G   A "C1'" 1 
ATOM   245 N N9    . G   A 1 12 ? 2.362   2.599   -7.980  1.00 135.61 ? 13  G   A N9    1 
ATOM   246 C C8    . G   A 1 12 ? 1.436   1.610   -7.805  1.00 134.42 ? 13  G   A C8    1 
ATOM   247 N N7    . G   A 1 12 ? 1.336   1.220   -6.567  1.00 133.34 ? 13  G   A N7    1 
ATOM   248 C C5    . G   A 1 12 ? 2.249   1.990   -5.871  1.00 131.57 ? 13  G   A C5    1 
ATOM   249 C C6    . G   A 1 12 ? 2.574   1.997   -4.488  1.00 129.31 ? 13  G   A C6    1 
ATOM   250 O O6    . G   A 1 12 ? 2.115   1.309   -3.569  1.00 128.24 ? 13  G   A O6    1 
ATOM   251 N N1    . G   A 1 12 ? 3.557   2.925   -4.203  1.00 125.16 ? 13  G   A N1    1 
ATOM   252 C C2    . G   A 1 12 ? 4.146   3.740   -5.128  1.00 127.55 ? 13  G   A C2    1 
ATOM   253 N N2    . G   A 1 12 ? 5.074   4.572   -4.635  1.00 125.71 ? 13  G   A N2    1 
ATOM   254 N N3    . G   A 1 12 ? 3.854   3.745   -6.421  1.00 132.16 ? 13  G   A N3    1 
ATOM   255 C C4    . G   A 1 12 ? 2.896   2.849   -6.730  1.00 131.55 ? 13  G   A C4    1 
ATOM   256 P P     . A   A 1 13 ? 5.281   -0.243  -11.555 1.00 156.55 ? 14  A   A P     1 
ATOM   257 O OP1   . A   A 1 13 ? 5.111   -0.934  -12.860 1.00 156.56 ? 14  A   A OP1   1 
ATOM   258 O OP2   . A   A 1 13 ? 4.759   -0.881  -10.323 1.00 164.47 ? 14  A   A OP2   1 
ATOM   259 O "O5'" . A   A 1 13 ? 6.835   0.032   -11.365 1.00 141.60 ? 14  A   A "O5'" 1 
ATOM   260 C "C5'" . A   A 1 13 ? 7.364   1.316   -11.628 1.00 135.65 ? 14  A   A "C5'" 1 
ATOM   261 C "C4'" . A   A 1 13 ? 8.099   1.820   -10.426 1.00 135.57 ? 14  A   A "C4'" 1 
ATOM   262 O "O4'" . A   A 1 13 ? 7.163   2.332   -9.447  1.00 138.51 ? 14  A   A "O4'" 1 
ATOM   263 C "C3'" . A   A 1 13 ? 8.873   0.765   -9.670  1.00 132.86 ? 14  A   A "C3'" 1 
ATOM   264 O "O3'" . A   A 1 13 ? 10.112  0.464   -10.280 1.00 134.86 ? 14  A   A "O3'" 1 
ATOM   265 C "C2'" . A   A 1 13 ? 9.006   1.376   -8.281  1.00 132.00 ? 14  A   A "C2'" 1 
ATOM   266 O "O2'" . A   A 1 13 ? 10.083  2.297   -8.256  1.00 127.30 ? 14  A   A "O2'" 1 
ATOM   267 C "C1'" . A   A 1 13 ? 7.694   2.155   -8.149  1.00 138.21 ? 14  A   A "C1'" 1 
ATOM   268 N N9    . A   A 1 13 ? 6.691   1.506   -7.267  1.00 136.56 ? 14  A   A N9    1 
ATOM   269 C C8    . A   A 1 13 ? 5.467   0.998   -7.615  1.00 136.87 ? 14  A   A C8    1 
ATOM   270 N N7    . A   A 1 13 ? 4.764   0.504   -6.630  1.00 133.06 ? 14  A   A N7    1 
ATOM   271 C C5    . A   A 1 13 ? 5.576   0.695   -5.527  1.00 132.09 ? 14  A   A C5    1 
ATOM   272 C C6    . A   A 1 13 ? 5.398   0.374   -4.167  1.00 127.29 ? 14  A   A C6    1 
ATOM   273 N N6    . A   A 1 13 ? 4.306   -0.225  -3.682  1.00 124.51 ? 14  A   A N6    1 
ATOM   274 N N1    . A   A 1 13 ? 6.396   0.690   -3.314  1.00 122.03 ? 14  A   A N1    1 
ATOM   275 C C2    . A   A 1 13 ? 7.485   1.287   -3.811  1.00 122.60 ? 14  A   A C2    1 
ATOM   276 N N3    . A   A 1 13 ? 7.764   1.640   -5.068  1.00 127.97 ? 14  A   A N3    1 
ATOM   277 C C4    . A   A 1 13 ? 6.760   1.316   -5.898  1.00 132.48 ? 14  A   A C4    1 
ATOM   278 P P     . C   A 1 14 ? 10.921  -0.844  -9.826  1.00 143.59 ? 15  C   A P     1 
ATOM   279 O OP1   . C   A 1 14 ? 12.075  -1.066  -10.727 1.00 143.30 ? 15  C   A OP1   1 
ATOM   280 O OP2   . C   A 1 14 ? 9.921   -1.918  -9.634  1.00 142.26 ? 15  C   A OP2   1 
ATOM   281 O "O5'" . C   A 1 14 ? 11.497  -0.475  -8.389  1.00 136.67 ? 15  C   A "O5'" 1 
ATOM   282 C "C5'" . C   A 1 14 ? 12.648  0.340   -8.229  1.00 132.80 ? 15  C   A "C5'" 1 
ATOM   283 C "C4'" . C   A 1 14 ? 13.183  0.215   -6.828  1.00 133.50 ? 15  C   A "C4'" 1 
ATOM   284 O "O4'" . C   A 1 14 ? 12.176  0.677   -5.895  1.00 133.21 ? 15  C   A "O4'" 1 
ATOM   285 C "C3'" . C   A 1 14 ? 13.470  -1.205  -6.382  1.00 137.06 ? 15  C   A "C3'" 1 
ATOM   286 O "O3'" . C   A 1 14 ? 14.735  -1.665  -6.788  1.00 143.95 ? 15  C   A "O3'" 1 
ATOM   287 C "C2'" . C   A 1 14 ? 13.304  -1.135  -4.876  1.00 131.95 ? 15  C   A "C2'" 1 
ATOM   288 O "O2'" . C   A 1 14 ? 14.451  -0.555  -4.273  1.00 139.09 ? 15  C   A "O2'" 1 
ATOM   289 C "C1'" . C   A 1 14 ? 12.149  -0.155  -4.756  1.00 129.28 ? 15  C   A "C1'" 1 
ATOM   290 N N1    . C   A 1 14 ? 10.833  -0.826  -4.721  1.00 124.79 ? 15  C   A N1    1 
ATOM   291 C C2    . C   A 1 14 ? 10.432  -1.589  -3.620  1.00 124.52 ? 15  C   A C2    1 
ATOM   292 O O2    . C   A 1 14 ? 11.210  -1.739  -2.659  1.00 120.16 ? 15  C   A O2    1 
ATOM   293 N N3    . C   A 1 14 ? 9.193   -2.150  -3.650  1.00 124.14 ? 15  C   A N3    1 
ATOM   294 C C4    . C   A 1 14 ? 8.377   -1.970  -4.698  1.00 120.68 ? 15  C   A C4    1 
ATOM   295 N N4    . C   A 1 14 ? 7.170   -2.540  -4.686  1.00 119.59 ? 15  C   A N4    1 
ATOM   296 C C5    . C   A 1 14 ? 8.770   -1.196  -5.819  1.00 124.66 ? 15  C   A C5    1 
ATOM   297 C C6    . C   A 1 14 ? 9.984   -0.648  -5.772  1.00 125.49 ? 15  C   A C6    1 
ATOM   298 P P     . G   A 1 15 ? 14.906  -3.211  -7.145  1.00 145.45 ? 16  G   A P     1 
ATOM   299 O OP1   . G   A 1 15 ? 16.188  -3.366  -7.880  1.00 146.67 ? 16  G   A OP1   1 
ATOM   300 O OP2   . G   A 1 15 ? 13.638  -3.643  -7.787  1.00 137.44 ? 16  G   A OP2   1 
ATOM   301 O "O5'" . G   A 1 15 ? 14.990  -3.911  -5.717  1.00 138.85 ? 16  G   A "O5'" 1 
ATOM   302 C "C5'" . G   A 1 15 ? 15.868  -3.422  -4.714  1.00 141.18 ? 16  G   A "C5'" 1 
ATOM   303 C "C4'" . G   A 1 15 ? 15.578  -4.062  -3.383  1.00 139.58 ? 16  G   A "C4'" 1 
ATOM   304 O "O4'" . G   A 1 15 ? 14.346  -3.529  -2.833  1.00 136.44 ? 16  G   A "O4'" 1 
ATOM   305 C "C3'" . G   A 1 15 ? 15.329  -5.554  -3.431  1.00 145.26 ? 16  G   A "C3'" 1 
ATOM   306 O "O3'" . G   A 1 15 ? 16.507  -6.321  -3.528  1.00 153.88 ? 16  G   A "O3'" 1 
ATOM   307 C "C2'" . G   A 1 15 ? 14.524  -5.798  -2.169  1.00 142.26 ? 16  G   A "C2'" 1 
ATOM   308 O "O2'" . G   A 1 15 ? 15.373  -5.774  -1.031  1.00 142.97 ? 16  G   A "O2'" 1 
ATOM   309 C "C1'" . G   A 1 15 ? 13.639  -4.552  -2.159  1.00 135.64 ? 16  G   A "C1'" 1 
ATOM   310 N N9    . G   A 1 15 ? 12.368  -4.785  -2.880  1.00 130.27 ? 16  G   A N9    1 
ATOM   311 C C8    . G   A 1 15 ? 12.101  -4.432  -4.181  1.00 127.95 ? 16  G   A C8    1 
ATOM   312 N N7    . G   A 1 15 ? 10.895  -4.756  -4.569  1.00 121.53 ? 16  G   A N7    1 
ATOM   313 C C5    . G   A 1 15 ? 10.311  -5.370  -3.464  1.00 121.49 ? 16  G   A C5    1 
ATOM   314 C C6    . G   A 1 15 ? 9.007   -5.934  -3.279  1.00 121.53 ? 16  G   A C6    1 
ATOM   315 O O6    . G   A 1 15 ? 8.058   -6.019  -4.069  1.00 121.45 ? 16  G   A O6    1 
ATOM   316 N N1    . G   A 1 15 ? 8.835   -6.451  -2.001  1.00 121.72 ? 16  G   A N1    1 
ATOM   317 C C2    . G   A 1 15 ? 9.792   -6.430  -1.015  1.00 124.03 ? 16  G   A C2    1 
ATOM   318 N N2    . G   A 1 15 ? 9.429   -6.977  0.158   1.00 121.56 ? 16  G   A N2    1 
ATOM   319 N N3    . G   A 1 15 ? 11.010  -5.910  -1.170  1.00 130.09 ? 16  G   A N3    1 
ATOM   320 C C4    . G   A 1 15 ? 11.212  -5.397  -2.411  1.00 128.01 ? 16  G   A C4    1 
ATOM   321 P P     . A   A 1 16 ? 16.610  -7.384  -4.723  1.00 167.58 ? 17  A   A P     1 
ATOM   322 O OP1   . A   A 1 16 ? 16.411  -6.659  -6.005  1.00 154.14 ? 17  A   A OP1   1 
ATOM   323 O OP2   . A   A 1 16 ? 15.700  -8.509  -4.379  1.00 153.66 ? 17  A   A OP2   1 
ATOM   324 O "O5'" . A   A 1 16 ? 18.119  -7.885  -4.674  1.00 165.46 ? 17  A   A "O5'" 1 
ATOM   325 C "C5'" . A   A 1 16 ? 18.703  -8.299  -3.450  1.00 160.63 ? 17  A   A "C5'" 1 
ATOM   326 C "C4'" . A   A 1 16 ? 18.333  -9.718  -3.103  1.00 156.33 ? 17  A   A "C4'" 1 
ATOM   327 O "O4'" . A   A 1 16 ? 19.522  -10.364 -2.600  1.00 150.81 ? 17  A   A "O4'" 1 
ATOM   328 C "C3'" . A   A 1 16 ? 17.301  -9.850  -1.995  1.00 156.16 ? 17  A   A "C3'" 1 
ATOM   329 O "O3'" . A   A 1 16 ? 16.684  -11.137 -2.095  1.00 155.16 ? 17  A   A "O3'" 1 
ATOM   330 C "C2'" . A   A 1 16 ? 18.176  -9.764  -0.751  1.00 154.19 ? 17  A   A "C2'" 1 
ATOM   331 O "O2'" . A   A 1 16 ? 17.625  -10.308 0.432   1.00 154.89 ? 17  A   A "O2'" 1 
ATOM   332 C "C1'" . A   A 1 16 ? 19.429  -10.515 -1.196  1.00 151.66 ? 17  A   A "C1'" 1 
ATOM   333 N N9    . A   A 1 16 ? 20.608  -9.897  -0.681  1.00 151.81 ? 17  A   A N9    1 
ATOM   334 C C8    . A   A 1 16 ? 20.760  -8.649  -0.151  1.00 154.13 ? 17  A   A C8    1 
ATOM   335 N N7    . A   A 1 16 ? 21.987  -8.379  0.210   1.00 153.82 ? 17  A   A N7    1 
ATOM   336 C C5    . A   A 1 16 ? 22.690  -9.528  -0.101  1.00 152.25 ? 17  A   A C5    1 
ATOM   337 C C6    . A   A 1 16 ? 24.037  -9.872  0.047   1.00 154.21 ? 17  A   A C6    1 
ATOM   338 N N6    . A   A 1 16 ? 24.948  -9.043  0.569   1.00 153.05 ? 17  A   A N6    1 
ATOM   339 N N1    . A   A 1 16 ? 24.426  -11.100 -0.357  1.00 159.14 ? 17  A   A N1    1 
ATOM   340 C C2    . A   A 1 16 ? 23.504  -11.919 -0.878  1.00 157.14 ? 17  A   A C2    1 
ATOM   341 N N3    . A   A 1 16 ? 22.203  -11.710 -1.074  1.00 150.81 ? 17  A   A N3    1 
ATOM   342 C C4    . A   A 1 16 ? 21.852  -10.482 -0.658  1.00 152.21 ? 17  A   A C4    1 
ATOM   343 P P     . A   A 1 17 ? 15.404  -11.536 -1.199  1.00 156.14 ? 18  A   A P     1 
ATOM   344 O OP1   . A   A 1 17 ? 14.355  -12.112 -2.076  1.00 149.41 ? 18  A   A OP1   1 
ATOM   345 O OP2   . A   A 1 17 ? 15.060  -10.417 -0.281  1.00 157.42 ? 18  A   A OP2   1 
ATOM   346 O "O5'" . A   A 1 17 ? 15.945  -12.748 -0.332  1.00 144.83 ? 18  A   A "O5'" 1 
ATOM   347 C "C5'" . A   A 1 17 ? 16.013  -14.061 -0.876  1.00 147.32 ? 18  A   A "C5'" 1 
ATOM   348 C "C4'" . A   A 1 17 ? 15.885  -15.097 0.208   1.00 146.22 ? 18  A   A "C4'" 1 
ATOM   349 O "O4'" . A   A 1 17 ? 16.985  -14.934 1.145   1.00 152.26 ? 18  A   A "O4'" 1 
ATOM   350 C "C3'" . A   A 1 17 ? 14.618  -14.981 1.041   1.00 140.48 ? 18  A   A "C3'" 1 
ATOM   351 O "O3'" . A   A 1 17 ? 14.342  -16.263 1.594   1.00 138.14 ? 18  A   A "O3'" 1 
ATOM   352 C "C2'" . A   A 1 17 ? 15.063  -14.054 2.160   1.00 144.64 ? 18  A   A "C2'" 1 
ATOM   353 O "O2'" . A   A 1 17 ? 14.240  -14.086 3.305   1.00 143.25 ? 18  A   A "O2'" 1 
ATOM   354 C "C1'" . A   A 1 17 ? 16.469  -14.591 2.421   1.00 152.29 ? 18  A   A "C1'" 1 
ATOM   355 N N9    . A   A 1 17 ? 17.400  -13.653 3.066   1.00 155.86 ? 18  A   A N9    1 
ATOM   356 C C8    . A   A 1 17 ? 17.355  -12.281 3.147   1.00 152.78 ? 18  A   A C8    1 
ATOM   357 N N7    . A   A 1 17 ? 18.365  -11.761 3.810   1.00 149.81 ? 18  A   A N7    1 
ATOM   358 C C5    . A   A 1 17 ? 19.125  -12.861 4.191   1.00 155.56 ? 18  A   A C5    1 
ATOM   359 C C6    . A   A 1 17 ? 20.323  -12.996 4.917   1.00 157.23 ? 18  A   A C6    1 
ATOM   360 N N6    . A   A 1 17 ? 20.994  -11.958 5.416   1.00 157.09 ? 18  A   A N6    1 
ATOM   361 N N1    . A   A 1 17 ? 20.823  -14.238 5.118   1.00 152.75 ? 18  A   A N1    1 
ATOM   362 C C2    . A   A 1 17 ? 20.154  -15.283 4.618   1.00 149.99 ? 18  A   A C2    1 
ATOM   363 N N3    . A   A 1 17 ? 19.018  -15.284 3.920   1.00 154.35 ? 18  A   A N3    1 
ATOM   364 C C4    . A   A 1 17 ? 18.547  -14.031 3.738   1.00 158.14 ? 18  A   A C4    1 
ATOM   365 P P     . G   A 1 18 ? 13.166  -17.168 0.986   1.00 137.68 ? 19  G   A P     1 
ATOM   366 O OP1   . G   A 1 18 ? 13.235  -18.532 1.583   1.00 118.37 ? 19  G   A OP1   1 
ATOM   367 O OP2   . G   A 1 18 ? 13.182  -16.982 -0.493  1.00 123.66 ? 19  G   A OP2   1 
ATOM   368 O "O5'" . G   A 1 18 ? 11.858  -16.516 1.612   1.00 123.51 ? 19  G   A "O5'" 1 
ATOM   369 C "C5'" . G   A 1 18 ? 11.488  -16.805 2.949   1.00 120.94 ? 19  G   A "C5'" 1 
ATOM   370 C "C4'" . G   A 1 18 ? 9.998   -16.937 3.062   1.00 109.41 ? 19  G   A "C4'" 1 
ATOM   371 O "O4'" . G   A 1 18 ? 9.390   -15.648 2.810   1.00 110.74 ? 19  G   A "O4'" 1 
ATOM   372 C "C3'" . G   A 1 18 ? 9.372   -17.849 2.028   1.00 105.18 ? 19  G   A "C3'" 1 
ATOM   373 O "O3'" . G   A 1 18 ? 9.415   -19.203 2.418   1.00 103.61 ? 19  G   A "O3'" 1 
ATOM   374 C "C2'" . G   A 1 18 ? 7.969   -17.294 1.892   1.00 104.59 ? 19  G   A "C2'" 1 
ATOM   375 O "O2'" . G   A 1 18 ? 7.187   -17.678 3.011   1.00 105.03 ? 19  G   A "O2'" 1 
ATOM   376 C "C1'" . G   A 1 18 ? 8.241   -15.803 2.010   1.00 107.13 ? 19  G   A "C1'" 1 
ATOM   377 N N9    . G   A 1 18 ? 8.496   -15.154 0.707   1.00 101.60 ? 19  G   A N9    1 
ATOM   378 C C8    . G   A 1 18 ? 9.688   -14.632 0.261   1.00 102.04 ? 19  G   A C8    1 
ATOM   379 N N7    . G   A 1 18 ? 9.608   -14.084 -0.921  1.00 97.36  ? 19  G   A N7    1 
ATOM   380 C C5    . G   A 1 18 ? 8.278   -14.248 -1.273  1.00 92.36  ? 19  G   A C5    1 
ATOM   381 C C6    . G   A 1 18 ? 7.592   -13.857 -2.447  1.00 91.53  ? 19  G   A C6    1 
ATOM   382 O O6    . G   A 1 18 ? 8.023   -13.281 -3.448  1.00 93.07  ? 19  G   A O6    1 
ATOM   383 N N1    . G   A 1 18 ? 6.259   -14.222 -2.398  1.00 90.64  ? 19  G   A N1    1 
ATOM   384 C C2    . G   A 1 18 ? 5.671   -14.877 -1.347  1.00 93.69  ? 19  G   A C2    1 
ATOM   385 N N2    . G   A 1 18 ? 4.365   -15.134 -1.485  1.00 90.48  ? 19  G   A N2    1 
ATOM   386 N N3    . G   A 1 18 ? 6.293   -15.245 -0.240  1.00 93.45  ? 19  G   A N3    1 
ATOM   387 C C4    . G   A 1 18 ? 7.585   -14.899 -0.278  1.00 93.75  ? 19  G   A C4    1 
ATOM   388 P P     . U   A 1 19 ? 9.913   -20.310 1.377   1.00 109.03 ? 20  U   A P     1 
ATOM   389 O OP1   . U   A 1 19 ? 10.509  -21.416 2.161   1.00 120.25 ? 20  U   A OP1   1 
ATOM   390 O OP2   . U   A 1 19 ? 10.738  -19.657 0.338   1.00 104.44 ? 20  U   A OP2   1 
ATOM   391 O "O5'" . U   A 1 19 ? 8.559   -20.825 0.729   1.00 94.21  ? 20  U   A "O5'" 1 
ATOM   392 C "C5'" . U   A 1 19 ? 7.356   -20.747 1.469   1.00 92.97  ? 20  U   A "C5'" 1 
ATOM   393 C "C4'" . U   A 1 19 ? 6.165   -20.614 0.558   1.00 97.65  ? 20  U   A "C4'" 1 
ATOM   394 O "O4'" . U   A 1 19 ? 5.973   -19.241 0.155   1.00 94.25  ? 20  U   A "O4'" 1 
ATOM   395 C "C3'" . U   A 1 19 ? 6.270   -21.345 -0.759  1.00 95.97  ? 20  U   A "C3'" 1 
ATOM   396 O "O3'" . U   A 1 19 ? 6.069   -22.730 -0.649  1.00 97.09  ? 20  U   A "O3'" 1 
ATOM   397 C "C2'" . U   A 1 19 ? 5.228   -20.646 -1.610  1.00 92.94  ? 20  U   A "C2'" 1 
ATOM   398 O "O2'" . U   A 1 19 ? 3.929   -21.110 -1.279  1.00 97.16  ? 20  U   A "O2'" 1 
ATOM   399 C "C1'" . U   A 1 19 ? 5.361   -19.209 -1.120  1.00 91.89  ? 20  U   A "C1'" 1 
ATOM   400 N N1    . U   A 1 19 ? 6.146   -18.346 -2.027  1.00 91.30  ? 20  U   A N1    1 
ATOM   401 C C2    . U   A 1 19 ? 5.447   -17.736 -3.066  1.00 90.16  ? 20  U   A C2    1 
ATOM   402 O O2    . U   A 1 19 ? 4.265   -17.901 -3.286  1.00 85.96  ? 20  U   A O2    1 
ATOM   403 N N3    . U   A 1 19 ? 6.170   -16.910 -3.868  1.00 86.98  ? 20  U   A N3    1 
ATOM   404 C C4    . U   A 1 19 ? 7.509   -16.642 -3.732  1.00 94.39  ? 20  U   A C4    1 
ATOM   405 O O4    . U   A 1 19 ? 8.011   -15.871 -4.558  1.00 91.25  ? 20  U   A O4    1 
ATOM   406 C C5    . U   A 1 19 ? 8.174   -17.309 -2.635  1.00 93.17  ? 20  U   A C5    1 
ATOM   407 C C6    . U   A 1 19 ? 7.482   -18.114 -1.827  1.00 90.27  ? 20  U   A C6    1 
ATOM   408 P P     . C   A 1 20 ? 6.913   -23.660 -1.625  1.00 105.68 ? 21  C   A P     1 
ATOM   409 O OP1   . C   A 1 20 ? 6.733   -25.058 -1.173  1.00 112.90 ? 21  C   A OP1   1 
ATOM   410 O OP2   . C   A 1 20 ? 8.277   -23.071 -1.717  1.00 100.87 ? 21  C   A OP2   1 
ATOM   411 O "O5'" . C   A 1 20 ? 6.175   -23.484 -3.016  1.00 85.89  ? 21  C   A "O5'" 1 
ATOM   412 C "C5'" . C   A 1 20 ? 4.908   -24.072 -3.203  1.00 89.10  ? 21  C   A "C5'" 1 
ATOM   413 C "C4'" . C   A 1 20 ? 4.193   -23.464 -4.372  1.00 96.03  ? 21  C   A "C4'" 1 
ATOM   414 O "O4'" . C   A 1 20 ? 4.142   -22.025 -4.210  1.00 94.78  ? 21  C   A "O4'" 1 
ATOM   415 C "C3'" . C   A 1 20 ? 4.834   -23.664 -5.738  1.00 94.35  ? 21  C   A "C3'" 1 
ATOM   416 O "O3'" . C   A 1 20 ? 4.536   -24.944 -6.285  1.00 87.79  ? 21  C   A "O3'" 1 
ATOM   417 C "C2'" . C   A 1 20 ? 4.261   -22.495 -6.529  1.00 94.33  ? 21  C   A "C2'" 1 
ATOM   418 O "O2'" . C   A 1 20 ? 2.946   -22.778 -6.972  1.00 95.87  ? 21  C   A "O2'" 1 
ATOM   419 C "C1'" . C   A 1 20 ? 4.187   -21.402 -5.468  1.00 89.02  ? 21  C   A "C1'" 1 
ATOM   420 N N1    . C   A 1 20 ? 5.368   -20.583 -5.530  1.00 86.27  ? 21  C   A N1    1 
ATOM   421 C C2    . C   A 1 20 ? 5.385   -19.570 -6.494  1.00 88.39  ? 21  C   A C2    1 
ATOM   422 O O2    . C   A 1 20 ? 4.386   -19.416 -7.220  1.00 89.40  ? 21  C   A O2    1 
ATOM   423 N N3    . C   A 1 20 ? 6.484   -18.792 -6.607  1.00 86.76  ? 21  C   A N3    1 
ATOM   424 C C4    . C   A 1 20 ? 7.535   -19.000 -5.811  1.00 86.77  ? 21  C   A C4    1 
ATOM   425 N N4    . C   A 1 20 ? 8.592   -18.200 -5.955  1.00 91.05  ? 21  C   A N4    1 
ATOM   426 C C5    . C   A 1 20 ? 7.543   -20.036 -4.834  1.00 85.88  ? 21  C   A C5    1 
ATOM   427 C C6    . C   A 1 20 ? 6.454   -20.792 -4.729  1.00 86.35  ? 21  C   A C6    1 
ATOM   428 P P     . G   A 1 21 ? 5.026   -25.405 -7.751  1.00 102.16 ? 22  G   A P     1 
ATOM   429 O OP1   . G   A 1 21 ? 4.240   -26.597 -8.159  1.00 97.34  ? 22  G   A OP1   1 
ATOM   430 O OP2   . G   A 1 21 ? 6.509   -25.480 -7.795  1.00 102.70 ? 22  G   A OP2   1 
ATOM   431 O "O5'" . G   A 1 21 ? 4.536   -24.246 -8.720  1.00 95.89  ? 22  G   A "O5'" 1 
ATOM   432 C "C5'" . G   A 1 21 ? 3.471   -24.452 -9.621  1.00 92.22  ? 22  G   A "C5'" 1 
ATOM   433 C "C4'" . G   A 1 21 ? 3.711   -23.645 -10.855 1.00 91.99  ? 22  G   A "C4'" 1 
ATOM   434 O "O4'" . G   A 1 21 ? 4.262   -22.373 -10.463 1.00 91.21  ? 22  G   A "O4'" 1 
ATOM   435 C "C3'" . G   A 1 21 ? 4.749   -24.198 -11.814 1.00 94.50  ? 22  G   A "C3'" 1 
ATOM   436 O "O3'" . G   A 1 21 ? 4.234   -25.196 -12.670 1.00 98.28  ? 22  G   A "O3'" 1 
ATOM   437 C "C2'" . G   A 1 21 ? 5.205   -22.959 -12.570 1.00 99.39  ? 22  G   A "C2'" 1 
ATOM   438 O "O2'" . G   A 1 21 ? 4.321   -22.687 -13.647 1.00 103.19 ? 22  G   A "O2'" 1 
ATOM   439 C "C1'" . G   A 1 21 ? 5.046   -21.859 -11.517 1.00 96.13  ? 22  G   A "C1'" 1 
ATOM   440 N N9    . G   A 1 21 ? 6.334   -21.362 -10.997 1.00 88.60  ? 22  G   A N9    1 
ATOM   441 C C8    . G   A 1 21 ? 6.853   -21.570 -9.749  1.00 87.35  ? 22  G   A C8    1 
ATOM   442 N N7    . G   A 1 21 ? 8.012   -20.985 -9.590  1.00 86.10  ? 22  G   A N7    1 
ATOM   443 C C5    . G   A 1 21 ? 8.268   -20.345 -10.798 1.00 86.18  ? 22  G   A C5    1 
ATOM   444 C C6    . G   A 1 21 ? 9.372   -19.544 -11.210 1.00 87.95  ? 22  G   A C6    1 
ATOM   445 O O6    . G   A 1 21 ? 10.385  -19.231 -10.573 1.00 87.02  ? 22  G   A O6    1 
ATOM   446 N N1    . G   A 1 21 ? 9.227   -19.082 -12.511 1.00 89.53  ? 22  G   A N1    1 
ATOM   447 C C2    . G   A 1 21 ? 8.158   -19.353 -13.323 1.00 92.33  ? 22  G   A C2    1 
ATOM   448 N N2    . G   A 1 21 ? 8.218   -18.817 -14.552 1.00 89.34  ? 22  G   A N2    1 
ATOM   449 N N3    . G   A 1 21 ? 7.119   -20.091 -12.946 1.00 90.51  ? 22  G   A N3    1 
ATOM   450 C C4    . G   A 1 21 ? 7.234   -20.558 -11.680 1.00 88.59  ? 22  G   A C4    1 
ATOM   451 P P     . C   A 1 22 ? 5.249   -26.232 -13.342 1.00 109.54 ? 23  C   A P     1 
ATOM   452 O OP1   . C   A 1 22 ? 4.525   -27.207 -14.196 1.00 108.31 ? 23  C   A OP1   1 
ATOM   453 O OP2   . C   A 1 22 ? 6.041   -26.746 -12.194 1.00 102.34 ? 23  C   A OP2   1 
ATOM   454 O "O5'" . C   A 1 22 ? 6.164   -25.312 -14.276 1.00 105.71 ? 23  C   A "O5'" 1 
ATOM   455 C "C5'" . C   A 1 22 ? 5.673   -24.741 -15.487 1.00 100.76 ? 23  C   A "C5'" 1 
ATOM   456 C "C4'" . C   A 1 22 ? 6.750   -23.978 -16.236 1.00 103.43 ? 23  C   A "C4'" 1 
ATOM   457 O "O4'" . C   A 1 22 ? 7.286   -22.916 -15.409 1.00 94.18  ? 23  C   A "O4'" 1 
ATOM   458 C "C3'" . C   A 1 22 ? 7.990   -24.757 -16.655 1.00 106.44 ? 23  C   A "C3'" 1 
ATOM   459 O "O3'" . C   A 1 22 ? 7.783   -25.554 -17.807 1.00 109.90 ? 23  C   A "O3'" 1 
ATOM   460 C "C2'" . C   A 1 22 ? 9.027   -23.654 -16.863 1.00 98.37  ? 23  C   A "C2'" 1 
ATOM   461 O "O2'" . C   A 1 22 ? 8.871   -23.060 -18.141 1.00 110.58 ? 23  C   A "O2'" 1 
ATOM   462 C "C1'" . C   A 1 22 ? 8.612   -22.624 -15.808 1.00 90.67  ? 23  C   A "C1'" 1 
ATOM   463 N N1    . C   A 1 22 ? 9.506   -22.607 -14.626 1.00 86.67  ? 23  C   A N1    1 
ATOM   464 C C2    . C   A 1 22 ? 10.735  -21.927 -14.683 1.00 89.91  ? 23  C   A C2    1 
ATOM   465 O O2    . C   A 1 22 ? 11.060  -21.355 -15.731 1.00 87.88  ? 23  C   A O2    1 
ATOM   466 N N3    . C   A 1 22 ? 11.551  -21.907 -13.600 1.00 85.38  ? 23  C   A N3    1 
ATOM   467 C C4    . C   A 1 22 ? 11.175  -22.540 -12.485 1.00 88.84  ? 23  C   A C4    1 
ATOM   468 N N4    . C   A 1 22 ? 11.986  -22.516 -11.425 1.00 87.35  ? 23  C   A N4    1 
ATOM   469 C C5    . C   A 1 22 ? 9.937   -23.235 -12.392 1.00 91.22  ? 23  C   A C5    1 
ATOM   470 C C6    . C   A 1 22 ? 9.140   -23.235 -13.472 1.00 90.75  ? 23  C   A C6    1 
ATOM   471 P P     . G   B 1 2  ? 20.592  -16.265 -10.797 1.00 117.13 ? 26  G   B P     1 
ATOM   472 O OP1   . G   B 1 2  ? 20.607  -17.748 -10.975 1.00 101.45 ? 26  G   B OP1   1 
ATOM   473 O OP2   . G   B 1 2  ? 20.446  -15.625 -9.452  1.00 110.75 ? 26  G   B OP2   1 
ATOM   474 O "O5'" . G   B 1 2  ? 19.478  -15.653 -11.762 1.00 100.29 ? 26  G   B "O5'" 1 
ATOM   475 C "C5'" . G   B 1 2  ? 19.856  -14.878 -12.889 1.00 100.09 ? 26  G   B "C5'" 1 
ATOM   476 C "C4'" . G   B 1 2  ? 19.080  -15.262 -14.121 1.00 95.56  ? 26  G   B "C4'" 1 
ATOM   477 O "O4'" . G   B 1 2  ? 18.993  -16.708 -14.228 1.00 96.48  ? 26  G   B "O4'" 1 
ATOM   478 C "C3'" . G   B 1 2  ? 17.636  -14.808 -14.137 1.00 92.69  ? 26  G   B "C3'" 1 
ATOM   479 O "O3'" . G   B 1 2  ? 17.486  -13.459 -14.527 1.00 97.29  ? 26  G   B "O3'" 1 
ATOM   480 C "C2'" . G   B 1 2  ? 16.986  -15.788 -15.097 1.00 90.06  ? 26  G   B "C2'" 1 
ATOM   481 O "O2'" . G   B 1 2  ? 17.273  -15.426 -16.430 1.00 87.28  ? 26  G   B "O2'" 1 
ATOM   482 C "C1'" . G   B 1 2  ? 17.744  -17.074 -14.774 1.00 95.28  ? 26  G   B "C1'" 1 
ATOM   483 N N9    . G   B 1 2  ? 17.021  -17.891 -13.784 1.00 93.96  ? 26  G   B N9    1 
ATOM   484 C C8    . G   B 1 2  ? 17.444  -18.146 -12.506 1.00 92.48  ? 26  G   B C8    1 
ATOM   485 N N7    . G   B 1 2  ? 16.593  -18.891 -11.852 1.00 93.90  ? 26  G   B N7    1 
ATOM   486 C C5    . G   B 1 2  ? 15.552  -19.146 -12.740 1.00 90.13  ? 26  G   B C5    1 
ATOM   487 C C6    . G   B 1 2  ? 14.357  -19.904 -12.581 1.00 85.30  ? 26  G   B C6    1 
ATOM   488 O O6    . G   B 1 2  ? 13.968  -20.521 -11.584 1.00 85.33  ? 26  G   B O6    1 
ATOM   489 N N1    . G   B 1 2  ? 13.577  -19.909 -13.726 1.00 79.26  ? 26  G   B N1    1 
ATOM   490 C C2    . G   B 1 2  ? 13.901  -19.259 -14.885 1.00 84.88  ? 26  G   B C2    1 
ATOM   491 N N2    . G   B 1 2  ? 13.023  -19.369 -15.896 1.00 84.50  ? 26  G   B N2    1 
ATOM   492 N N3    . G   B 1 2  ? 15.010  -18.548 -15.045 1.00 87.75  ? 26  G   B N3    1 
ATOM   493 C C4    . G   B 1 2  ? 15.799  -18.534 -13.944 1.00 89.28  ? 26  G   B C4    1 
ATOM   494 P P     . C   B 1 3  ? 16.360  -12.551 -13.829 1.00 112.46 ? 27  C   B P     1 
ATOM   495 O OP1   . C   B 1 3  ? 16.666  -11.136 -14.120 1.00 101.24 ? 27  C   B OP1   1 
ATOM   496 O OP2   . C   B 1 3  ? 16.279  -12.999 -12.413 1.00 97.16  ? 27  C   B OP2   1 
ATOM   497 O "O5'" . C   B 1 3  ? 15.009  -12.909 -14.603 1.00 92.40  ? 27  C   B "O5'" 1 
ATOM   498 C "C5'" . C   B 1 3  ? 14.840  -12.597 -15.979 1.00 87.71  ? 27  C   B "C5'" 1 
ATOM   499 C "C4'" . C   B 1 3  ? 13.628  -13.289 -16.550 1.00 91.50  ? 27  C   B "C4'" 1 
ATOM   500 O "O4'" . C   B 1 3  ? 13.738  -14.724 -16.344 1.00 102.45 ? 27  C   B "O4'" 1 
ATOM   501 C "C3'" . C   B 1 3  ? 12.313  -12.927 -15.894 1.00 91.27  ? 27  C   B "C3'" 1 
ATOM   502 O "O3'" . C   B 1 3  ? 11.765  -11.723 -16.381 1.00 96.79  ? 27  C   B "O3'" 1 
ATOM   503 C "C2'" . C   B 1 3  ? 11.435  -14.140 -16.163 1.00 97.23  ? 27  C   B "C2'" 1 
ATOM   504 O "O2'" . C   B 1 3  ? 10.833  -14.048 -17.443 1.00 98.91  ? 27  C   B "O2'" 1 
ATOM   505 C "C1'" . C   B 1 3  ? 12.453  -15.285 -16.141 1.00 99.24  ? 27  C   B "C1'" 1 
ATOM   506 N N1    . C   B 1 3  ? 12.444  -16.010 -14.845 1.00 91.90  ? 27  C   B N1    1 
ATOM   507 C C2    . C   B 1 3  ? 11.396  -16.897 -14.528 1.00 85.73  ? 27  C   B C2    1 
ATOM   508 O O2    . C   B 1 3  ? 10.483  -17.082 -15.341 1.00 87.32  ? 27  C   B O2    1 
ATOM   509 N N3    . C   B 1 3  ? 11.398  -17.539 -13.335 1.00 82.20  ? 27  C   B N3    1 
ATOM   510 C C4    . C   B 1 3  ? 12.400  -17.327 -12.476 1.00 84.58  ? 27  C   B C4    1 
ATOM   511 N N4    . C   B 1 3  ? 12.387  -17.972 -11.306 1.00 82.04  ? 27  C   B N4    1 
ATOM   512 C C5    . C   B 1 3  ? 13.471  -16.433 -12.769 1.00 89.09  ? 27  C   B C5    1 
ATOM   513 C C6    . C   B 1 3  ? 13.456  -15.800 -13.950 1.00 92.80  ? 27  C   B C6    1 
ATOM   514 P P     . G   B 1 4  ? 10.652  -10.971 -15.498 1.00 116.72 ? 28  G   B P     1 
ATOM   515 O OP1   . G   B 1 4  ? 10.093  -9.870  -16.337 1.00 103.73 ? 28  G   B OP1   1 
ATOM   516 O OP2   . G   B 1 4  ? 11.275  -10.663 -14.174 1.00 81.59  ? 28  G   B OP2   1 
ATOM   517 O "O5'" . G   B 1 4  ? 9.535   -12.100 -15.291 1.00 107.71 ? 28  G   B "O5'" 1 
ATOM   518 C "C5'" . G   B 1 4  ? 8.415   -11.910 -14.439 1.00 100.41 ? 28  G   B "C5'" 1 
ATOM   519 C "C4'" . G   B 1 4  ? 7.513   -13.123 -14.443 1.00 95.91  ? 28  G   B "C4'" 1 
ATOM   520 O "O4'" . G   B 1 4  ? 8.303   -14.337 -14.273 1.00 92.61  ? 28  G   B "O4'" 1 
ATOM   521 C "C3'" . G   B 1 4  ? 6.473   -13.190 -13.331 1.00 95.16  ? 28  G   B "C3'" 1 
ATOM   522 O "O3'" . G   B 1 4  ? 5.317   -12.405 -13.601 1.00 102.38 ? 28  G   B "O3'" 1 
ATOM   523 C "C2'" . G   B 1 4  ? 6.191   -14.689 -13.240 1.00 94.98  ? 28  G   B "C2'" 1 
ATOM   524 O "O2'" . G   B 1 4  ? 5.320   -15.108 -14.273 1.00 93.49  ? 28  G   B "O2'" 1 
ATOM   525 C "C1'" . G   B 1 4  ? 7.575   -15.284 -13.513 1.00 93.18  ? 28  G   B "C1'" 1 
ATOM   526 N N9    . G   B 1 4  ? 8.297   -15.504 -12.251 1.00 90.48  ? 28  G   B N9    1 
ATOM   527 C C8    . G   B 1 4  ? 9.556   -15.043 -11.970 1.00 87.91  ? 28  G   B C8    1 
ATOM   528 N N7    . G   B 1 4  ? 9.944   -15.354 -10.763 1.00 84.72  ? 28  G   B N7    1 
ATOM   529 C C5    . G   B 1 4  ? 8.879   -16.051 -10.225 1.00 81.68  ? 28  G   B C5    1 
ATOM   530 C C6    . G   B 1 4  ? 8.752   -16.613 -8.948  1.00 80.24  ? 28  G   B C6    1 
ATOM   531 O O6    . G   B 1 4  ? 9.582   -16.596 -8.037  1.00 84.80  ? 28  G   B O6    1 
ATOM   532 N N1    . G   B 1 4  ? 7.529   -17.226 -8.773  1.00 76.53  ? 28  G   B N1    1 
ATOM   533 C C2    . G   B 1 4  ? 6.553   -17.298 -9.716  1.00 83.71  ? 28  G   B C2    1 
ATOM   534 N N2    . G   B 1 4  ? 5.445   -17.946 -9.323  1.00 86.41  ? 28  G   B N2    1 
ATOM   535 N N3    . G   B 1 4  ? 6.660   -16.777 -10.929 1.00 85.84  ? 28  G   B N3    1 
ATOM   536 C C4    . G   B 1 4  ? 7.847   -16.164 -11.120 1.00 86.12  ? 28  G   B C4    1 
ATOM   537 P P     . U   B 1 5  ? 4.803   -11.249 -12.587 1.00 108.48 ? 29  U   B P     1 
ATOM   538 O OP1   . U   B 1 5  ? 3.905   -10.375 -13.390 1.00 105.96 ? 29  U   B OP1   1 
ATOM   539 O OP2   . U   B 1 5  ? 5.915   -10.630 -11.816 1.00 95.05  ? 29  U   B OP2   1 
ATOM   540 O "O5'" . U   B 1 5  ? 3.885   -12.011 -11.537 1.00 96.08  ? 29  U   B "O5'" 1 
ATOM   541 C "C5'" . U   B 1 5  ? 2.566   -12.395 -11.871 1.00 90.87  ? 29  U   B "C5'" 1 
ATOM   542 C "C4'" . U   B 1 5  ? 2.191   -13.646 -11.136 1.00 93.28  ? 29  U   B "C4'" 1 
ATOM   543 O "O4'" . U   B 1 5  ? 3.345   -14.522 -11.054 1.00 91.50  ? 29  U   B "O4'" 1 
ATOM   544 C "C3'" . U   B 1 5  ? 1.796   -13.464 -9.689  1.00 92.00  ? 29  U   B "C3'" 1 
ATOM   545 O "O3'" . U   B 1 5  ? 0.484   -12.997 -9.515  1.00 94.35  ? 29  U   B "O3'" 1 
ATOM   546 C "C2'" . U   B 1 5  ? 2.030   -14.845 -9.116  1.00 90.92  ? 29  U   B "C2'" 1 
ATOM   547 O "O2'" . U   B 1 5  ? 1.001   -15.734 -9.527  1.00 89.73  ? 29  U   B "O2'" 1 
ATOM   548 C "C1'" . U   B 1 5  ? 3.319   -15.229 -9.832  1.00 89.39  ? 29  U   B "C1'" 1 
ATOM   549 N N1    . U   B 1 5  ? 4.529   -14.863 -9.064  1.00 87.96  ? 29  U   B N1    1 
ATOM   550 C C2    . U   B 1 5  ? 4.749   -15.422 -7.807  1.00 89.22  ? 29  U   B C2    1 
ATOM   551 O O2    . U   B 1 5  ? 3.987   -16.200 -7.242  1.00 87.74  ? 29  U   B O2    1 
ATOM   552 N N3    . U   B 1 5  ? 5.918   -15.020 -7.206  1.00 87.80  ? 29  U   B N3    1 
ATOM   553 C C4    . U   B 1 5  ? 6.865   -14.156 -7.719  1.00 87.21  ? 29  U   B C4    1 
ATOM   554 O O4    . U   B 1 5  ? 7.863   -13.897 -7.044  1.00 85.61  ? 29  U   B O4    1 
ATOM   555 C C5    . U   B 1 5  ? 6.573   -13.636 -9.022  1.00 86.01  ? 29  U   B C5    1 
ATOM   556 C C6    . U   B 1 5  ? 5.443   -14.005 -9.635  1.00 86.24  ? 29  U   B C6    1 
ATOM   557 P P     . C   B 1 6  ? 0.273   -11.583 -8.810  1.00 103.51 ? 30  C   B P     1 
ATOM   558 O OP1   . C   B 1 6  ? -0.536  -10.779 -9.775  1.00 97.37  ? 30  C   B OP1   1 
ATOM   559 O OP2   . C   B 1 6  ? 1.586   -11.100 -8.317  1.00 92.50  ? 30  C   B OP2   1 
ATOM   560 O "O5'" . C   B 1 6  ? -0.571  -11.941 -7.524  1.00 91.85  ? 30  C   B "O5'" 1 
ATOM   561 C "C5'" . C   B 1 6  ? -1.240  -13.171 -7.455  1.00 89.61  ? 30  C   B "C5'" 1 
ATOM   562 C "C4'" . C   B 1 6  ? -0.841  -13.898 -6.210  1.00 93.51  ? 30  C   B "C4'" 1 
ATOM   563 O "O4'" . C   B 1 6  ? 0.444   -14.543 -6.383  1.00 97.41  ? 30  C   B "O4'" 1 
ATOM   564 C "C3'" . C   B 1 6  ? -0.614  -13.029 -5.001  1.00 95.67  ? 30  C   B "C3'" 1 
ATOM   565 O "O3'" . C   B 1 6  ? -1.806  -12.587 -4.408  1.00 93.93  ? 30  C   B "O3'" 1 
ATOM   566 C "C2'" . C   B 1 6  ? 0.193   -13.944 -4.115  1.00 91.32  ? 30  C   B "C2'" 1 
ATOM   567 O "O2'" . C   B 1 6  ? -0.636  -14.964 -3.588  1.00 89.11  ? 30  C   B "O2'" 1 
ATOM   568 C "C1'" . C   B 1 6  ? 1.116   -14.583 -5.141  1.00 92.40  ? 30  C   B "C1'" 1 
ATOM   569 N N1    . C   B 1 6  ? 2.406   -13.866 -5.257  1.00 88.77  ? 30  C   B N1    1 
ATOM   570 C C2    . C   B 1 6  ? 3.271   -13.929 -4.167  1.00 89.11  ? 30  C   B C2    1 
ATOM   571 O O2    . C   B 1 6  ? 2.914   -14.561 -3.170  1.00 90.91  ? 30  C   B O2    1 
ATOM   572 N N3    . C   B 1 6  ? 4.470   -13.309 -4.201  1.00 89.18  ? 30  C   B N3    1 
ATOM   573 C C4    . C   B 1 6  ? 4.820   -12.645 -5.295  1.00 89.49  ? 30  C   B C4    1 
ATOM   574 N N4    . C   B 1 6  ? 6.011   -12.048 -5.276  1.00 88.99  ? 30  C   B N4    1 
ATOM   575 C C5    . C   B 1 6  ? 3.965   -12.563 -6.436  1.00 88.05  ? 30  C   B C5    1 
ATOM   576 C C6    . C   B 1 6  ? 2.773   -13.175 -6.375  1.00 87.34  ? 30  C   B C6    1 
HETATM 577 P P     . 1MA B 1 7  ? -1.867  -11.116 -3.796  1.00 95.04  ? 31  1MA B P     1 
HETATM 578 O OP1   . 1MA B 1 7  ? -3.288  -11.044 -3.265  1.00 95.86  ? 31  1MA B OP1   1 
HETATM 579 O OP2   . 1MA B 1 7  ? -1.283  -10.114 -4.809  1.00 89.86  ? 31  1MA B OP2   1 
HETATM 580 O "O5'" . 1MA B 1 7  ? -0.901  -11.197 -2.550  1.00 91.65  ? 31  1MA B "O5'" 1 
HETATM 581 C "C5'" . 1MA B 1 7  ? -1.251  -12.026 -1.463  1.00 93.33  ? 31  1MA B "C5'" 1 
HETATM 582 C "C4'" . 1MA B 1 7  ? -0.031  -12.382 -0.679  1.00 91.71  ? 31  1MA B "C4'" 1 
HETATM 583 O "O4'" . 1MA B 1 7  ? 1.019   -12.759 -1.587  1.00 91.53  ? 31  1MA B "O4'" 1 
HETATM 584 C "C3'" . 1MA B 1 7  ? 0.588   -11.245 0.091   1.00 95.88  ? 31  1MA B "C3'" 1 
HETATM 585 O "O3'" . 1MA B 1 7  ? -0.099  -10.942 1.269   1.00 94.76  ? 31  1MA B "O3'" 1 
HETATM 586 C "C2'" . 1MA B 1 7  ? 1.997   -11.742 0.316   1.00 96.23  ? 31  1MA B "C2'" 1 
HETATM 587 O "O2'" . 1MA B 1 7  ? 2.025   -12.711 1.356   1.00 97.74  ? 31  1MA B "O2'" 1 
HETATM 588 C "C1'" . 1MA B 1 7  ? 2.269   -12.429 -1.020  1.00 94.28  ? 31  1MA B "C1'" 1 
HETATM 589 N N9    . 1MA B 1 7  ? 2.984   -11.552 -1.963  1.00 96.84  ? 31  1MA B N9    1 
HETATM 590 C C8    . 1MA B 1 7  ? 2.792   -10.828 -3.093  1.00 99.00  ? 31  1MA B C8    1 
HETATM 591 N N7    . 1MA B 1 7  ? 3.993   -10.245 -3.409  1.00 98.13  ? 31  1MA B N7    1 
HETATM 592 C C5    . 1MA B 1 7  ? 4.894   -10.632 -2.469  1.00 94.82  ? 31  1MA B C5    1 
HETATM 593 C C6    . 1MA B 1 7  ? 6.355   -10.321 -2.271  1.00 98.53  ? 31  1MA B C6    1 
HETATM 594 N N6    . 1MA B 1 7  ? 7.002   -9.517  -3.141  1.00 106.78 ? 31  1MA B N6    1 
HETATM 595 N N1    . 1MA B 1 7  ? 7.055   -10.870 -1.176  1.00 98.85  ? 31  1MA B N1    1 
HETATM 596 C CM1   . 1MA B 1 7  ? 8.455   -10.575 -0.991  1.00 98.70  ? 31  1MA B CM1   1 
HETATM 597 C C2    . 1MA B 1 7  ? 6.392   -11.707 -0.249  1.00 95.33  ? 31  1MA B C2    1 
HETATM 598 N N3    . 1MA B 1 7  ? 4.992   -11.996 -0.437  1.00 89.19  ? 31  1MA B N3    1 
HETATM 599 C C4    . 1MA B 1 7  ? 4.272   -11.436 -1.576  1.00 91.62  ? 31  1MA B C4    1 
ATOM   600 P P     . C   B 1 8  ? -0.427  -9.418  1.526   1.00 90.94  ? 32  C   B P     1 
ATOM   601 O OP1   . C   B 1 8  ? -1.870  -9.368  1.868   1.00 82.38  ? 32  C   B OP1   1 
ATOM   602 O OP2   . C   B 1 8  ? 0.158   -8.729  0.351   1.00 92.76  ? 32  C   B OP2   1 
ATOM   603 O "O5'" . C   B 1 8  ? 0.528   -9.033  2.732   1.00 97.47  ? 32  C   B "O5'" 1 
ATOM   604 C "C5'" . C   B 1 8  ? 1.105   -10.044 3.537   1.00 96.11  ? 32  C   B "C5'" 1 
ATOM   605 C "C4'" . C   B 1 8  ? 2.559   -9.770  3.802   1.00 95.58  ? 32  C   B "C4'" 1 
ATOM   606 O "O4'" . C   B 1 8  ? 3.356   -10.269 2.702   1.00 97.57  ? 32  C   B "O4'" 1 
ATOM   607 C "C3'" . C   B 1 8  ? 2.975   -8.317  3.882   1.00 103.45 ? 32  C   B "C3'" 1 
ATOM   608 O "O3'" . C   B 1 8  ? 2.627   -7.656  5.076   1.00 106.54 ? 32  C   B "O3'" 1 
ATOM   609 C "C2'" . C   B 1 8  ? 4.469   -8.407  3.642   1.00 101.52 ? 32  C   B "C2'" 1 
ATOM   610 O "O2'" . C   B 1 8  ? 5.125   -8.921  4.792   1.00 102.61 ? 32  C   B "O2'" 1 
ATOM   611 C "C1'" . C   B 1 8  ? 4.507   -9.460  2.545   1.00 98.33  ? 32  C   B "C1'" 1 
ATOM   612 N N1    . C   B 1 8  ? 4.475   -8.838  1.203   1.00 101.74 ? 32  C   B N1    1 
ATOM   613 C C2    . C   B 1 8  ? 5.675   -8.330  0.692   1.00 100.64 ? 32  C   B C2    1 
ATOM   614 O O2    . C   B 1 8  ? 6.700   -8.414  1.370   1.00 98.52  ? 32  C   B O2    1 
ATOM   615 N N3    . C   B 1 8  ? 5.693   -7.750  -0.524  1.00 99.85  ? 32  C   B N3    1 
ATOM   616 C C4    . C   B 1 8  ? 4.558   -7.662  -1.220  1.00 103.73 ? 32  C   B C4    1 
ATOM   617 N N4    . C   B 1 8  ? 4.638   -7.081  -2.414  1.00 106.97 ? 32  C   B N4    1 
ATOM   618 C C5    . C   B 1 8  ? 3.306   -8.162  -0.733  1.00 98.87  ? 32  C   B C5    1 
ATOM   619 C C6    . C   B 1 8  ? 3.310   -8.731  0.479   1.00 96.70  ? 32  C   B C6    1 
ATOM   620 P P     . G   B 1 9  ? 2.181   -6.119  4.977   1.00 114.73 ? 33  G   B P     1 
ATOM   621 O OP1   . G   B 1 9  ? 1.259   -5.808  6.104   1.00 122.15 ? 33  G   B OP1   1 
ATOM   622 O OP2   . G   B 1 9  ? 1.700   -5.895  3.590   1.00 106.08 ? 33  G   B OP2   1 
ATOM   623 O "O5'" . G   B 1 9  ? 3.555   -5.329  5.111   1.00 99.19  ? 33  G   B "O5'" 1 
ATOM   624 C "C5'" . G   B 1 9  ? 4.550   -5.759  6.017   1.00 100.71 ? 33  G   B "C5'" 1 
ATOM   625 C "C4'" . G   B 1 9  ? 5.915   -5.361  5.537   1.00 106.28 ? 33  G   B "C4'" 1 
ATOM   626 O "O4'" . G   B 1 9  ? 6.195   -6.012  4.276   1.00 107.24 ? 33  G   B "O4'" 1 
ATOM   627 C "C3'" . G   B 1 9  ? 6.121   -3.891  5.230   1.00 110.57 ? 33  G   B "C3'" 1 
ATOM   628 O "O3'" . G   B 1 9  ? 6.324   -3.105  6.397   1.00 120.30 ? 33  G   B "O3'" 1 
ATOM   629 C "C2'" . G   B 1 9  ? 7.325   -3.926  4.294   1.00 110.19 ? 33  G   B "C2'" 1 
ATOM   630 O "O2'" . G   B 1 9  ? 8.524   -4.111  5.029   1.00 109.70 ? 33  G   B "O2'" 1 
ATOM   631 C "C1'" . G   B 1 9  ? 7.059   -5.206  3.504   1.00 107.98 ? 33  G   B "C1'" 1 
ATOM   632 N N9    . G   B 1 9  ? 6.438   -4.935  2.195   1.00 110.57 ? 33  G   B N9    1 
ATOM   633 C C8    . G   B 1 9  ? 5.174   -5.282  1.787   1.00 108.68 ? 33  G   B C8    1 
ATOM   634 N N7    . G   B 1 9  ? 4.898   -4.912  0.566   1.00 105.50 ? 33  G   B N7    1 
ATOM   635 C C5    . G   B 1 9  ? 6.051   -4.280  0.138   1.00 107.58 ? 33  G   B C5    1 
ATOM   636 C C6    . G   B 1 9  ? 6.334   -3.668  -1.108  1.00 111.51 ? 33  G   B C6    1 
ATOM   637 O O6    . G   B 1 9  ? 5.610   -3.562  -2.107  1.00 110.47 ? 33  G   B O6    1 
ATOM   638 N N1    . G   B 1 9  ? 7.616   -3.142  -1.125  1.00 113.34 ? 33  G   B N1    1 
ATOM   639 C C2    . G   B 1 9  ? 8.504   -3.198  -0.082  1.00 115.42 ? 33  G   B C2    1 
ATOM   640 N N2    . G   B 1 9  ? 9.691   -2.622  -0.323  1.00 127.21 ? 33  G   B N2    1 
ATOM   641 N N3    . G   B 1 9  ? 8.254   -3.767  1.090   1.00 110.22 ? 33  G   B N3    1 
ATOM   642 C C4    . G   B 1 9  ? 7.012   -4.285  1.128   1.00 109.86 ? 33  G   B C4    1 
ATOM   643 P P     . U   B 1 10 ? 5.524   -1.722  6.622   1.00 118.45 ? 34  U   B P     1 
ATOM   644 O OP1   . U   B 1 10 ? 5.649   -1.351  8.053   1.00 112.86 ? 34  U   B OP1   1 
ATOM   645 O OP2   . U   B 1 10 ? 4.185   -1.818  5.984   1.00 116.70 ? 34  U   B OP2   1 
ATOM   646 O "O5'" . U   B 1 10 ? 6.399   -0.643  5.864   1.00 105.87 ? 34  U   B "O5'" 1 
ATOM   647 C "C5'" . U   B 1 10 ? 7.754   -0.460  6.226   1.00 103.19 ? 34  U   B "C5'" 1 
ATOM   648 C "C4'" . U   B 1 10 ? 8.515   0.181   5.103   1.00 105.47 ? 34  U   B "C4'" 1 
ATOM   649 O "O4'" . U   B 1 10 ? 8.608   -0.730  3.975   1.00 109.71 ? 34  U   B "O4'" 1 
ATOM   650 C "C3'" . U   B 1 10 ? 7.866   1.397   4.484   1.00 107.41 ? 34  U   B "C3'" 1 
ATOM   651 O "O3'" . U   B 1 10 ? 7.937   2.571   5.257   1.00 107.13 ? 34  U   B "O3'" 1 
ATOM   652 C "C2'" . U   B 1 10 ? 8.584   1.475   3.154   1.00 102.23 ? 34  U   B "C2'" 1 
ATOM   653 O "O2'" . U   B 1 10 ? 9.931   1.864   3.354   1.00 101.71 ? 34  U   B "O2'" 1 
ATOM   654 C "C1'" . U   B 1 10 ? 8.587   0.012   2.768   1.00 102.88 ? 34  U   B "C1'" 1 
ATOM   655 N N1    . U   B 1 10 ? 7.362   -0.321  2.016   1.00 103.82 ? 34  U   B N1    1 
ATOM   656 C C2    . U   B 1 10 ? 7.259   0.167   0.733   1.00 105.71 ? 34  U   B C2    1 
ATOM   657 O O2    . U   B 1 10 ? 8.112   0.843   0.192   1.00 102.66 ? 34  U   B O2    1 
ATOM   658 N N3    . U   B 1 10 ? 6.108   -0.164  0.078   1.00 111.64 ? 34  U   B N3    1 
ATOM   659 C C4    . U   B 1 10 ? 5.062   -0.917  0.566   1.00 117.04 ? 34  U   B C4    1 
ATOM   660 O O4    . U   B 1 10 ? 4.077   -1.129  -0.153  1.00 119.19 ? 34  U   B O4    1 
ATOM   661 C C5    . U   B 1 10 ? 5.247   -1.382  1.909   1.00 116.46 ? 34  U   B C5    1 
ATOM   662 C C6    . U   B 1 10 ? 6.362   -1.071  2.572   1.00 108.01 ? 34  U   B C6    1 
ATOM   663 P P     . C   B 1 11 ? 6.808   3.668   5.011   1.00 101.74 ? 35  C   B P     1 
ATOM   664 O OP1   . C   B 1 11 ? 6.932   4.776   5.989   1.00 106.72 ? 35  C   B OP1   1 
ATOM   665 O OP2   . C   B 1 11 ? 5.558   2.879   4.905   1.00 102.17 ? 35  C   B OP2   1 
ATOM   666 O "O5'" . C   B 1 11 ? 7.142   4.227   3.565   1.00 92.28  ? 35  C   B "O5'" 1 
ATOM   667 C "C5'" . C   B 1 11 ? 8.405   4.798   3.294   1.00 92.48  ? 35  C   B "C5'" 1 
ATOM   668 C "C4'" . C   B 1 11 ? 8.506   5.180   1.849   1.00 100.42 ? 35  C   B "C4'" 1 
ATOM   669 O "O4'" . C   B 1 11 ? 8.314   4.019   1.011   1.00 109.06 ? 35  C   B "O4'" 1 
ATOM   670 C "C3'" . C   B 1 11 ? 7.427   6.106   1.365   1.00 105.38 ? 35  C   B "C3'" 1 
ATOM   671 O "O3'" . C   B 1 11 ? 7.573   7.427   1.781   1.00 109.39 ? 35  C   B "O3'" 1 
ATOM   672 C "C2'" . C   B 1 11 ? 7.485   5.910   -0.130  1.00 101.51 ? 35  C   B "C2'" 1 
ATOM   673 O "O2'" . C   B 1 11 ? 8.648   6.512   -0.664  1.00 100.90 ? 35  C   B "O2'" 1 
ATOM   674 C "C1'" . C   B 1 11 ? 7.663   4.408   -0.186  1.00 104.72 ? 35  C   B "C1'" 1 
ATOM   675 N N1    . C   B 1 11 ? 6.355   3.741   -0.249  1.00 110.11 ? 35  C   B N1    1 
ATOM   676 C C2    . C   B 1 11 ? 5.676   3.781   -1.473  1.00 115.80 ? 35  C   B C2    1 
ATOM   677 O O2    . C   B 1 11 ? 6.181   4.369   -2.445  1.00 111.97 ? 35  C   B O2    1 
ATOM   678 N N3    . C   B 1 11 ? 4.477   3.165   -1.563  1.00 121.99 ? 35  C   B N3    1 
ATOM   679 C C4    . C   B 1 11 ? 3.965   2.553   -0.485  1.00 121.28 ? 35  C   B C4    1 
ATOM   680 N N4    . C   B 1 11 ? 2.770   1.967   -0.626  1.00 126.16 ? 35  C   B N4    1 
ATOM   681 C C5    . C   B 1 11 ? 4.642   2.512   0.777   1.00 108.60 ? 35  C   B C5    1 
ATOM   682 C C6    . C   B 1 11 ? 5.831   3.118   0.851   1.00 106.73 ? 35  C   B C6    1 
ATOM   683 P P     . G   B 1 12 ? 6.235   8.189   2.165   1.00 115.73 ? 36  G   B P     1 
ATOM   684 O OP1   . G   B 1 12 ? 6.676   9.450   2.810   1.00 121.97 ? 36  G   B OP1   1 
ATOM   685 O OP2   . G   B 1 12 ? 5.402   7.236   2.949   1.00 115.51 ? 36  G   B OP2   1 
ATOM   686 O "O5'" . G   B 1 12 ? 5.555   8.454   0.736   1.00 110.29 ? 36  G   B "O5'" 1 
ATOM   687 C "C5'" . G   B 1 12 ? 6.248   9.204   -0.252  1.00 106.82 ? 36  G   B "C5'" 1 
ATOM   688 C "C4'" . G   B 1 12 ? 5.613   9.118   -1.617  1.00 105.57 ? 36  G   B "C4'" 1 
ATOM   689 O "O4'" . G   B 1 12 ? 5.500   7.747   -2.037  1.00 107.56 ? 36  G   B "O4'" 1 
ATOM   690 C "C3'" . G   B 1 12 ? 4.197   9.640   -1.774  1.00 120.08 ? 36  G   B "C3'" 1 
ATOM   691 O "O3'" . G   B 1 12 ? 4.104   11.049  -1.823  1.00 128.34 ? 36  G   B "O3'" 1 
ATOM   692 C "C2'" . G   B 1 12 ? 3.748   8.975   -3.067  1.00 117.00 ? 36  G   B "C2'" 1 
ATOM   693 O "O2'" . G   B 1 12 ? 4.229   9.663   -4.208  1.00 116.92 ? 36  G   B "O2'" 1 
ATOM   694 C "C1'" . G   B 1 12 ? 4.459   7.634   -2.982  1.00 113.29 ? 36  G   B "C1'" 1 
ATOM   695 N N9    . G   B 1 12 ? 3.525   6.588   -2.573  1.00 118.21 ? 36  G   B N9    1 
ATOM   696 C C8    . G   B 1 12 ? 3.366   5.972   -1.367  1.00 117.37 ? 36  G   B C8    1 
ATOM   697 N N7    . G   B 1 12 ? 2.403   5.092   -1.406  1.00 118.55 ? 36  G   B N7    1 
ATOM   698 C C5    . G   B 1 12 ? 1.918   5.161   -2.704  1.00 121.49 ? 36  G   B C5    1 
ATOM   699 C C6    . G   B 1 12 ? 0.881   4.456   -3.342  1.00 125.73 ? 36  G   B C6    1 
ATOM   700 O O6    . G   B 1 12 ? 0.162   3.586   -2.847  1.00 127.57 ? 36  G   B O6    1 
ATOM   701 N N1    . G   B 1 12 ? 0.718   4.848   -4.668  1.00 123.15 ? 36  G   B N1    1 
ATOM   702 C C2    . G   B 1 12 ? 1.472   5.807   -5.297  1.00 122.12 ? 36  G   B C2    1 
ATOM   703 N N2    . G   B 1 12 ? 1.186   6.066   -6.578  1.00 123.56 ? 36  G   B N2    1 
ATOM   704 N N3    . G   B 1 12 ? 2.440   6.475   -4.714  1.00 118.90 ? 36  G   B N3    1 
ATOM   705 C C4    . G   B 1 12 ? 2.597   6.094   -3.432  1.00 119.90 ? 36  G   B C4    1 
ATOM   706 P P     . A   B 1 13 ? 2.714   11.759  -1.454  1.00 124.01 ? 37  A   B P     1 
ATOM   707 O OP1   . A   B 1 13 ? 2.982   13.212  -1.340  1.00 118.63 ? 37  A   B OP1   1 
ATOM   708 O OP2   . A   B 1 13 ? 2.104   10.995  -0.336  1.00 124.23 ? 37  A   B OP2   1 
ATOM   709 O "O5'" . A   B 1 13 ? 1.779   11.498  -2.710  1.00 115.17 ? 37  A   B "O5'" 1 
ATOM   710 C "C5'" . A   B 1 13 ? 2.031   12.137  -3.944  1.00 114.63 ? 37  A   B "C5'" 1 
ATOM   711 C "C4'" . A   B 1 13 ? 1.228   11.482  -5.023  1.00 115.36 ? 37  A   B "C4'" 1 
ATOM   712 O "O4'" . A   B 1 13 ? 1.471   10.062  -4.980  1.00 115.73 ? 37  A   B "O4'" 1 
ATOM   713 C "C3'" . A   B 1 13 ? -0.274  11.598  -4.864  1.00 116.19 ? 37  A   B "C3'" 1 
ATOM   714 O "O3'" . A   B 1 13 ? -0.768  12.811  -5.384  1.00 121.30 ? 37  A   B "O3'" 1 
ATOM   715 C "C2'" . A   B 1 13 ? -0.782  10.397  -5.628  1.00 114.94 ? 37  A   B "C2'" 1 
ATOM   716 O "O2'" . A   B 1 13 ? -0.759  10.679  -7.014  1.00 113.90 ? 37  A   B "O2'" 1 
ATOM   717 C "C1'" . A   B 1 13 ? 0.301   9.368   -5.330  1.00 116.64 ? 37  A   B "C1'" 1 
ATOM   718 N N9    . A   B 1 13 ? -0.065  8.495   -4.214  1.00 117.10 ? 37  A   B N9    1 
ATOM   719 C C8    . A   B 1 13 ? 0.477   8.446   -2.965  1.00 116.81 ? 37  A   B C8    1 
ATOM   720 N N7    . A   B 1 13 ? -0.085  7.536   -2.209  1.00 118.59 ? 37  A   B N7    1 
ATOM   721 C C5    . A   B 1 13 ? -1.053  6.965   -3.023  1.00 118.55 ? 37  A   B C5    1 
ATOM   722 C C6    . A   B 1 13 ? -1.996  5.944   -2.828  1.00 120.25 ? 37  A   B C6    1 
ATOM   723 N N6    . A   B 1 13 ? -2.140  5.280   -1.686  1.00 122.85 ? 37  A   B N6    1 
ATOM   724 N N1    . A   B 1 13 ? -2.811  5.624   -3.852  1.00 121.38 ? 37  A   B N1    1 
ATOM   725 C C2    . A   B 1 13 ? -2.675  6.282   -5.000  1.00 122.87 ? 37  A   B C2    1 
ATOM   726 N N3    . A   B 1 13 ? -1.831  7.260   -5.303  1.00 123.54 ? 37  A   B N3    1 
ATOM   727 C C4    . A   B 1 13 ? -1.044  7.550   -4.262  1.00 120.27 ? 37  A   B C4    1 
ATOM   728 P P     . C   B 1 14 ? -2.087  13.467  -4.762  1.00 123.68 ? 38  C   B P     1 
ATOM   729 O OP1   . C   B 1 14 ? -2.407  14.682  -5.546  1.00 124.60 ? 38  C   B OP1   1 
ATOM   730 O OP2   . C   B 1 14 ? -1.911  13.500  -3.291  1.00 119.77 ? 38  C   B OP2   1 
ATOM   731 O "O5'" . C   B 1 14 ? -3.237  12.447  -5.141  1.00 118.95 ? 38  C   B "O5'" 1 
ATOM   732 C "C5'" . C   B 1 14 ? -3.703  12.403  -6.471  1.00 119.21 ? 38  C   B "C5'" 1 
ATOM   733 C "C4'" . C   B 1 14 ? -4.622  11.240  -6.687  1.00 122.73 ? 38  C   B "C4'" 1 
ATOM   734 O "O4'" . C   B 1 14 ? -3.996  10.009  -6.251  1.00 128.72 ? 38  C   B "O4'" 1 
ATOM   735 C "C3'" . C   B 1 14 ? -5.912  11.257  -5.907  1.00 125.33 ? 38  C   B "C3'" 1 
ATOM   736 O "O3'" . C   B 1 14 ? -6.866  12.155  -6.420  1.00 129.80 ? 38  C   B "O3'" 1 
ATOM   737 C "C2'" . C   B 1 14 ? -6.347  9.804   -5.984  1.00 129.55 ? 38  C   B "C2'" 1 
ATOM   738 O "O2'" . C   B 1 14 ? -6.926  9.528   -7.252  1.00 130.52 ? 38  C   B "O2'" 1 
ATOM   739 C "C1'" . C   B 1 14 ? -5.004  9.085   -5.881  1.00 130.13 ? 38  C   B "C1'" 1 
ATOM   740 N N1    . C   B 1 14 ? -4.763  8.613   -4.507  1.00 126.70 ? 38  C   B N1    1 
ATOM   741 C C2    . C   B 1 14 ? -5.494  7.507   -4.064  1.00 127.37 ? 38  C   B C2    1 
ATOM   742 O O2    . C   B 1 14 ? -6.305  6.945   -4.813  1.00 131.39 ? 38  C   B O2    1 
ATOM   743 N N3    . C   B 1 14 ? -5.300  7.056   -2.820  1.00 124.54 ? 38  C   B N3    1 
ATOM   744 C C4    . C   B 1 14 ? -4.430  7.683   -2.041  1.00 127.27 ? 38  C   B C4    1 
ATOM   745 N N4    . C   B 1 14 ? -4.267  7.203   -0.810  1.00 132.23 ? 38  C   B N4    1 
ATOM   746 C C5    . C   B 1 14 ? -3.674  8.813   -2.469  1.00 124.96 ? 38  C   B C5    1 
ATOM   747 C C6    . C   B 1 14 ? -3.870  9.253   -3.708  1.00 123.52 ? 38  C   B C6    1 
ATOM   748 P P     . G   B 1 15 ? -7.928  12.793  -5.409  1.00 139.79 ? 39  G   B P     1 
ATOM   749 O OP1   . G   B 1 15 ? -8.714  13.828  -6.129  1.00 140.21 ? 39  G   B OP1   1 
ATOM   750 O OP2   . G   B 1 15 ? -7.194  13.130  -4.164  1.00 131.94 ? 39  G   B OP2   1 
ATOM   751 O "O5'" . G   B 1 15 ? -8.877  11.574  -5.047  1.00 131.16 ? 39  G   B "O5'" 1 
ATOM   752 C "C5'" . G   B 1 15 ? -9.452  10.764  -6.059  1.00 130.92 ? 39  G   B "C5'" 1 
ATOM   753 C "C4'" . G   B 1 15 ? -10.317 9.729   -5.421  1.00 129.23 ? 39  G   B "C4'" 1 
ATOM   754 O "O4'" . G   B 1 15 ? -9.582  8.498   -5.156  1.00 121.71 ? 39  G   B "O4'" 1 
ATOM   755 C "C3'" . G   B 1 15 ? -10.793 10.116  -4.047  1.00 129.18 ? 39  G   B "C3'" 1 
ATOM   756 O "O3'" . G   B 1 15 ? -11.685 11.214  -4.016  1.00 132.20 ? 39  G   B "O3'" 1 
ATOM   757 C "C2'" . G   B 1 15 ? -11.256 8.774   -3.510  1.00 125.72 ? 39  G   B "C2'" 1 
ATOM   758 O "O2'" . G   B 1 15 ? -12.386 8.304   -4.226  1.00 124.07 ? 39  G   B "O2'" 1 
ATOM   759 C "C1'" . G   B 1 15 ? -10.071 7.924   -3.951  1.00 124.26 ? 39  G   B "C1'" 1 
ATOM   760 N N9    . G   B 1 15 ? -9.033  8.001   -2.915  1.00 124.92 ? 39  G   B N9    1 
ATOM   761 C C8    . G   B 1 15 ? -8.063  8.955   -2.744  1.00 126.31 ? 39  G   B C8    1 
ATOM   762 N N7    . G   B 1 15 ? -7.335  8.750   -1.682  1.00 121.81 ? 39  G   B N7    1 
ATOM   763 C C5    . G   B 1 15 ? -7.873  7.605   -1.119  1.00 120.35 ? 39  G   B C5    1 
ATOM   764 C C6    . G   B 1 15 ? -7.508  6.893   0.044   1.00 113.25 ? 39  G   B C6    1 
ATOM   765 O O6    . G   B 1 15 ? -6.603  7.149   0.829   1.00 113.22 ? 39  G   B O6    1 
ATOM   766 N N1    . G   B 1 15 ? -8.312  5.790   0.266   1.00 110.88 ? 39  G   B N1    1 
ATOM   767 C C2    . G   B 1 15 ? -9.346  5.423   -0.542  1.00 112.57 ? 39  G   B C2    1 
ATOM   768 N N2    . G   B 1 15 ? -10.010 4.330   -0.169  1.00 110.83 ? 39  G   B N2    1 
ATOM   769 N N3    . G   B 1 15 ? -9.707  6.069   -1.632  1.00 118.51 ? 39  G   B N3    1 
ATOM   770 C C4    . G   B 1 15 ? -8.933  7.146   -1.853  1.00 122.03 ? 39  G   B C4    1 
ATOM   771 P P     . A   B 1 16 ? -13.198 11.120  -4.522  1.00 136.62 ? 40  A   B P     1 
ATOM   772 O OP1   . A   B 1 16 ? -13.447 9.891   -5.330  1.00 123.02 ? 40  A   B OP1   1 
ATOM   773 O OP2   . A   B 1 16 ? -13.499 12.428  -5.156  1.00 133.77 ? 40  A   B OP2   1 
ATOM   774 O "O5'" . A   B 1 16 ? -13.988 11.083  -3.142  1.00 125.20 ? 40  A   B "O5'" 1 
ATOM   775 C "C5'" . A   B 1 16 ? -14.843 10.007  -2.808  1.00 120.64 ? 40  A   B "C5'" 1 
ATOM   776 C "C4'" . A   B 1 16 ? -16.246 10.508  -2.618  1.00 115.11 ? 40  A   B "C4'" 1 
ATOM   777 O "O4'" . A   B 1 16 ? -17.086 10.021  -3.686  1.00 114.97 ? 40  A   B "O4'" 1 
ATOM   778 C "C3'" . A   B 1 16 ? -16.962 10.068  -1.359  1.00 106.46 ? 40  A   B "C3'" 1 
ATOM   779 O "O3'" . A   B 1 16 ? -16.590 10.839  -0.239  1.00 107.49 ? 40  A   B "O3'" 1 
ATOM   780 C "C2'" . A   B 1 16 ? -18.429 10.234  -1.736  1.00 105.30 ? 40  A   B "C2'" 1 
ATOM   781 O "O2'" . A   B 1 16 ? -18.835 11.588  -1.617  1.00 103.37 ? 40  A   B "O2'" 1 
ATOM   782 C "C1'" . A   B 1 16 ? -18.407 9.871   -3.220  1.00 107.08 ? 40  A   B "C1'" 1 
ATOM   783 N N9    . A   B 1 16 ? -18.840 8.491   -3.460  1.00 105.10 ? 40  A   B N9    1 
ATOM   784 C C8    . A   B 1 16 ? -18.092 7.379   -3.754  1.00 102.58 ? 40  A   B C8    1 
ATOM   785 N N7    . A   B 1 16 ? -18.827 6.306   -3.914  1.00 97.38  ? 40  A   B N7    1 
ATOM   786 C C5    . A   B 1 16 ? -20.127 6.751   -3.715  1.00 101.99 ? 40  A   B C5    1 
ATOM   787 C C6    . A   B 1 16 ? -21.380 6.109   -3.746  1.00 100.06 ? 40  A   B C6    1 
ATOM   788 N N6    . A   B 1 16 ? -21.530 4.807   -3.999  1.00 90.26  ? 40  A   B N6    1 
ATOM   789 N N1    . A   B 1 16 ? -22.483 6.872   -3.504  1.00 100.07 ? 40  A   B N1    1 
ATOM   790 C C2    . A   B 1 16 ? -22.324 8.180   -3.248  1.00 95.56  ? 40  A   B C2    1 
ATOM   791 N N3    . A   B 1 16 ? -21.206 8.893   -3.186  1.00 99.11  ? 40  A   B N3    1 
ATOM   792 C C4    . A   B 1 16 ? -20.144 8.106   -3.435  1.00 104.29 ? 40  A   B C4    1 
ATOM   793 P P     . A   B 1 17 ? -15.390 10.355  0.695   1.00 107.85 ? 41  A   B P     1 
ATOM   794 O OP1   . A   B 1 17 ? -14.402 11.468  0.730   1.00 105.01 ? 41  A   B OP1   1 
ATOM   795 O OP2   . A   B 1 17 ? -14.964 9.022   0.202   1.00 103.65 ? 41  A   B OP2   1 
ATOM   796 O "O5'" . A   B 1 17 ? -16.074 10.134  2.123   1.00 102.61 ? 41  A   B "O5'" 1 
ATOM   797 C "C5'" . A   B 1 17 ? -16.915 11.119  2.716   1.00 97.10  ? 41  A   B "C5'" 1 
ATOM   798 C "C4'" . A   B 1 17 ? -18.269 10.543  3.058   1.00 100.41 ? 41  A   B "C4'" 1 
ATOM   799 O "O4'" . A   B 1 17 ? -18.855 9.987   1.866   1.00 100.20 ? 41  A   B "O4'" 1 
ATOM   800 C "C3'" . A   B 1 17 ? -18.278 9.403   4.068   1.00 97.30  ? 41  A   B "C3'" 1 
ATOM   801 O "O3'" . A   B 1 17 ? -18.421 9.883   5.380   1.00 100.36 ? 41  A   B "O3'" 1 
ATOM   802 C "C2'" . A   B 1 17 ? -19.458 8.539   3.654   1.00 97.99  ? 41  A   B "C2'" 1 
ATOM   803 O "O2'" . A   B 1 17 ? -20.656 8.956   4.296   1.00 93.90  ? 41  A   B "O2'" 1 
ATOM   804 C "C1'" . A   B 1 17 ? -19.550 8.807   2.155   1.00 96.46  ? 41  A   B "C1'" 1 
ATOM   805 N N9    . A   B 1 17 ? -18.926 7.786   1.370   1.00 93.48  ? 41  A   B N9    1 
ATOM   806 C C8    . A   B 1 17 ? -17.618 7.689   0.991   1.00 97.40  ? 41  A   B C8    1 
ATOM   807 N N7    . A   B 1 17 ? -17.366 6.651   0.237   1.00 103.01 ? 41  A   B N7    1 
ATOM   808 C C5    . A   B 1 17 ? -18.589 6.021   0.114   1.00 100.32 ? 41  A   B C5    1 
ATOM   809 C C6    . A   B 1 17 ? -18.981 4.859   -0.559  1.00 94.16  ? 41  A   B C6    1 
ATOM   810 N N6    . A   B 1 17 ? -18.133 4.104   -1.265  1.00 99.62  ? 41  A   B N6    1 
ATOM   811 N N1    . A   B 1 17 ? -20.277 4.491   -0.485  1.00 90.14  ? 41  A   B N1    1 
ATOM   812 C C2    . A   B 1 17 ? -21.117 5.255   0.223   1.00 94.98  ? 41  A   B C2    1 
ATOM   813 N N3    . A   B 1 17 ? -20.869 6.376   0.901   1.00 97.55  ? 41  A   B N3    1 
ATOM   814 C C4    . A   B 1 17 ? -19.572 6.710   0.808   1.00 98.59  ? 41  A   B C4    1 
ATOM   815 P P     . G   B 1 18 ? -17.231 9.671   6.412   1.00 107.74 ? 42  G   B P     1 
ATOM   816 O OP1   . G   B 1 18 ? -17.701 9.909   7.811   1.00 105.03 ? 42  G   B OP1   1 
ATOM   817 O OP2   . G   B 1 18 ? -16.078 10.442  5.876   1.00 100.05 ? 42  G   B OP2   1 
ATOM   818 O "O5'" . G   B 1 18 ? -16.960 8.117   6.283   1.00 99.42  ? 42  G   B "O5'" 1 
ATOM   819 C "C5'" . G   B 1 18 ? -17.702 7.201   7.070   1.00 99.04  ? 42  G   B "C5'" 1 
ATOM   820 C "C4'" . G   B 1 18 ? -16.782 6.419   7.970   1.00 99.54  ? 42  G   B "C4'" 1 
ATOM   821 O "O4'" . G   B 1 18 ? -15.595 6.030   7.229   1.00 93.15  ? 42  G   B "O4'" 1 
ATOM   822 C "C3'" . G   B 1 18 ? -16.223 7.169   9.162   1.00 94.04  ? 42  G   B "C3'" 1 
ATOM   823 O "O3'" . G   B 1 18 ? -17.135 7.240   10.237  1.00 94.08  ? 42  G   B "O3'" 1 
ATOM   824 C "C2'" . G   B 1 18 ? -14.977 6.363   9.491   1.00 94.81  ? 42  G   B "C2'" 1 
ATOM   825 O "O2'" . G   B 1 18 ? -15.349 5.182   10.181  1.00 98.05  ? 42  G   B "O2'" 1 
ATOM   826 C "C1'" . G   B 1 18 ? -14.489 5.961   8.101   1.00 91.39  ? 42  G   B "C1'" 1 
ATOM   827 N N9    . G   B 1 18 ? -13.389 6.814   7.597   1.00 85.16  ? 42  G   B N9    1 
ATOM   828 C C8    . G   B 1 18 ? -13.422 7.712   6.555   1.00 86.61  ? 42  G   B C8    1 
ATOM   829 N N7    . G   B 1 18 ? -12.278 8.312   6.343   1.00 86.08  ? 42  G   B N7    1 
ATOM   830 C C5    . G   B 1 18 ? -11.432 7.765   7.297   1.00 85.93  ? 42  G   B C5    1 
ATOM   831 C C6    . G   B 1 18 ? -10.063 8.023   7.553   1.00 85.33  ? 42  G   B C6    1 
ATOM   832 O O6    . G   B 1 18 ? -9.309  8.805   6.969   1.00 82.77  ? 42  G   B O6    1 
ATOM   833 N N1    . G   B 1 18 ? -9.585  7.263   8.606   1.00 82.77  ? 42  G   B N1    1 
ATOM   834 C C2    . G   B 1 18 ? -10.323 6.360   9.318   1.00 83.89  ? 42  G   B C2    1 
ATOM   835 N N2    . G   B 1 18 ? -9.667  5.720   10.301  1.00 86.69  ? 42  G   B N2    1 
ATOM   836 N N3    . G   B 1 18 ? -11.601 6.106   9.094   1.00 81.77  ? 42  G   B N3    1 
ATOM   837 C C4    . G   B 1 18 ? -12.092 6.837   8.074   1.00 85.10  ? 42  G   B C4    1 
ATOM   838 P P     . U   B 1 19 ? -16.891 8.310   11.396  1.00 97.78  ? 43  U   B P     1 
ATOM   839 O OP1   . U   B 1 19 ? -18.024 8.202   12.352  1.00 91.25  ? 43  U   B OP1   1 
ATOM   840 O OP2   . U   B 1 19 ? -16.580 9.589   10.730  1.00 92.88  ? 43  U   B OP2   1 
ATOM   841 O "O5'" . U   B 1 19 ? -15.540 7.833   12.096  1.00 97.53  ? 43  U   B "O5'" 1 
ATOM   842 C "C5'" . U   B 1 19 ? -15.448 6.582   12.768  1.00 86.64  ? 43  U   B "C5'" 1 
ATOM   843 C "C4'" . U   B 1 19 ? -14.067 6.368   13.338  1.00 85.21  ? 43  U   B "C4'" 1 
ATOM   844 O "O4'" . U   B 1 19 ? -13.039 6.381   12.319  1.00 87.57  ? 43  U   B "O4'" 1 
ATOM   845 C "C3'" . U   B 1 19 ? -13.583 7.423   14.298  1.00 85.56  ? 43  U   B "C3'" 1 
ATOM   846 O "O3'" . U   B 1 19 ? -14.180 7.353   15.556  1.00 87.92  ? 43  U   B "O3'" 1 
ATOM   847 C "C2'" . U   B 1 19 ? -12.085 7.180   14.345  1.00 80.65  ? 43  U   B "C2'" 1 
ATOM   848 O "O2'" . U   B 1 19 ? -11.721 6.166   15.262  1.00 81.88  ? 43  U   B "O2'" 1 
ATOM   849 C "C1'" . U   B 1 19 ? -11.800 6.703   12.929  1.00 82.42  ? 43  U   B "C1'" 1 
ATOM   850 N N1    . U   B 1 19 ? -11.096 7.770   12.215  1.00 82.36  ? 43  U   B N1    1 
ATOM   851 C C2    . U   B 1 19 ? -9.828  7.989   12.732  1.00 86.16  ? 43  U   B C2    1 
ATOM   852 O O2    . U   B 1 19 ? -9.311  7.343   13.650  1.00 79.97  ? 43  U   B O2    1 
ATOM   853 N N3    . U   B 1 19 ? -9.154  9.001   12.120  1.00 84.02  ? 43  U   B N3    1 
ATOM   854 C C4    . U   B 1 19 ? -9.612  9.782   11.096  1.00 83.40  ? 43  U   B C4    1 
ATOM   855 O O4    . U   B 1 19 ? -8.857  10.650  10.665  1.00 88.12  ? 43  U   B O4    1 
ATOM   856 C C5    . U   B 1 19 ? -10.941 9.494   10.644  1.00 81.54  ? 43  U   B C5    1 
ATOM   857 C C6    . U   B 1 19 ? -11.642 8.520   11.222  1.00 79.28  ? 43  U   B C6    1 
ATOM   858 P P     . C   B 1 20 ? -14.145 8.653   16.482  1.00 106.86 ? 44  C   B P     1 
ATOM   859 O OP1   . C   B 1 20 ? -14.730 8.244   17.785  1.00 102.40 ? 44  C   B OP1   1 
ATOM   860 O OP2   . C   B 1 20 ? -14.751 9.764   15.697  1.00 104.44 ? 44  C   B OP2   1 
ATOM   861 O "O5'" . C   B 1 20 ? -12.595 8.967   16.725  1.00 92.23  ? 44  C   B "O5'" 1 
ATOM   862 C "C5'" . C   B 1 20 ? -12.039 8.862   18.030  1.00 93.79  ? 44  C   B "C5'" 1 
ATOM   863 C "C4'" . C   B 1 20 ? -10.600 9.296   18.057  1.00 95.87  ? 44  C   B "C4'" 1 
ATOM   864 O "O4'" . C   B 1 20 ? -10.001 9.070   16.755  1.00 103.58 ? 44  C   B "O4'" 1 
ATOM   865 C "C3'" . C   B 1 20 ? -10.335 10.770  18.290  1.00 102.71 ? 44  C   B "C3'" 1 
ATOM   866 O "O3'" . C   B 1 20 ? -10.475 11.206  19.626  1.00 110.61 ? 44  C   B "O3'" 1 
ATOM   867 C "C2'" . C   B 1 20 ? -8.924  10.915  17.760  1.00 101.86 ? 44  C   B "C2'" 1 
ATOM   868 O "O2'" . C   B 1 20 ? -8.013  10.285  18.644  1.00 105.75 ? 44  C   B "O2'" 1 
ATOM   869 C "C1'" . C   B 1 20 ? -9.009  10.055  16.514  1.00 99.86  ? 44  C   B "C1'" 1 
ATOM   870 N N1    . C   B 1 20 ? -9.386  10.864  15.339  1.00 95.55  ? 44  C   B N1    1 
ATOM   871 C C2    . C   B 1 20 ? -8.395  11.682  14.774  1.00 93.82  ? 44  C   B C2    1 
ATOM   872 O O2    . C   B 1 20 ? -7.266  11.709  15.270  1.00 95.11  ? 44  C   B O2    1 
ATOM   873 N N3    . C   B 1 20 ? -8.679  12.438  13.700  1.00 90.24  ? 44  C   B N3    1 
ATOM   874 C C4    . C   B 1 20 ? -9.911  12.382  13.206  1.00 94.08  ? 44  C   B C4    1 
ATOM   875 N N4    . C   B 1 20 ? -10.148 13.151  12.149  1.00 92.99  ? 44  C   B N4    1 
ATOM   876 C C5    . C   B 1 20 ? -10.946 11.557  13.753  1.00 88.51  ? 44  C   B C5    1 
ATOM   877 C C6    . C   B 1 20 ? -10.648 10.819  14.825  1.00 87.53  ? 44  C   B C6    1 
ATOM   878 P P     . G   B 1 21 ? -10.904 12.736  19.889  1.00 110.94 ? 45  G   B P     1 
ATOM   879 O OP1   . G   B 1 21 ? -10.953 12.896  21.364  1.00 113.32 ? 45  G   B OP1   1 
ATOM   880 O OP2   . G   B 1 21 ? -12.119 12.988  19.071  1.00 96.29  ? 45  G   B OP2   1 
ATOM   881 O "O5'" . G   B 1 21 ? -9.696  13.615  19.315  1.00 94.39  ? 45  G   B "O5'" 1 
ATOM   882 C "C5'" . G   B 1 21 ? -8.458  13.646  20.004  1.00 94.47  ? 45  G   B "C5'" 1 
ATOM   883 C "C4'" . G   B 1 21 ? -7.456  14.558  19.348  1.00 96.33  ? 45  G   B "C4'" 1 
ATOM   884 O "O4'" . G   B 1 21 ? -7.313  14.223  17.953  1.00 98.36  ? 45  G   B "O4'" 1 
ATOM   885 C "C3'" . G   B 1 21 ? -7.810  16.025  19.310  1.00 97.00  ? 45  G   B "C3'" 1 
ATOM   886 O "O3'" . G   B 1 21 ? -7.598  16.683  20.529  1.00 103.19 ? 45  G   B "O3'" 1 
ATOM   887 C "C2'" . G   B 1 21 ? -6.924  16.550  18.195  1.00 90.31  ? 45  G   B "C2'" 1 
ATOM   888 O "O2'" . G   B 1 21 ? -5.588  16.687  18.646  1.00 86.58  ? 45  G   B "O2'" 1 
ATOM   889 C "C1'" . G   B 1 21 ? -6.973  15.391  17.222  1.00 94.88  ? 45  G   B "C1'" 1 
ATOM   890 N N9    . G   B 1 21 ? -7.951  15.596  16.138  1.00 90.16  ? 45  G   B N9    1 
ATOM   891 C C8    . G   B 1 21 ? -9.133  14.924  15.939  1.00 91.03  ? 45  G   B C8    1 
ATOM   892 N N7    . G   B 1 21 ? -9.759  15.293  14.858  1.00 84.29  ? 45  G   B N7    1 
ATOM   893 C C5    . G   B 1 21 ? -8.927  16.260  14.314  1.00 84.64  ? 45  G   B C5    1 
ATOM   894 C C6    . G   B 1 21 ? -9.074  17.031  13.139  1.00 86.81  ? 45  G   B C6    1 
ATOM   895 O O6    . G   B 1 21 ? -9.993  17.011  12.323  1.00 92.01  ? 45  G   B O6    1 
ATOM   896 N N1    . G   B 1 21 ? -8.015  17.896  12.939  1.00 102.12 ? 45  G   B N1    1 
ATOM   897 C C2    . G   B 1 21 ? -6.943  18.014  13.774  1.00 89.34  ? 45  G   B C2    1 
ATOM   898 N N2    . G   B 1 21 ? -6.034  18.918  13.379  1.00 89.95  ? 45  G   B N2    1 
ATOM   899 N N3    . G   B 1 21 ? -6.781  17.305  14.888  1.00 87.09  ? 45  G   B N3    1 
ATOM   900 C C4    . G   B 1 21 ? -7.807  16.455  15.086  1.00 85.22  ? 45  G   B C4    1 
ATOM   901 P P     . C   B 1 22 ? -8.392  18.048  20.798  1.00 117.11 ? 46  C   B P     1 
ATOM   902 O OP1   . C   B 1 22 ? -7.952  18.441  22.160  1.00 121.29 ? 46  C   B OP1   1 
ATOM   903 O OP2   . C   B 1 22 ? -9.825  17.867  20.428  1.00 105.31 ? 46  C   B OP2   1 
ATOM   904 O "O5'" . C   B 1 22 ? -7.786  19.102  19.767  1.00 98.62  ? 46  C   B "O5'" 1 
ATOM   905 C "C5'" . C   B 1 22 ? -6.584  19.795  20.063  1.00 99.64  ? 46  C   B "C5'" 1 
ATOM   906 C "C4'" . C   B 1 22 ? -6.279  20.817  19.002  1.00 98.02  ? 46  C   B "C4'" 1 
ATOM   907 O "O4'" . C   B 1 22 ? -6.437  20.200  17.703  1.00 96.82  ? 46  C   B "O4'" 1 
ATOM   908 C "C3'" . C   B 1 22 ? -7.207  22.015  18.951  1.00 108.52 ? 46  C   B "C3'" 1 
ATOM   909 O "O3'" . C   B 1 22 ? -6.873  23.019  19.896  1.00 127.80 ? 46  C   B "O3'" 1 
ATOM   910 C "C2'" . C   B 1 22 ? -7.092  22.470  17.499  1.00 94.10  ? 46  C   B "C2'" 1 
ATOM   911 O "O2'" . C   B 1 22 ? -5.905  23.226  17.286  1.00 97.15  ? 46  C   B "O2'" 1 
ATOM   912 C "C1'" . C   B 1 22 ? -6.931  21.141  16.779  1.00 90.65  ? 46  C   B "C1'" 1 
ATOM   913 N N1    . C   B 1 22 ? -8.183  20.621  16.193  1.00 82.19  ? 46  C   B N1    1 
ATOM   914 C C2    . C   B 1 22 ? -8.460  21.053  14.913  1.00 88.00  ? 46  C   B C2    1 
ATOM   915 O O2    . C   B 1 22 ? -7.663  21.866  14.409  1.00 89.35  ? 46  C   B O2    1 
ATOM   916 N N3    . C   B 1 22 ? -9.564  20.595  14.280  1.00 88.91  ? 46  C   B N3    1 
ATOM   917 C C4    . C   B 1 22 ? -10.367 19.728  14.888  1.00 86.89  ? 46  C   B C4    1 
ATOM   918 N N4    . C   B 1 22 ? -11.455 19.303  14.230  1.00 84.27  ? 46  C   B N4    1 
ATOM   919 C C5    . C   B 1 22 ? -10.083 19.262  16.204  1.00 85.25  ? 46  C   B C5    1 
ATOM   920 C C6    . C   B 1 22 ? -8.985  19.721  16.819  1.00 84.76  ? 46  C   B C6    1 
HETATM 921 O O     . HOH C 2 .  ? 0.801   15.482  5.753   1.00 90.62  ? 101 HOH A O     1 
HETATM 922 O O     . HOH C 2 .  ? 18.450  -9.054  2.776   0.50 157.69 ? 102 HOH A O     1 
HETATM 923 O O     . HOH C 2 .  ? -7.227  13.761  6.177   1.00 75.61  ? 103 HOH A O     1 
HETATM 924 O O     . HOH C 2 .  ? 2.805   7.586   7.205   1.00 91.01  ? 104 HOH A O     1 
HETATM 925 O O     . HOH C 2 .  ? 12.079  -23.398 -8.253  1.00 108.65 ? 105 HOH A O     1 
HETATM 926 O O     . HOH C 2 .  ? -16.477 17.628  3.132   1.00 121.40 ? 106 HOH A O     1 
HETATM 927 O O     . HOH C 2 .  ? 11.673  -20.822 -6.817  1.00 102.79 ? 107 HOH A O     1 
HETATM 928 O O     . HOH C 2 .  ? 7.586   1.191   -17.307 1.00 125.26 ? 108 HOH A O     1 
HETATM 929 O O     . HOH C 2 .  ? 11.225  -1.542  -16.587 1.00 122.21 ? 109 HOH A O     1 
HETATM 930 O O     . HOH C 2 .  ? 5.637   10.925  13.235  1.00 101.44 ? 110 HOH A O     1 
HETATM 931 O O     . HOH C 2 .  ? 4.561   15.658  16.513  0.50 258.83 ? 111 HOH A O     1 
HETATM 932 O O     . HOH C 2 .  ? 8.011   9.013   17.190  0.93 133.67 ? 112 HOH A O     1 
HETATM 933 O O     . HOH D 2 .  ? 4.173   -10.887 -15.687 1.00 100.63 ? 101 HOH B O     1 
HETATM 934 O O     . HOH D 2 .  ? 10.431  -13.535 -5.412  1.00 104.81 ? 102 HOH B O     1 
HETATM 935 O O     . HOH D 2 .  ? -0.768  -12.576 -12.346 1.00 81.01  ? 103 HOH B O     1 
HETATM 936 O O     . HOH D 2 .  ? -6.366  -10.457 -4.798  1.00 91.70  ? 104 HOH B O     1 
HETATM 937 O O     . HOH D 2 .  ? -8.682  23.996  23.289  1.00 116.48 ? 105 HOH B O     1 
HETATM 938 O O     . HOH D 2 .  ? 3.959   -0.606  13.194  1.00 214.76 ? 106 HOH B O     1 
HETATM 939 O O     . HOH D 2 .  ? -8.074  -10.785 3.356   1.00 196.04 ? 107 HOH B O     1 
# 
loop_
_pdbx_poly_seq_scheme.asym_id 
_pdbx_poly_seq_scheme.entity_id 
_pdbx_poly_seq_scheme.seq_id 
_pdbx_poly_seq_scheme.mon_id 
_pdbx_poly_seq_scheme.ndb_seq_num 
_pdbx_poly_seq_scheme.pdb_seq_num 
_pdbx_poly_seq_scheme.auth_seq_num 
_pdbx_poly_seq_scheme.pdb_mon_id 
_pdbx_poly_seq_scheme.auth_mon_id 
_pdbx_poly_seq_scheme.pdb_strand_id 
_pdbx_poly_seq_scheme.pdb_ins_code 
_pdbx_poly_seq_scheme.hetero 
A 1 1  U   1  2  2  U   U   A . n 
A 1 2  G   2  3  3  G   G   A . n 
A 1 3  C   3  4  4  C   C   A . n 
A 1 4  G   4  5  5  G   G   A . n 
A 1 5  U   5  6  6  U   U   A . n 
A 1 6  C   6  7  7  C   C   A . n 
A 1 7  1MA 7  8  8  1MA 1MA A . n 
A 1 8  C   8  9  9  C   C   A . n 
A 1 9  G   9  10 10 G   G   A . n 
A 1 10 U   10 11 11 U   U   A . n 
A 1 11 C   11 12 12 C   C   A . n 
A 1 12 G   12 13 13 G   G   A . n 
A 1 13 A   13 14 14 A   A   A . n 
A 1 14 C   14 15 15 C   C   A . n 
A 1 15 G   15 16 16 G   G   A . n 
A 1 16 A   16 17 17 A   A   A . n 
A 1 17 A   17 18 18 A   A   A . n 
A 1 18 G   18 19 19 G   G   A . n 
A 1 19 U   19 20 20 U   U   A . n 
A 1 20 C   20 21 21 C   C   A . n 
A 1 21 G   21 22 22 G   G   A . n 
A 1 22 C   22 23 23 C   C   A . n 
B 1 1  U   1  25 ?  ?   ?   B . n 
B 1 2  G   2  26 26 G   G   B . n 
B 1 3  C   3  27 27 C   C   B . n 
B 1 4  G   4  28 28 G   G   B . n 
B 1 5  U   5  29 29 U   U   B . n 
B 1 6  C   6  30 30 C   C   B . n 
B 1 7  1MA 7  31 31 1MA 1MA B . n 
B 1 8  C   8  32 32 C   C   B . n 
B 1 9  G   9  33 33 G   G   B . n 
B 1 10 U   10 34 34 U   U   B . n 
B 1 11 C   11 35 35 C   C   B . n 
B 1 12 G   12 36 36 G   G   B . n 
B 1 13 A   13 37 37 A   A   B . n 
B 1 14 C   14 38 38 C   C   B . n 
B 1 15 G   15 39 39 G   G   B . n 
B 1 16 A   16 40 40 A   A   B . n 
B 1 17 A   17 41 41 A   A   B . n 
B 1 18 G   18 42 42 G   G   B . n 
B 1 19 U   19 43 43 U   U   B . n 
B 1 20 C   20 44 44 C   C   B . n 
B 1 21 G   21 45 45 G   G   B . n 
B 1 22 C   22 46 46 C   C   B . n 
# 
loop_
_pdbx_nonpoly_scheme.asym_id 
_pdbx_nonpoly_scheme.entity_id 
_pdbx_nonpoly_scheme.mon_id 
_pdbx_nonpoly_scheme.ndb_seq_num 
_pdbx_nonpoly_scheme.pdb_seq_num 
_pdbx_nonpoly_scheme.auth_seq_num 
_pdbx_nonpoly_scheme.pdb_mon_id 
_pdbx_nonpoly_scheme.auth_mon_id 
_pdbx_nonpoly_scheme.pdb_strand_id 
_pdbx_nonpoly_scheme.pdb_ins_code 
C 2 HOH 1  101 107 HOH HOH A . 
C 2 HOH 2  102 101 HOH HOH A . 
C 2 HOH 3  103 106 HOH HOH A . 
C 2 HOH 4  104 110 HOH HOH A . 
C 2 HOH 5  105 103 HOH HOH A . 
C 2 HOH 6  106 109 HOH HOH A . 
C 2 HOH 7  107 102 HOH HOH A . 
C 2 HOH 8  108 105 HOH HOH A . 
C 2 HOH 9  109 104 HOH HOH A . 
C 2 HOH 10 110 112 HOH HOH A . 
C 2 HOH 11 111 113 HOH HOH A . 
C 2 HOH 12 112 111 HOH HOH A . 
D 2 HOH 1  101 105 HOH HOH B . 
D 2 HOH 2  102 103 HOH HOH B . 
D 2 HOH 3  103 106 HOH HOH B . 
D 2 HOH 4  104 101 HOH HOH B . 
D 2 HOH 5  105 102 HOH HOH B . 
D 2 HOH 6  106 104 HOH HOH B . 
D 2 HOH 7  107 108 HOH HOH B . 
# 
_pdbx_struct_assembly.id                   1 
_pdbx_struct_assembly.details              author_and_software_defined_assembly 
_pdbx_struct_assembly.method_details       PISA 
_pdbx_struct_assembly.oligomeric_details   dimeric 
_pdbx_struct_assembly.oligomeric_count     2 
# 
_pdbx_struct_assembly_gen.assembly_id       1 
_pdbx_struct_assembly_gen.oper_expression   1 
_pdbx_struct_assembly_gen.asym_id_list      A,B,C,D 
# 
loop_
_pdbx_struct_assembly_prop.biol_id 
_pdbx_struct_assembly_prop.type 
_pdbx_struct_assembly_prop.value 
_pdbx_struct_assembly_prop.details 
1 'ABSA (A^2)' 3160 ? 
1 MORE         -5   ? 
1 'SSA (A^2)'  8300 ? 
# 
_pdbx_struct_oper_list.id                   1 
_pdbx_struct_oper_list.type                 'identity operation' 
_pdbx_struct_oper_list.name                 1_555 
_pdbx_struct_oper_list.symmetry_operation   x,y,z 
_pdbx_struct_oper_list.matrix[1][1]         1.0000000000 
_pdbx_struct_oper_list.matrix[1][2]         0.0000000000 
_pdbx_struct_oper_list.matrix[1][3]         0.0000000000 
_pdbx_struct_oper_list.vector[1]            0.0000000000 
_pdbx_struct_oper_list.matrix[2][1]         0.0000000000 
_pdbx_struct_oper_list.matrix[2][2]         1.0000000000 
_pdbx_struct_oper_list.matrix[2][3]         0.0000000000 
_pdbx_struct_oper_list.vector[2]            0.0000000000 
_pdbx_struct_oper_list.matrix[3][1]         0.0000000000 
_pdbx_struct_oper_list.matrix[3][2]         0.0000000000 
_pdbx_struct_oper_list.matrix[3][3]         1.0000000000 
_pdbx_struct_oper_list.vector[3]            0.0000000000 
# 
loop_
_pdbx_struct_special_symmetry.id 
_pdbx_struct_special_symmetry.PDB_model_num 
_pdbx_struct_special_symmetry.auth_asym_id 
_pdbx_struct_special_symmetry.auth_comp_id 
_pdbx_struct_special_symmetry.auth_seq_id 
_pdbx_struct_special_symmetry.PDB_ins_code 
_pdbx_struct_special_symmetry.label_asym_id 
_pdbx_struct_special_symmetry.label_comp_id 
_pdbx_struct_special_symmetry.label_seq_id 
1 1 A HOH 102 ? C HOH . 
2 1 A HOH 111 ? C HOH . 
3 1 A HOH 112 ? C HOH . 
# 
loop_
_pdbx_audit_revision_history.ordinal 
_pdbx_audit_revision_history.data_content_type 
_pdbx_audit_revision_history.major_revision 
_pdbx_audit_revision_history.minor_revision 
_pdbx_audit_revision_history.revision_date 
1 'Structure model' 1 0 2018-03-21 
2 'Structure model' 1 1 2023-11-22 
# 
_pdbx_audit_revision_details.ordinal             1 
_pdbx_audit_revision_details.revision_ordinal    1 
_pdbx_audit_revision_details.data_content_type   'Structure model' 
_pdbx_audit_revision_details.provider            repository 
_pdbx_audit_revision_details.type                'Initial release' 
_pdbx_audit_revision_details.description         ? 
_pdbx_audit_revision_details.details             ? 
# 
loop_
_pdbx_audit_revision_group.ordinal 
_pdbx_audit_revision_group.revision_ordinal 
_pdbx_audit_revision_group.data_content_type 
_pdbx_audit_revision_group.group 
1 2 'Structure model' 'Data collection'        
2 2 'Structure model' 'Database references'    
3 2 'Structure model' 'Refinement description' 
# 
loop_
_pdbx_audit_revision_category.ordinal 
_pdbx_audit_revision_category.revision_ordinal 
_pdbx_audit_revision_category.data_content_type 
_pdbx_audit_revision_category.category 
1 2 'Structure model' chem_comp_atom                
2 2 'Structure model' chem_comp_bond                
3 2 'Structure model' database_2                    
4 2 'Structure model' pdbx_initial_refinement_model 
# 
loop_
_pdbx_audit_revision_item.ordinal 
_pdbx_audit_revision_item.revision_ordinal 
_pdbx_audit_revision_item.data_content_type 
_pdbx_audit_revision_item.item 
1 2 'Structure model' '_database_2.pdbx_DOI'                
2 2 'Structure model' '_database_2.pdbx_database_accession' 
# 
loop_
_software.citation_id 
_software.classification 
_software.compiler_name 
_software.compiler_version 
_software.contact_author 
_software.contact_author_email 
_software.date 
_software.description 
_software.dependencies 
_software.hardware 
_software.language 
_software.location 
_software.mods 
_software.name 
_software.os 
_software.os_version 
_software.type 
_software.version 
_software.pdbx_ordinal 
? refinement        ? ? ? ? ? ? ? ? ? ? ? PHENIX       ? ? ? 1.8.3_1479 1 
? 'data extraction' ? ? ? ? ? ? ? ? ? ? ? PDB_EXTRACT  ? ? ? 3.22       2 
? phasing           ? ? ? ? ? ? ? ? ? ? ? PHENIX       ? ? ? .          3 
? 'data scaling'    ? ? ? ? ? ? ? ? ? ? ? CrystalClear ? ? ? .          4 
? 'model building'  ? ? ? ? ? ? ? ? ? ? ? Coot         ? ? ? .          5 
? 'data reduction'  ? ? ? ? ? ? ? ? ? ? ? d*TREK       ? ? ? .          6 
? 'data scaling'    ? ? ? ? ? ? ? ? ? ? ? d*TREK       ? ? ? .          7 
? phasing           ? ? ? ? ? ? ? ? ? ? ? PHASER       ? ? ? .          8 
# 
_pdbx_validate_symm_contact.id                1 
_pdbx_validate_symm_contact.PDB_model_num     1 
_pdbx_validate_symm_contact.auth_atom_id_1    "O2'" 
_pdbx_validate_symm_contact.auth_asym_id_1    A 
_pdbx_validate_symm_contact.auth_comp_id_1    U 
_pdbx_validate_symm_contact.auth_seq_id_1     2 
_pdbx_validate_symm_contact.PDB_ins_code_1    ? 
_pdbx_validate_symm_contact.label_alt_id_1    ? 
_pdbx_validate_symm_contact.site_symmetry_1   1_555 
_pdbx_validate_symm_contact.auth_atom_id_2    "O2'" 
_pdbx_validate_symm_contact.auth_asym_id_2    A 
_pdbx_validate_symm_contact.auth_comp_id_2    C 
_pdbx_validate_symm_contact.auth_seq_id_2     23 
_pdbx_validate_symm_contact.PDB_ins_code_2    ? 
_pdbx_validate_symm_contact.label_alt_id_2    ? 
_pdbx_validate_symm_contact.site_symmetry_2   1_656 
_pdbx_validate_symm_contact.dist              2.16 
# 
loop_
_pdbx_distant_solvent_atoms.id 
_pdbx_distant_solvent_atoms.PDB_model_num 
_pdbx_distant_solvent_atoms.auth_atom_id 
_pdbx_distant_solvent_atoms.label_alt_id 
_pdbx_distant_solvent_atoms.auth_asym_id 
_pdbx_distant_solvent_atoms.auth_comp_id 
_pdbx_distant_solvent_atoms.auth_seq_id 
_pdbx_distant_solvent_atoms.PDB_ins_code 
_pdbx_distant_solvent_atoms.neighbor_macromolecule_distance 
_pdbx_distant_solvent_atoms.neighbor_ligand_distance 
1 1 O ? A HOH 109 ? 5.94  . 
2 1 O ? A HOH 110 ? 6.42  . 
3 1 O ? A HOH 111 ? 8.13  . 
4 1 O ? A HOH 112 ? 10.34 . 
5 1 O ? B HOH 107 ? 6.54  . 
# 
_pdbx_unobs_or_zero_occ_residues.id               1 
_pdbx_unobs_or_zero_occ_residues.PDB_model_num    1 
_pdbx_unobs_or_zero_occ_residues.polymer_flag     Y 
_pdbx_unobs_or_zero_occ_residues.occupancy_flag   1 
_pdbx_unobs_or_zero_occ_residues.auth_asym_id     B 
_pdbx_unobs_or_zero_occ_residues.auth_comp_id     U 
_pdbx_unobs_or_zero_occ_residues.auth_seq_id      25 
_pdbx_unobs_or_zero_occ_residues.PDB_ins_code     ? 
_pdbx_unobs_or_zero_occ_residues.label_asym_id    B 
_pdbx_unobs_or_zero_occ_residues.label_comp_id    U 
_pdbx_unobs_or_zero_occ_residues.label_seq_id     1 
# 
loop_
_chem_comp_atom.comp_id 
_chem_comp_atom.atom_id 
_chem_comp_atom.type_symbol 
_chem_comp_atom.pdbx_aromatic_flag 
_chem_comp_atom.pdbx_stereo_config 
_chem_comp_atom.pdbx_ordinal 
1MA P      P N N 1   
1MA OP1    O N N 2   
1MA OP2    O N N 3   
1MA OP3    O N N 4   
1MA "O5'"  O N N 5   
1MA "C5'"  C N N 6   
1MA "C4'"  C N R 7   
1MA "O4'"  O N N 8   
1MA "C3'"  C N S 9   
1MA "O3'"  O N N 10  
1MA "C2'"  C N R 11  
1MA "O2'"  O N N 12  
1MA "C1'"  C N R 13  
1MA N9     N Y N 14  
1MA C8     C Y N 15  
1MA N7     N Y N 16  
1MA C5     C Y N 17  
1MA C6     C N N 18  
1MA N6     N N N 19  
1MA N1     N N N 20  
1MA CM1    C N N 21  
1MA C2     C N N 22  
1MA N3     N N N 23  
1MA C4     C Y N 24  
1MA HOP2   H N N 25  
1MA HOP3   H N N 26  
1MA "H5'"  H N N 27  
1MA "H5''" H N N 28  
1MA "H4'"  H N N 29  
1MA "H3'"  H N N 30  
1MA "HO3'" H N N 31  
1MA "H2'"  H N N 32  
1MA "HO2'" H N N 33  
1MA "H1'"  H N N 34  
1MA H8     H N N 35  
1MA HN61   H N N 36  
1MA HM11   H N N 37  
1MA HM12   H N N 38  
1MA HM13   H N N 39  
1MA H2     H N N 40  
A   OP3    O N N 41  
A   P      P N N 42  
A   OP1    O N N 43  
A   OP2    O N N 44  
A   "O5'"  O N N 45  
A   "C5'"  C N N 46  
A   "C4'"  C N R 47  
A   "O4'"  O N N 48  
A   "C3'"  C N S 49  
A   "O3'"  O N N 50  
A   "C2'"  C N R 51  
A   "O2'"  O N N 52  
A   "C1'"  C N R 53  
A   N9     N Y N 54  
A   C8     C Y N 55  
A   N7     N Y N 56  
A   C5     C Y N 57  
A   C6     C Y N 58  
A   N6     N N N 59  
A   N1     N Y N 60  
A   C2     C Y N 61  
A   N3     N Y N 62  
A   C4     C Y N 63  
A   HOP3   H N N 64  
A   HOP2   H N N 65  
A   "H5'"  H N N 66  
A   "H5''" H N N 67  
A   "H4'"  H N N 68  
A   "H3'"  H N N 69  
A   "HO3'" H N N 70  
A   "H2'"  H N N 71  
A   "HO2'" H N N 72  
A   "H1'"  H N N 73  
A   H8     H N N 74  
A   H61    H N N 75  
A   H62    H N N 76  
A   H2     H N N 77  
C   OP3    O N N 78  
C   P      P N N 79  
C   OP1    O N N 80  
C   OP2    O N N 81  
C   "O5'"  O N N 82  
C   "C5'"  C N N 83  
C   "C4'"  C N R 84  
C   "O4'"  O N N 85  
C   "C3'"  C N S 86  
C   "O3'"  O N N 87  
C   "C2'"  C N R 88  
C   "O2'"  O N N 89  
C   "C1'"  C N R 90  
C   N1     N N N 91  
C   C2     C N N 92  
C   O2     O N N 93  
C   N3     N N N 94  
C   C4     C N N 95  
C   N4     N N N 96  
C   C5     C N N 97  
C   C6     C N N 98  
C   HOP3   H N N 99  
C   HOP2   H N N 100 
C   "H5'"  H N N 101 
C   "H5''" H N N 102 
C   "H4'"  H N N 103 
C   "H3'"  H N N 104 
C   "HO3'" H N N 105 
C   "H2'"  H N N 106 
C   "HO2'" H N N 107 
C   "H1'"  H N N 108 
C   H41    H N N 109 
C   H42    H N N 110 
C   H5     H N N 111 
C   H6     H N N 112 
G   OP3    O N N 113 
G   P      P N N 114 
G   OP1    O N N 115 
G   OP2    O N N 116 
G   "O5'"  O N N 117 
G   "C5'"  C N N 118 
G   "C4'"  C N R 119 
G   "O4'"  O N N 120 
G   "C3'"  C N S 121 
G   "O3'"  O N N 122 
G   "C2'"  C N R 123 
G   "O2'"  O N N 124 
G   "C1'"  C N R 125 
G   N9     N Y N 126 
G   C8     C Y N 127 
G   N7     N Y N 128 
G   C5     C Y N 129 
G   C6     C N N 130 
G   O6     O N N 131 
G   N1     N N N 132 
G   C2     C N N 133 
G   N2     N N N 134 
G   N3     N N N 135 
G   C4     C Y N 136 
G   HOP3   H N N 137 
G   HOP2   H N N 138 
G   "H5'"  H N N 139 
G   "H5''" H N N 140 
G   "H4'"  H N N 141 
G   "H3'"  H N N 142 
G   "HO3'" H N N 143 
G   "H2'"  H N N 144 
G   "HO2'" H N N 145 
G   "H1'"  H N N 146 
G   H8     H N N 147 
G   H1     H N N 148 
G   H21    H N N 149 
G   H22    H N N 150 
HOH O      O N N 151 
HOH H1     H N N 152 
HOH H2     H N N 153 
U   OP3    O N N 154 
U   P      P N N 155 
U   OP1    O N N 156 
U   OP2    O N N 157 
U   "O5'"  O N N 158 
U   "C5'"  C N N 159 
U   "C4'"  C N R 160 
U   "O4'"  O N N 161 
U   "C3'"  C N S 162 
U   "O3'"  O N N 163 
U   "C2'"  C N R 164 
U   "O2'"  O N N 165 
U   "C1'"  C N R 166 
U   N1     N N N 167 
U   C2     C N N 168 
U   O2     O N N 169 
U   N3     N N N 170 
U   C4     C N N 171 
U   O4     O N N 172 
U   C5     C N N 173 
U   C6     C N N 174 
U   HOP3   H N N 175 
U   HOP2   H N N 176 
U   "H5'"  H N N 177 
U   "H5''" H N N 178 
U   "H4'"  H N N 179 
U   "H3'"  H N N 180 
U   "HO3'" H N N 181 
U   "H2'"  H N N 182 
U   "HO2'" H N N 183 
U   "H1'"  H N N 184 
U   H3     H N N 185 
U   H5     H N N 186 
U   H6     H N N 187 
# 
loop_
_chem_comp_bond.comp_id 
_chem_comp_bond.atom_id_1 
_chem_comp_bond.atom_id_2 
_chem_comp_bond.value_order 
_chem_comp_bond.pdbx_aromatic_flag 
_chem_comp_bond.pdbx_stereo_config 
_chem_comp_bond.pdbx_ordinal 
1MA P     OP1    doub N N 1   
1MA P     OP2    sing N N 2   
1MA P     OP3    sing N N 3   
1MA P     "O5'"  sing N N 4   
1MA OP2   HOP2   sing N N 5   
1MA OP3   HOP3   sing N N 6   
1MA "O5'" "C5'"  sing N N 7   
1MA "C5'" "C4'"  sing N N 8   
1MA "C5'" "H5'"  sing N N 9   
1MA "C5'" "H5''" sing N N 10  
1MA "C4'" "O4'"  sing N N 11  
1MA "C4'" "C3'"  sing N N 12  
1MA "C4'" "H4'"  sing N N 13  
1MA "O4'" "C1'"  sing N N 14  
1MA "C3'" "O3'"  sing N N 15  
1MA "C3'" "C2'"  sing N N 16  
1MA "C3'" "H3'"  sing N N 17  
1MA "O3'" "HO3'" sing N N 18  
1MA "C2'" "O2'"  sing N N 19  
1MA "C2'" "C1'"  sing N N 20  
1MA "C2'" "H2'"  sing N N 21  
1MA "O2'" "HO2'" sing N N 22  
1MA "C1'" N9     sing N N 23  
1MA "C1'" "H1'"  sing N N 24  
1MA N9    C8     sing Y N 25  
1MA N9    C4     sing Y N 26  
1MA C8    N7     doub Y N 27  
1MA C8    H8     sing N N 28  
1MA N7    C5     sing Y N 29  
1MA C5    C6     sing N N 30  
1MA C5    C4     doub Y N 31  
1MA C6    N6     doub N N 32  
1MA C6    N1     sing N N 33  
1MA N6    HN61   sing N N 34  
1MA N1    CM1    sing N N 35  
1MA N1    C2     sing N N 36  
1MA CM1   HM11   sing N N 37  
1MA CM1   HM12   sing N N 38  
1MA CM1   HM13   sing N N 39  
1MA C2    N3     doub N N 40  
1MA C2    H2     sing N N 41  
1MA N3    C4     sing N N 42  
A   OP3   P      sing N N 43  
A   OP3   HOP3   sing N N 44  
A   P     OP1    doub N N 45  
A   P     OP2    sing N N 46  
A   P     "O5'"  sing N N 47  
A   OP2   HOP2   sing N N 48  
A   "O5'" "C5'"  sing N N 49  
A   "C5'" "C4'"  sing N N 50  
A   "C5'" "H5'"  sing N N 51  
A   "C5'" "H5''" sing N N 52  
A   "C4'" "O4'"  sing N N 53  
A   "C4'" "C3'"  sing N N 54  
A   "C4'" "H4'"  sing N N 55  
A   "O4'" "C1'"  sing N N 56  
A   "C3'" "O3'"  sing N N 57  
A   "C3'" "C2'"  sing N N 58  
A   "C3'" "H3'"  sing N N 59  
A   "O3'" "HO3'" sing N N 60  
A   "C2'" "O2'"  sing N N 61  
A   "C2'" "C1'"  sing N N 62  
A   "C2'" "H2'"  sing N N 63  
A   "O2'" "HO2'" sing N N 64  
A   "C1'" N9     sing N N 65  
A   "C1'" "H1'"  sing N N 66  
A   N9    C8     sing Y N 67  
A   N9    C4     sing Y N 68  
A   C8    N7     doub Y N 69  
A   C8    H8     sing N N 70  
A   N7    C5     sing Y N 71  
A   C5    C6     sing Y N 72  
A   C5    C4     doub Y N 73  
A   C6    N6     sing N N 74  
A   C6    N1     doub Y N 75  
A   N6    H61    sing N N 76  
A   N6    H62    sing N N 77  
A   N1    C2     sing Y N 78  
A   C2    N3     doub Y N 79  
A   C2    H2     sing N N 80  
A   N3    C4     sing Y N 81  
C   OP3   P      sing N N 82  
C   OP3   HOP3   sing N N 83  
C   P     OP1    doub N N 84  
C   P     OP2    sing N N 85  
C   P     "O5'"  sing N N 86  
C   OP2   HOP2   sing N N 87  
C   "O5'" "C5'"  sing N N 88  
C   "C5'" "C4'"  sing N N 89  
C   "C5'" "H5'"  sing N N 90  
C   "C5'" "H5''" sing N N 91  
C   "C4'" "O4'"  sing N N 92  
C   "C4'" "C3'"  sing N N 93  
C   "C4'" "H4'"  sing N N 94  
C   "O4'" "C1'"  sing N N 95  
C   "C3'" "O3'"  sing N N 96  
C   "C3'" "C2'"  sing N N 97  
C   "C3'" "H3'"  sing N N 98  
C   "O3'" "HO3'" sing N N 99  
C   "C2'" "O2'"  sing N N 100 
C   "C2'" "C1'"  sing N N 101 
C   "C2'" "H2'"  sing N N 102 
C   "O2'" "HO2'" sing N N 103 
C   "C1'" N1     sing N N 104 
C   "C1'" "H1'"  sing N N 105 
C   N1    C2     sing N N 106 
C   N1    C6     sing N N 107 
C   C2    O2     doub N N 108 
C   C2    N3     sing N N 109 
C   N3    C4     doub N N 110 
C   C4    N4     sing N N 111 
C   C4    C5     sing N N 112 
C   N4    H41    sing N N 113 
C   N4    H42    sing N N 114 
C   C5    C6     doub N N 115 
C   C5    H5     sing N N 116 
C   C6    H6     sing N N 117 
G   OP3   P      sing N N 118 
G   OP3   HOP3   sing N N 119 
G   P     OP1    doub N N 120 
G   P     OP2    sing N N 121 
G   P     "O5'"  sing N N 122 
G   OP2   HOP2   sing N N 123 
G   "O5'" "C5'"  sing N N 124 
G   "C5'" "C4'"  sing N N 125 
G   "C5'" "H5'"  sing N N 126 
G   "C5'" "H5''" sing N N 127 
G   "C4'" "O4'"  sing N N 128 
G   "C4'" "C3'"  sing N N 129 
G   "C4'" "H4'"  sing N N 130 
G   "O4'" "C1'"  sing N N 131 
G   "C3'" "O3'"  sing N N 132 
G   "C3'" "C2'"  sing N N 133 
G   "C3'" "H3'"  sing N N 134 
G   "O3'" "HO3'" sing N N 135 
G   "C2'" "O2'"  sing N N 136 
G   "C2'" "C1'"  sing N N 137 
G   "C2'" "H2'"  sing N N 138 
G   "O2'" "HO2'" sing N N 139 
G   "C1'" N9     sing N N 140 
G   "C1'" "H1'"  sing N N 141 
G   N9    C8     sing Y N 142 
G   N9    C4     sing Y N 143 
G   C8    N7     doub Y N 144 
G   C8    H8     sing N N 145 
G   N7    C5     sing Y N 146 
G   C5    C6     sing N N 147 
G   C5    C4     doub Y N 148 
G   C6    O6     doub N N 149 
G   C6    N1     sing N N 150 
G   N1    C2     sing N N 151 
G   N1    H1     sing N N 152 
G   C2    N2     sing N N 153 
G   C2    N3     doub N N 154 
G   N2    H21    sing N N 155 
G   N2    H22    sing N N 156 
G   N3    C4     sing N N 157 
HOH O     H1     sing N N 158 
HOH O     H2     sing N N 159 
U   OP3   P      sing N N 160 
U   OP3   HOP3   sing N N 161 
U   P     OP1    doub N N 162 
U   P     OP2    sing N N 163 
U   P     "O5'"  sing N N 164 
U   OP2   HOP2   sing N N 165 
U   "O5'" "C5'"  sing N N 166 
U   "C5'" "C4'"  sing N N 167 
U   "C5'" "H5'"  sing N N 168 
U   "C5'" "H5''" sing N N 169 
U   "C4'" "O4'"  sing N N 170 
U   "C4'" "C3'"  sing N N 171 
U   "C4'" "H4'"  sing N N 172 
U   "O4'" "C1'"  sing N N 173 
U   "C3'" "O3'"  sing N N 174 
U   "C3'" "C2'"  sing N N 175 
U   "C3'" "H3'"  sing N N 176 
U   "O3'" "HO3'" sing N N 177 
U   "C2'" "O2'"  sing N N 178 
U   "C2'" "C1'"  sing N N 179 
U   "C2'" "H2'"  sing N N 180 
U   "O2'" "HO2'" sing N N 181 
U   "C1'" N1     sing N N 182 
U   "C1'" "H1'"  sing N N 183 
U   N1    C2     sing N N 184 
U   N1    C6     sing N N 185 
U   C2    O2     doub N N 186 
U   C2    N3     sing N N 187 
U   N3    C4     sing N N 188 
U   N3    H3     sing N N 189 
U   C4    O4     doub N N 190 
U   C4    C5     sing N N 191 
U   C5    C6     doub N N 192 
U   C5    H5     sing N N 193 
U   C6    H6     sing N N 194 
# 
loop_
_ndb_struct_conf_na.entry_id 
_ndb_struct_conf_na.feature 
5ZEM 'double helix'        
5ZEM 'a-form double helix' 
# 
loop_
_ndb_struct_na_base_pair.model_number 
_ndb_struct_na_base_pair.i_label_asym_id 
_ndb_struct_na_base_pair.i_label_comp_id 
_ndb_struct_na_base_pair.i_label_seq_id 
_ndb_struct_na_base_pair.i_symmetry 
_ndb_struct_na_base_pair.j_label_asym_id 
_ndb_struct_na_base_pair.j_label_comp_id 
_ndb_struct_na_base_pair.j_label_seq_id 
_ndb_struct_na_base_pair.j_symmetry 
_ndb_struct_na_base_pair.shear 
_ndb_struct_na_base_pair.stretch 
_ndb_struct_na_base_pair.stagger 
_ndb_struct_na_base_pair.buckle 
_ndb_struct_na_base_pair.propeller 
_ndb_struct_na_base_pair.opening 
_ndb_struct_na_base_pair.pair_number 
_ndb_struct_na_base_pair.pair_name 
_ndb_struct_na_base_pair.i_auth_asym_id 
_ndb_struct_na_base_pair.i_auth_seq_id 
_ndb_struct_na_base_pair.i_PDB_ins_code 
_ndb_struct_na_base_pair.j_auth_asym_id 
_ndb_struct_na_base_pair.j_auth_seq_id 
_ndb_struct_na_base_pair.j_PDB_ins_code 
_ndb_struct_na_base_pair.hbond_type_28 
_ndb_struct_na_base_pair.hbond_type_12 
1 A G 2  1_555 B C 22 1_555 0.561  -0.049 0.114  -5.586 -4.551  0.941   1  A_G3:C46_B  A 3  ? B 46 ? 19 1 
1 A C 3  1_555 B G 21 1_555 0.110  -0.601 0.197  6.457  0.172   -6.881  2  A_C4:G45_B  A 4  ? B 45 ? 19 1 
1 A G 4  1_555 B C 20 1_555 0.345  -0.273 -0.085 1.559  -11.617 -12.551 3  A_G5:C44_B  A 5  ? B 44 ? 19 1 
1 A U 5  1_555 B U 19 1_555 2.394  -1.575 -0.065 5.286  -7.535  -20.838 4  A_U6:U43_B  A 6  ? B 43 ? ?  ? 
1 A C 6  1_555 B G 18 1_555 0.197  -0.296 0.186  -8.903 4.642   -2.228  5  A_C7:G42_B  A 7  ? B 42 ? 19 1 
1 A C 8  1_555 B G 15 1_555 -0.094 -0.123 0.906  -7.768 -8.636  2.517   6  A_C9:G39_B  A 9  ? B 39 ? 19 1 
1 A G 9  1_555 B C 14 1_555 0.370  -0.158 1.020  7.568  -25.689 2.152   7  A_G10:C38_B A 10 ? B 38 ? 19 1 
1 A U 10 1_555 B A 13 1_555 -0.022 -0.058 1.017  6.833  -16.184 -2.525  8  A_U11:A37_B A 11 ? B 37 ? 20 1 
1 A C 11 1_555 B G 12 1_555 0.363  -0.766 0.282  9.740  -11.601 -10.105 9  A_C12:G36_B A 12 ? B 36 ? 19 1 
1 A G 12 1_555 B C 11 1_555 -0.248 -0.149 0.563  13.779 -11.999 5.048   10 A_G13:C35_B A 13 ? B 35 ? 19 1 
1 A A 13 1_555 B U 10 1_555 -0.382 0.538  0.398  11.424 2.725   2.045   11 A_A14:U34_B A 14 ? B 34 ? 20 1 
1 A C 14 1_555 B G 9  1_555 -0.326 0.065  0.801  -6.052 1.142   1.165   12 A_C15:G33_B A 15 ? B 33 ? 19 1 
1 A G 15 1_555 B C 8  1_555 0.041  0.807  0.262  -4.407 -9.767  6.242   13 A_G16:C32_B A 16 ? B 32 ? ?  1 
1 A G 18 1_555 B C 6  1_555 -0.122 -0.314 0.843  9.462  -6.862  5.988   14 A_G19:C30_B A 19 ? B 30 ? 19 1 
1 A U 19 1_555 B U 5  1_555 -1.045 -1.064 -0.092 13.810 -11.789 -2.681  15 A_U20:U29_B A 20 ? B 29 ? ?  ? 
1 A C 20 1_555 B G 4  1_555 -0.614 -0.128 -0.605 22.091 -6.309  -2.463  16 A_C21:G28_B A 21 ? B 28 ? 19 1 
1 A G 21 1_555 B C 3  1_555 -0.032 -0.291 -0.260 -5.895 1.749   -8.663  17 A_G22:C27_B A 22 ? B 27 ? 19 1 
1 A C 22 1_555 B G 2  1_555 0.311  -0.292 0.715  -1.951 0.274   -1.973  18 A_C23:G26_B A 23 ? B 26 ? 19 1 
# 
loop_
_ndb_struct_na_base_pair_step.model_number 
_ndb_struct_na_base_pair_step.i_label_asym_id_1 
_ndb_struct_na_base_pair_step.i_label_comp_id_1 
_ndb_struct_na_base_pair_step.i_label_seq_id_1 
_ndb_struct_na_base_pair_step.i_symmetry_1 
_ndb_struct_na_base_pair_step.j_label_asym_id_1 
_ndb_struct_na_base_pair_step.j_label_comp_id_1 
_ndb_struct_na_base_pair_step.j_label_seq_id_1 
_ndb_struct_na_base_pair_step.j_symmetry_1 
_ndb_struct_na_base_pair_step.i_label_asym_id_2 
_ndb_struct_na_base_pair_step.i_label_comp_id_2 
_ndb_struct_na_base_pair_step.i_label_seq_id_2 
_ndb_struct_na_base_pair_step.i_symmetry_2 
_ndb_struct_na_base_pair_step.j_label_asym_id_2 
_ndb_struct_na_base_pair_step.j_label_comp_id_2 
_ndb_struct_na_base_pair_step.j_label_seq_id_2 
_ndb_struct_na_base_pair_step.j_symmetry_2 
_ndb_struct_na_base_pair_step.shift 
_ndb_struct_na_base_pair_step.slide 
_ndb_struct_na_base_pair_step.rise 
_ndb_struct_na_base_pair_step.tilt 
_ndb_struct_na_base_pair_step.roll 
_ndb_struct_na_base_pair_step.twist 
_ndb_struct_na_base_pair_step.x_displacement 
_ndb_struct_na_base_pair_step.y_displacement 
_ndb_struct_na_base_pair_step.helical_rise 
_ndb_struct_na_base_pair_step.inclination 
_ndb_struct_na_base_pair_step.tip 
_ndb_struct_na_base_pair_step.helical_twist 
_ndb_struct_na_base_pair_step.step_number 
_ndb_struct_na_base_pair_step.step_name 
_ndb_struct_na_base_pair_step.i_auth_asym_id_1 
_ndb_struct_na_base_pair_step.i_auth_seq_id_1 
_ndb_struct_na_base_pair_step.i_PDB_ins_code_1 
_ndb_struct_na_base_pair_step.j_auth_asym_id_1 
_ndb_struct_na_base_pair_step.j_auth_seq_id_1 
_ndb_struct_na_base_pair_step.j_PDB_ins_code_1 
_ndb_struct_na_base_pair_step.i_auth_asym_id_2 
_ndb_struct_na_base_pair_step.i_auth_seq_id_2 
_ndb_struct_na_base_pair_step.i_PDB_ins_code_2 
_ndb_struct_na_base_pair_step.j_auth_asym_id_2 
_ndb_struct_na_base_pair_step.j_auth_seq_id_2 
_ndb_struct_na_base_pair_step.j_PDB_ins_code_2 
1 A G 2  1_555 B C 22 1_555 A C 3  1_555 B G 21 1_555 -0.424 -1.738 3.150 -2.328 4.548  30.369 -4.100 0.376  2.889 8.605  4.404   
30.786 1  AA_G3C4:G45C46_BB   A 3  ? B 46 ? A 4  ? B 45 ? 
1 A C 3  1_555 B G 21 1_555 A G 4  1_555 B C 20 1_555 -0.140 -2.195 3.316 1.152  8.162  29.519 -5.648 0.475  2.622 15.637 -2.207  
30.623 2  AA_C4G5:C44G45_BB   A 4  ? B 45 ? A 5  ? B 44 ? 
1 A G 4  1_555 B C 20 1_555 A U 5  1_555 B U 19 1_555 -0.739 -1.892 3.082 -2.821 5.822  48.912 -2.665 0.693  2.889 6.996  3.389   
49.312 3  AA_G5U6:U43C44_BB   A 5  ? B 44 ? A 6  ? B 43 ? 
1 A U 5  1_555 B U 19 1_555 A C 6  1_555 B G 18 1_555 0.669  -2.415 3.570 -0.004 1.358  23.171 -6.505 -1.664 3.425 3.376  0.010   
23.210 4  AA_U6C7:G42U43_BB   A 6  ? B 43 ? A 7  ? B 42 ? 
1 A C 8  1_555 B G 15 1_555 A G 9  1_555 B C 14 1_555 -0.034 -1.576 2.547 4.425  2.671  35.581 -2.844 0.536  2.404 4.342  -7.194  
35.942 5  AA_C9G10:C38G39_BB  A 9  ? B 39 ? A 10 ? B 38 ? 
1 A G 9  1_555 B C 14 1_555 A U 10 1_555 B A 13 1_555 -0.059 -1.822 2.991 -0.097 6.148  30.743 -4.371 0.094  2.587 11.453 0.181   
31.337 6  AA_G10U11:A37C38_BB A 10 ? B 38 ? A 11 ? B 37 ? 
1 A U 10 1_555 B A 13 1_555 A C 11 1_555 B G 12 1_555 -0.265 -1.497 2.842 4.710  6.911  35.351 -3.198 0.967  2.461 11.188 -7.625  
36.296 7  AA_U11C12:G36A37_BB A 11 ? B 37 ? A 12 ? B 36 ? 
1 A C 11 1_555 B G 12 1_555 A G 12 1_555 B C 11 1_555 0.334  -1.968 2.602 -4.269 13.761 25.742 -5.767 -1.244 1.330 28.244 8.761   
29.440 8  AA_C12G13:C35G36_BB A 12 ? B 36 ? A 13 ? B 35 ? 
1 A G 12 1_555 B C 11 1_555 A A 13 1_555 B U 10 1_555 -0.479 -1.751 3.004 -4.462 9.368  29.702 -4.727 0.174  2.399 17.612 8.388   
31.424 9  AA_G13A14:U34C35_BB A 13 ? B 35 ? A 14 ? B 34 ? 
1 A A 13 1_555 B U 10 1_555 A C 14 1_555 B G 9  1_555 -0.804 -1.516 3.756 -7.140 5.194  38.383 -2.956 0.226  3.615 7.775  10.688  
39.348 10 AA_A14C15:G33U34_BB A 14 ? B 34 ? A 15 ? B 33 ? 
1 A C 14 1_555 B G 9  1_555 A G 15 1_555 B C 8  1_555 -0.159 -1.627 3.050 5.663  2.989  29.794 -3.637 1.325  2.800 5.730  -10.857 
30.459 11 AA_C15G16:C32G33_BB A 15 ? B 33 ? A 16 ? B 32 ? 
1 A G 15 1_555 B C 8  1_555 A G 18 1_555 B C 6  1_555 -2.218 -3.005 5.825 -2.991 2.675  76.239 -2.572 1.638  5.804 2.166  2.421   
76.328 12 AA_G16G19:C30C32_BB A 16 ? B 32 ? A 19 ? B 30 ? 
1 A G 18 1_555 B C 6  1_555 A U 19 1_555 B U 5  1_555 -0.401 -1.521 2.872 5.385  5.975  28.867 -3.959 1.690  2.404 11.701 -10.546 
29.944 13 AA_G19U20:U29C30_BB A 19 ? B 30 ? A 20 ? B 29 ? 
1 A U 19 1_555 B U 5  1_555 A C 20 1_555 B G 4  1_555 0.351  -1.226 3.011 0.602  2.509  35.944 -2.305 -0.490 2.926 4.059  -0.974  
36.033 14 AA_U20C21:G28U29_BB A 20 ? B 29 ? A 21 ? B 28 ? 
1 A C 20 1_555 B G 4  1_555 A G 21 1_555 B C 3  1_555 -0.986 -2.763 4.370 -3.174 9.441  31.530 -6.832 1.072  3.499 16.855 5.667   
33.028 15 AA_C21G22:C27G28_BB A 21 ? B 28 ? A 22 ? B 27 ? 
1 A G 21 1_555 B C 3  1_555 A C 22 1_555 B G 2  1_555 0.683  -1.859 3.341 -3.234 2.702  34.090 -3.568 -1.657 3.113 4.587  5.491   
34.342 16 AA_G22C23:G26C27_BB A 22 ? B 27 ? A 23 ? B 26 ? 
# 
loop_
_pdbx_audit_support.funding_organization 
_pdbx_audit_support.country 
_pdbx_audit_support.grant_number 
_pdbx_audit_support.ordinal 
'Ministry of Education, Culture, Sports, Science and Technology (Japan)' Japan 23790054   1 
'Ministry of Education, Culture, Sports, Science and Technology (Japan)' Japan 26860025   2 
'Ministry of Education, Culture, Sports, Science and Technology (Japan)' Japan 17K08248   3 
'Kurata Grant'                                                           Japan '2013- 20' 4 
'Ichiro Kanehara Foundation'                                             Japan 15KI192    5 
'Japan Science Society'                                                  Japan 28-325     6 
'Ministry of Education, Culture, Sports, Science and Technology (Japan)' Japan 17K08248   7 
# 
_pdbx_entity_nonpoly.entity_id   2 
_pdbx_entity_nonpoly.name        water 
_pdbx_entity_nonpoly.comp_id     HOH 
# 
_pdbx_initial_refinement_model.id               1 
_pdbx_initial_refinement_model.entity_id_list   ? 
_pdbx_initial_refinement_model.type             'experimental model' 
_pdbx_initial_refinement_model.source_name      PDB 
_pdbx_initial_refinement_model.accession_code   3TD1 
_pdbx_initial_refinement_model.details          ? 
# 
_pdbx_struct_assembly_auth_evidence.id                     1 
_pdbx_struct_assembly_auth_evidence.assembly_id            1 
_pdbx_struct_assembly_auth_evidence.experimental_support   none 
_pdbx_struct_assembly_auth_evidence.details                ? 
# 
